data_9FCW
#
_entry.id   9FCW
#
_cell.length_a   80.729
_cell.length_b   107.295
_cell.length_c   271.228
_cell.angle_alpha   90.000
_cell.angle_beta   90.000
_cell.angle_gamma   90.000
#
_symmetry.space_group_name_H-M   'P 21 21 21'
#
loop_
_entity.id
_entity.type
_entity.pdbx_description
1 polymer 'Glucose-6-phosphate isomerase'
2 non-polymer 2-AMINO-2-HYDROXYMETHYL-PROPANE-1,3-DIOL
3 non-polymer 'TETRAETHYLENE GLYCOL'
4 non-polymer 'MALEIC ACID'
5 non-polymer 'TRIETHYLENE GLYCOL'
6 water water
#
_entity_poly.entity_id   1
_entity_poly.type   'polypeptide(L)'
_entity_poly.pdbx_seq_one_letter_code
;MAALTRDPQFQKLQQWYREHRSELNLRRLFDANKDRFNHFSLTLNTNHGHILVDYSKNLVTEDVMRMLVDLAKSRGVEAA
RERMFNGEKINYTEGRAVLHVALRNRSNTPILVDGKDVMPEVNKVLDKMKSFCQRVRSGDWKGYTGKTITDVINIGIGGS
DLGPLMVTEALKPYSSGGPRVWYVSNIDGTHIAKTLAQLNPESSLFIIASKTFTTQETITNAETAKEWFLQAAKDPSAVA
KHFVALSTNTTKVKEFGIDPQNMFEFWDWVGGRYSLWSAIGLSIALHVGFDNFEQLLSGAHWMDQHFRTTPLEKNAPVLL
ALLGIWYINCFGCETHAMLPYDQYLHRFAAYFQQGDMESNGKYITKSGTRVDHQTGPIVWGEPGTNGQHAFYQLIHQGTK
MIPCDFLIPVQTQHPIRKGLHHKILLANFLAQTEALMRGKSTEEARKELQAAGKSPEDLERLLPHKVFEGNRPTNSIVFT
KLTPFMLGALVAMYEHKIFVQGIIWDINSFDQWGVELGKQLAKKIEPELDGSAQVTSHDASTNGLINFIKQQREARVQ
;
_entity_poly.pdbx_strand_id   A,B,C,D
#
# COMPACT_ATOMS: atom_id res chain seq x y z
N ALA A 2 -30.50 -45.10 5.45
CA ALA A 2 -29.89 -45.43 4.12
C ALA A 2 -29.61 -46.91 4.10
N ALA A 3 -29.57 -47.50 2.91
CA ALA A 3 -29.45 -48.95 2.79
C ALA A 3 -28.18 -49.45 3.47
N LEU A 4 -27.06 -48.75 3.27
CA LEU A 4 -25.81 -49.31 3.81
C LEU A 4 -25.85 -49.37 5.33
N THR A 5 -26.31 -48.31 5.98
CA THR A 5 -26.28 -48.26 7.42
C THR A 5 -27.21 -49.31 8.03
N ARG A 6 -28.28 -49.66 7.32
CA ARG A 6 -29.19 -50.70 7.79
C ARG A 6 -28.71 -52.11 7.48
N ASP A 7 -27.64 -52.28 6.71
CA ASP A 7 -27.22 -53.60 6.29
C ASP A 7 -26.57 -54.36 7.46
N PRO A 8 -27.02 -55.60 7.76
CA PRO A 8 -26.45 -56.33 8.91
C PRO A 8 -24.98 -56.63 8.76
N GLN A 9 -24.49 -56.79 7.54
CA GLN A 9 -23.09 -57.08 7.37
C GLN A 9 -22.23 -55.84 7.55
N PHE A 10 -22.76 -54.67 7.15
CA PHE A 10 -22.05 -53.43 7.48
C PHE A 10 -22.02 -53.24 8.99
N GLN A 11 -23.12 -53.54 9.68
CA GLN A 11 -23.12 -53.29 11.12
C GLN A 11 -22.14 -54.23 11.81
N LYS A 12 -21.98 -55.44 11.27
CA LYS A 12 -21.01 -56.38 11.82
C LYS A 12 -19.60 -55.85 11.63
N LEU A 13 -19.34 -55.27 10.46
CA LEU A 13 -18.04 -54.68 10.20
C LEU A 13 -17.76 -53.54 11.18
N GLN A 14 -18.74 -52.67 11.37
CA GLN A 14 -18.56 -51.56 12.30
C GLN A 14 -18.32 -52.03 13.73
N GLN A 15 -19.03 -53.09 14.15
CA GLN A 15 -18.83 -53.61 15.50
C GLN A 15 -17.42 -54.17 15.65
N TRP A 16 -16.95 -54.91 14.65
CA TRP A 16 -15.59 -55.44 14.71
C TRP A 16 -14.59 -54.30 14.79
N TYR A 17 -14.76 -53.29 13.94
CA TYR A 17 -13.91 -52.10 13.99
C TYR A 17 -13.92 -51.50 15.40
N ARG A 18 -15.11 -51.30 15.98
CA ARG A 18 -15.17 -50.72 17.32
C ARG A 18 -14.42 -51.58 18.34
N GLU A 19 -14.55 -52.91 18.25
CA GLU A 19 -13.95 -53.79 19.25
C GLU A 19 -12.47 -54.05 19.01
N HIS A 20 -12.00 -53.97 17.77
CA HIS A 20 -10.69 -54.50 17.43
C HIS A 20 -9.71 -53.55 16.75
N ARG A 21 -10.09 -52.30 16.47
CA ARG A 21 -9.21 -51.38 15.78
C ARG A 21 -7.77 -51.43 16.29
N SER A 22 -7.59 -51.61 17.59
CA SER A 22 -6.26 -51.46 18.19
C SER A 22 -5.33 -52.63 17.90
N GLU A 23 -5.82 -53.76 17.43
CA GLU A 23 -4.94 -54.87 17.08
C GLU A 23 -4.36 -54.73 15.67
N LEU A 24 -4.79 -53.72 14.92
CA LEU A 24 -4.38 -53.55 13.53
C LEU A 24 -3.12 -52.70 13.52
N ASN A 25 -1.99 -53.35 13.74
CA ASN A 25 -0.69 -52.73 13.57
C ASN A 25 0.07 -53.57 12.55
N LEU A 26 0.50 -52.92 11.46
CA LEU A 26 1.10 -53.64 10.33
C LEU A 26 2.41 -54.31 10.72
N ARG A 27 3.27 -53.64 11.49
CA ARG A 27 4.48 -54.31 11.95
C ARG A 27 4.16 -55.62 12.64
N ARG A 28 3.27 -55.58 13.63
CA ARG A 28 2.95 -56.79 14.36
C ARG A 28 2.29 -57.83 13.46
N LEU A 29 1.48 -57.40 12.50
CA LEU A 29 0.81 -58.34 11.59
C LEU A 29 1.82 -59.10 10.72
N PHE A 30 2.78 -58.39 10.16
CA PHE A 30 3.79 -59.03 9.33
C PHE A 30 4.76 -59.86 10.17
N ASP A 31 5.07 -59.43 11.40
CA ASP A 31 5.96 -60.23 12.21
C ASP A 31 5.31 -61.55 12.62
N ALA A 32 3.99 -61.56 12.76
CA ALA A 32 3.29 -62.75 13.21
C ALA A 32 2.89 -63.68 12.06
N ASN A 33 2.94 -63.22 10.80
CA ASN A 33 2.51 -63.99 9.62
C ASN A 33 3.52 -63.81 8.48
N LYS A 34 4.51 -64.70 8.42
CA LYS A 34 5.48 -64.71 7.33
C LYS A 34 4.82 -64.93 5.97
N ASP A 35 3.59 -65.44 5.95
CA ASP A 35 2.84 -65.72 4.74
C ASP A 35 1.84 -64.62 4.41
N ARG A 36 1.95 -63.46 5.07
CA ARG A 36 0.94 -62.43 4.85
C ARG A 36 0.85 -61.97 3.39
N PHE A 37 1.98 -61.81 2.70
CA PHE A 37 1.92 -61.37 1.30
C PHE A 37 1.14 -62.37 0.43
N ASN A 38 1.42 -63.67 0.60
CA ASN A 38 0.70 -64.69 -0.16
C ASN A 38 -0.81 -64.64 0.11
N HIS A 39 -1.21 -64.39 1.37
CA HIS A 39 -2.62 -64.40 1.71
C HIS A 39 -3.37 -63.15 1.23
N PHE A 40 -2.66 -62.05 1.04
CA PHE A 40 -3.29 -60.76 0.78
C PHE A 40 -2.77 -60.15 -0.51
N SER A 41 -2.66 -60.95 -1.56
CA SER A 41 -2.25 -60.43 -2.86
C SER A 41 -2.87 -61.30 -3.95
N LEU A 42 -3.01 -60.70 -5.12
CA LEU A 42 -3.53 -61.35 -6.32
C LEU A 42 -2.51 -61.20 -7.42
N THR A 43 -2.34 -62.25 -8.21
CA THR A 43 -1.58 -62.16 -9.44
C THR A 43 -2.48 -62.56 -10.60
N LEU A 44 -2.54 -61.68 -11.58
CA LEU A 44 -3.36 -61.83 -12.76
C LEU A 44 -2.42 -62.02 -13.96
N ASN A 45 -2.60 -63.09 -14.70
CA ASN A 45 -1.95 -63.26 -15.99
C ASN A 45 -2.95 -62.93 -17.09
N THR A 46 -2.71 -61.82 -17.79
CA THR A 46 -3.57 -61.39 -18.89
C THR A 46 -3.20 -61.98 -20.23
N ASN A 47 -2.09 -62.71 -20.29
CA ASN A 47 -1.43 -63.20 -21.51
C ASN A 47 -0.71 -62.11 -22.24
N HIS A 48 -0.80 -60.88 -21.79
CA HIS A 48 -0.12 -59.71 -22.36
C HIS A 48 0.52 -58.92 -21.23
N GLY A 49 0.96 -59.61 -20.21
CA GLY A 49 1.53 -59.02 -19.02
C GLY A 49 0.82 -59.50 -17.78
N HIS A 50 1.54 -59.49 -16.67
CA HIS A 50 0.99 -59.83 -15.36
C HIS A 50 0.73 -58.57 -14.56
N ILE A 51 -0.24 -58.67 -13.67
CA ILE A 51 -0.59 -57.65 -12.69
C ILE A 51 -0.52 -58.28 -11.32
N LEU A 52 0.25 -57.67 -10.43
CA LEU A 52 0.26 -58.06 -9.02
C LEU A 52 -0.45 -56.96 -8.25
N VAL A 53 -1.57 -57.31 -7.60
CA VAL A 53 -2.28 -56.39 -6.71
C VAL A 53 -1.96 -56.86 -5.30
N ASP A 54 -1.03 -56.17 -4.66
CA ASP A 54 -0.56 -56.50 -3.33
C ASP A 54 -1.27 -55.60 -2.36
N TYR A 55 -2.23 -56.16 -1.66
CA TYR A 55 -2.99 -55.40 -0.66
C TYR A 55 -2.64 -55.80 0.76
N SER A 56 -1.45 -56.40 0.97
CA SER A 56 -1.08 -56.91 2.29
C SER A 56 -0.66 -55.82 3.29
N LYS A 57 -0.24 -54.63 2.83
CA LYS A 57 0.05 -53.53 3.73
C LYS A 57 -1.18 -52.70 4.08
N ASN A 58 -2.33 -53.34 4.15
CA ASN A 58 -3.56 -52.74 4.61
C ASN A 58 -3.92 -53.24 6.00
N LEU A 59 -4.70 -52.41 6.71
CA LEU A 59 -5.06 -52.68 8.09
C LEU A 59 -6.24 -53.65 8.10
N VAL A 60 -5.93 -54.88 7.67
CA VAL A 60 -6.95 -55.92 7.57
C VAL A 60 -6.36 -57.25 8.05
N THR A 61 -7.26 -58.14 8.43
CA THR A 61 -6.97 -59.52 8.78
C THR A 61 -7.89 -60.39 7.91
N GLU A 62 -7.71 -61.70 7.98
CA GLU A 62 -8.60 -62.59 7.24
C GLU A 62 -10.06 -62.36 7.62
N ASP A 63 -10.33 -62.12 8.90
CA ASP A 63 -11.73 -61.90 9.31
C ASP A 63 -12.29 -60.63 8.71
N VAL A 64 -11.50 -59.54 8.69
CA VAL A 64 -11.99 -58.31 8.05
C VAL A 64 -12.30 -58.55 6.58
N MET A 65 -11.43 -59.27 5.87
CA MET A 65 -11.65 -59.46 4.44
C MET A 65 -12.91 -60.29 4.22
N ARG A 66 -13.12 -61.33 5.05
CA ARG A 66 -14.35 -62.11 4.95
C ARG A 66 -15.58 -61.25 5.20
N MET A 67 -15.51 -60.39 6.19
CA MET A 67 -16.63 -59.51 6.52
C MET A 67 -16.88 -58.51 5.38
N LEU A 68 -15.81 -58.03 4.74
CA LEU A 68 -15.96 -57.13 3.60
C LEU A 68 -16.58 -57.83 2.40
N VAL A 69 -16.11 -59.06 2.09
CA VAL A 69 -16.72 -59.83 1.02
C VAL A 69 -18.20 -60.09 1.30
N ASP A 70 -18.54 -60.41 2.55
CA ASP A 70 -19.95 -60.65 2.87
C ASP A 70 -20.79 -59.39 2.69
N LEU A 71 -20.23 -58.22 2.98
CA LEU A 71 -20.90 -56.96 2.71
C LEU A 71 -21.18 -56.78 1.22
N ALA A 72 -20.18 -57.08 0.37
CA ALA A 72 -20.43 -57.01 -1.08
C ALA A 72 -21.56 -57.95 -1.51
N LYS A 73 -21.61 -59.15 -0.93
CA LYS A 73 -22.70 -60.08 -1.25
C LYS A 73 -24.04 -59.52 -0.80
N SER A 74 -24.10 -59.03 0.45
CA SER A 74 -25.34 -58.53 1.03
C SER A 74 -25.87 -57.32 0.30
N ARG A 75 -24.97 -56.48 -0.20
CA ARG A 75 -25.31 -55.29 -0.96
C ARG A 75 -25.57 -55.58 -2.44
N GLY A 76 -25.49 -56.84 -2.87
CA GLY A 76 -25.93 -57.18 -4.20
C GLY A 76 -25.01 -56.77 -5.32
N VAL A 77 -23.70 -56.77 -5.07
CA VAL A 77 -22.72 -56.39 -6.07
C VAL A 77 -22.83 -57.25 -7.32
N GLU A 78 -22.96 -58.58 -7.16
CA GLU A 78 -22.99 -59.45 -8.34
C GLU A 78 -24.23 -59.19 -9.19
N ALA A 79 -25.38 -59.05 -8.57
CA ALA A 79 -26.58 -58.81 -9.37
C ALA A 79 -26.51 -57.48 -10.08
N ALA A 80 -25.93 -56.46 -9.43
CA ALA A 80 -25.82 -55.15 -10.07
C ALA A 80 -24.86 -55.20 -11.25
N ARG A 81 -23.75 -55.94 -11.10
CA ARG A 81 -22.81 -56.15 -12.18
C ARG A 81 -23.53 -56.79 -13.37
N GLU A 82 -24.35 -57.79 -13.11
CA GLU A 82 -25.03 -58.46 -14.22
C GLU A 82 -26.01 -57.52 -14.91
N ARG A 83 -26.68 -56.65 -14.15
CA ARG A 83 -27.57 -55.65 -14.77
C ARG A 83 -26.80 -54.70 -15.70
N MET A 84 -25.64 -54.23 -15.26
CA MET A 84 -24.82 -53.36 -16.11
C MET A 84 -24.54 -54.07 -17.42
N PHE A 85 -23.97 -55.28 -17.34
CA PHE A 85 -23.52 -56.01 -18.52
C PHE A 85 -24.68 -56.48 -19.40
N ASN A 86 -25.87 -56.59 -18.86
CA ASN A 86 -27.03 -56.99 -19.64
C ASN A 86 -27.75 -55.82 -20.29
N GLY A 87 -27.27 -54.60 -20.10
CA GLY A 87 -27.90 -53.46 -20.75
C GLY A 87 -29.12 -52.92 -20.05
N GLU A 88 -29.34 -53.29 -18.79
CA GLU A 88 -30.45 -52.73 -18.05
C GLU A 88 -30.16 -51.28 -17.64
N LYS A 89 -31.23 -50.55 -17.33
CA LYS A 89 -31.16 -49.10 -17.11
C LYS A 89 -30.75 -48.80 -15.68
N ILE A 90 -29.48 -49.09 -15.36
CA ILE A 90 -28.97 -48.93 -14.00
C ILE A 90 -28.66 -47.48 -13.66
N ASN A 91 -28.57 -46.60 -14.67
CA ASN A 91 -28.51 -45.16 -14.40
C ASN A 91 -29.95 -44.72 -14.19
N TYR A 92 -30.42 -44.94 -12.97
CA TYR A 92 -31.86 -44.90 -12.71
C TYR A 92 -32.44 -43.49 -12.64
N THR A 93 -31.63 -42.49 -12.33
CA THR A 93 -32.19 -41.15 -12.30
C THR A 93 -32.41 -40.60 -13.70
N GLU A 94 -31.60 -41.03 -14.65
CA GLU A 94 -31.73 -40.59 -16.03
C GLU A 94 -32.43 -41.63 -16.89
N GLY A 95 -32.68 -42.82 -16.35
CA GLY A 95 -33.34 -43.88 -17.11
C GLY A 95 -32.52 -44.42 -18.28
N ARG A 96 -31.23 -44.64 -18.07
CA ARG A 96 -30.29 -44.98 -19.14
C ARG A 96 -29.51 -46.23 -18.75
N ALA A 97 -29.14 -46.97 -19.78
CA ALA A 97 -28.17 -48.04 -19.63
C ALA A 97 -26.79 -47.44 -19.37
N VAL A 98 -25.86 -48.32 -18.98
CA VAL A 98 -24.49 -47.93 -18.66
C VAL A 98 -23.61 -48.99 -19.33
N LEU A 99 -23.04 -48.64 -20.47
CA LEU A 99 -22.48 -49.66 -21.37
C LEU A 99 -21.13 -49.25 -21.95
N HIS A 100 -20.28 -48.62 -21.13
CA HIS A 100 -18.91 -48.50 -21.57
C HIS A 100 -18.29 -49.88 -21.80
N VAL A 101 -18.80 -50.93 -21.15
CA VAL A 101 -18.28 -52.27 -21.42
C VAL A 101 -18.62 -52.76 -22.83
N ALA A 102 -19.70 -52.27 -23.44
CA ALA A 102 -20.00 -52.62 -24.84
C ALA A 102 -19.00 -52.01 -25.82
N LEU A 103 -18.46 -50.82 -25.48
CA LEU A 103 -17.55 -50.14 -26.39
C LEU A 103 -16.33 -50.99 -26.67
N ARG A 104 -15.91 -51.78 -25.69
CA ARG A 104 -14.72 -52.60 -25.79
C ARG A 104 -15.06 -54.08 -25.78
N ASN A 105 -16.29 -54.44 -26.17
CA ASN A 105 -16.71 -55.84 -26.15
C ASN A 105 -16.15 -56.54 -27.39
N ARG A 106 -14.88 -56.94 -27.30
CA ARG A 106 -14.20 -57.48 -28.47
C ARG A 106 -14.79 -58.81 -28.91
N SER A 107 -15.47 -59.51 -28.00
CA SER A 107 -16.08 -60.80 -28.34
C SER A 107 -17.31 -60.62 -29.21
N ASN A 108 -17.90 -59.42 -29.24
CA ASN A 108 -19.11 -59.12 -30.02
C ASN A 108 -20.31 -59.94 -29.59
N THR A 109 -20.29 -60.48 -28.39
CA THR A 109 -21.48 -61.10 -27.84
C THR A 109 -22.58 -60.04 -27.78
N PRO A 110 -23.80 -60.35 -28.18
CA PRO A 110 -24.85 -59.32 -28.19
C PRO A 110 -25.10 -58.72 -26.81
N ILE A 111 -25.29 -57.41 -26.80
CA ILE A 111 -25.71 -56.69 -25.61
C ILE A 111 -26.91 -55.85 -26.03
N LEU A 112 -28.06 -56.15 -25.45
CA LEU A 112 -29.31 -55.57 -25.90
C LEU A 112 -29.70 -54.37 -25.04
N VAL A 113 -30.13 -53.30 -25.69
CA VAL A 113 -30.79 -52.19 -25.02
C VAL A 113 -32.15 -52.06 -25.70
N ASP A 114 -33.23 -52.14 -24.92
CA ASP A 114 -34.58 -52.07 -25.46
C ASP A 114 -34.78 -53.11 -26.55
N GLY A 115 -34.21 -54.29 -26.34
CA GLY A 115 -34.34 -55.41 -27.24
C GLY A 115 -33.50 -55.38 -28.50
N LYS A 116 -32.53 -54.48 -28.61
CA LYS A 116 -31.77 -54.33 -29.86
C LYS A 116 -30.28 -54.30 -29.55
N ASP A 117 -29.51 -55.16 -30.25
CA ASP A 117 -28.07 -55.29 -30.00
C ASP A 117 -27.36 -54.01 -30.38
N VAL A 118 -26.55 -53.48 -29.44
CA VAL A 118 -25.78 -52.27 -29.71
C VAL A 118 -24.48 -52.54 -30.45
N MET A 119 -24.10 -53.82 -30.64
CA MET A 119 -22.73 -54.06 -31.04
C MET A 119 -22.54 -53.66 -32.50
N PRO A 120 -23.51 -53.87 -33.39
CA PRO A 120 -23.30 -53.39 -34.76
C PRO A 120 -23.03 -51.89 -34.86
N GLU A 121 -23.72 -51.06 -34.06
CA GLU A 121 -23.49 -49.62 -34.06
C GLU A 121 -22.12 -49.27 -33.47
N VAL A 122 -21.72 -49.95 -32.40
CA VAL A 122 -20.37 -49.79 -31.84
C VAL A 122 -19.33 -50.04 -32.91
N ASN A 123 -19.44 -51.19 -33.59
CA ASN A 123 -18.43 -51.59 -34.55
C ASN A 123 -18.46 -50.73 -35.80
N LYS A 124 -19.63 -50.21 -36.18
CA LYS A 124 -19.68 -49.32 -37.32
C LYS A 124 -18.85 -48.07 -37.06
N VAL A 125 -18.95 -47.51 -35.86
CA VAL A 125 -18.17 -46.32 -35.53
C VAL A 125 -16.69 -46.66 -35.41
N LEU A 126 -16.35 -47.82 -34.83
CA LEU A 126 -14.96 -48.22 -34.80
C LEU A 126 -14.41 -48.36 -36.21
N ASP A 127 -15.19 -48.91 -37.13
CA ASP A 127 -14.70 -49.05 -38.50
C ASP A 127 -14.48 -47.68 -39.14
N LYS A 128 -15.35 -46.71 -38.83
CA LYS A 128 -15.18 -45.35 -39.36
C LYS A 128 -13.92 -44.69 -38.79
N MET A 129 -13.68 -44.91 -37.50
CA MET A 129 -12.48 -44.39 -36.87
C MET A 129 -11.24 -44.99 -37.51
N LYS A 130 -11.24 -46.32 -37.71
CA LYS A 130 -10.08 -46.98 -38.32
C LYS A 130 -9.75 -46.37 -39.68
N SER A 131 -10.76 -46.23 -40.54
CA SER A 131 -10.56 -45.65 -41.86
C SER A 131 -9.98 -44.24 -41.78
N PHE A 132 -10.57 -43.41 -40.94
CA PHE A 132 -10.12 -42.03 -40.85
C PHE A 132 -8.70 -41.96 -40.35
N CYS A 133 -8.37 -42.76 -39.32
CA CYS A 133 -7.00 -42.77 -38.81
C CYS A 133 -6.00 -43.17 -39.87
N GLN A 134 -6.32 -44.17 -40.66
CA GLN A 134 -5.41 -44.58 -41.71
C GLN A 134 -5.17 -43.44 -42.68
N ARG A 135 -6.25 -42.73 -43.05
CA ARG A 135 -6.12 -41.68 -44.04
C ARG A 135 -5.31 -40.50 -43.51
N VAL A 136 -5.51 -40.13 -42.25
CA VAL A 136 -4.78 -39.00 -41.70
C VAL A 136 -3.31 -39.37 -41.49
N ARG A 137 -3.07 -40.54 -40.92
CA ARG A 137 -1.71 -40.92 -40.57
C ARG A 137 -0.87 -41.15 -41.81
N SER A 138 -1.45 -41.69 -42.88
CA SER A 138 -0.72 -42.01 -44.09
C SER A 138 -0.47 -40.80 -44.97
N GLY A 139 -1.07 -39.64 -44.68
CA GLY A 139 -0.94 -38.49 -45.53
C GLY A 139 -1.93 -38.45 -46.67
N ASP A 140 -2.88 -39.41 -46.73
CA ASP A 140 -3.92 -39.35 -47.73
C ASP A 140 -4.86 -38.17 -47.51
N TRP A 141 -5.21 -37.88 -46.26
CA TRP A 141 -6.01 -36.71 -45.93
C TRP A 141 -5.16 -35.46 -45.96
N LYS A 142 -5.52 -34.50 -46.81
CA LYS A 142 -4.77 -33.27 -46.97
C LYS A 142 -5.59 -32.06 -46.56
N GLY A 143 -4.88 -31.03 -46.12
CA GLY A 143 -5.50 -29.78 -45.79
C GLY A 143 -5.80 -28.97 -47.03
N TYR A 144 -6.28 -27.73 -46.79
CA TYR A 144 -6.78 -26.87 -47.86
C TYR A 144 -5.69 -26.43 -48.85
N THR A 145 -4.41 -26.53 -48.48
CA THR A 145 -3.31 -26.26 -49.41
C THR A 145 -2.55 -27.51 -49.85
N GLY A 146 -3.08 -28.69 -49.57
CA GLY A 146 -2.48 -29.93 -50.04
C GLY A 146 -1.48 -30.55 -49.12
N LYS A 147 -1.39 -30.08 -47.88
CA LYS A 147 -0.37 -30.56 -46.95
C LYS A 147 -0.96 -31.63 -46.04
N THR A 148 -0.09 -32.53 -45.58
CA THR A 148 -0.52 -33.56 -44.65
C THR A 148 -0.71 -32.95 -43.25
N ILE A 149 -1.47 -33.66 -42.42
CA ILE A 149 -1.80 -33.20 -41.08
C ILE A 149 -0.63 -33.52 -40.16
N THR A 150 -0.08 -32.48 -39.51
CA THR A 150 0.99 -32.66 -38.53
C THR A 150 0.54 -32.50 -37.09
N ASP A 151 -0.63 -31.89 -36.86
CA ASP A 151 -1.13 -31.56 -35.53
C ASP A 151 -2.63 -31.82 -35.47
N VAL A 152 -3.05 -32.52 -34.42
CA VAL A 152 -4.45 -32.83 -34.12
C VAL A 152 -4.77 -32.12 -32.82
N ILE A 153 -5.82 -31.31 -32.82
CA ILE A 153 -6.23 -30.51 -31.66
C ILE A 153 -7.61 -30.97 -31.21
N ASN A 154 -7.67 -31.62 -30.07
CA ASN A 154 -8.92 -32.03 -29.44
C ASN A 154 -9.45 -30.86 -28.62
N ILE A 155 -10.67 -30.47 -28.90
CA ILE A 155 -11.38 -29.42 -28.17
C ILE A 155 -12.55 -30.07 -27.47
N GLY A 156 -12.53 -30.02 -26.15
CA GLY A 156 -13.56 -30.65 -25.35
C GLY A 156 -13.27 -30.44 -23.88
N ILE A 157 -14.29 -30.68 -23.07
CA ILE A 157 -14.21 -30.49 -21.63
C ILE A 157 -14.49 -31.80 -20.95
N GLY A 158 -14.05 -31.88 -19.69
CA GLY A 158 -14.42 -32.99 -18.81
C GLY A 158 -14.03 -34.30 -19.43
N GLY A 159 -15.01 -35.17 -19.59
CA GLY A 159 -14.77 -36.51 -20.12
C GLY A 159 -14.31 -36.51 -21.57
N SER A 160 -14.58 -35.44 -22.31
CA SER A 160 -14.15 -35.33 -23.69
C SER A 160 -12.68 -34.95 -23.77
N ASP A 161 -12.06 -34.66 -22.66
CA ASP A 161 -10.67 -34.17 -22.60
C ASP A 161 -9.77 -35.08 -21.77
N LEU A 162 -10.18 -35.42 -20.55
CA LEU A 162 -9.22 -35.94 -19.59
C LEU A 162 -8.74 -37.32 -19.98
N GLY A 163 -9.64 -38.17 -20.46
CA GLY A 163 -9.30 -39.55 -20.82
C GLY A 163 -8.37 -39.57 -21.99
N PRO A 164 -8.74 -38.95 -23.11
CA PRO A 164 -7.81 -38.92 -24.25
C PRO A 164 -6.46 -38.30 -23.92
N LEU A 165 -6.46 -37.21 -23.14
CA LEU A 165 -5.19 -36.63 -22.75
C LEU A 165 -4.37 -37.60 -21.92
N MET A 166 -5.00 -38.20 -20.90
CA MET A 166 -4.26 -39.12 -20.05
C MET A 166 -3.66 -40.25 -20.84
N VAL A 167 -4.42 -40.79 -21.78
CA VAL A 167 -3.97 -41.97 -22.53
C VAL A 167 -2.89 -41.61 -23.52
N THR A 168 -3.05 -40.48 -24.24
CA THR A 168 -1.98 -40.13 -25.19
C THR A 168 -0.71 -39.74 -24.47
N GLU A 169 -0.82 -39.18 -23.26
CA GLU A 169 0.36 -38.94 -22.44
C GLU A 169 1.03 -40.25 -22.03
N ALA A 170 0.22 -41.21 -21.62
CA ALA A 170 0.73 -42.47 -21.10
C ALA A 170 1.33 -43.33 -22.19
N LEU A 171 0.83 -43.19 -23.43
CA LEU A 171 1.23 -44.05 -24.54
C LEU A 171 2.09 -43.31 -25.52
N LYS A 172 2.67 -42.19 -25.10
CA LYS A 172 3.54 -41.41 -25.99
C LYS A 172 4.55 -42.25 -26.75
N PRO A 173 5.21 -43.26 -26.17
CA PRO A 173 6.18 -44.06 -26.95
C PRO A 173 5.58 -44.75 -28.15
N TYR A 174 4.26 -44.93 -28.21
CA TYR A 174 3.59 -45.64 -29.29
C TYR A 174 3.13 -44.73 -30.41
N SER A 175 3.58 -43.46 -30.42
CA SER A 175 3.09 -42.44 -31.34
C SER A 175 4.02 -42.14 -32.50
N SER A 176 5.02 -42.96 -32.76
CA SER A 176 5.84 -42.67 -33.94
C SER A 176 4.96 -42.85 -35.17
N GLY A 177 5.07 -41.95 -36.12
CA GLY A 177 4.20 -42.03 -37.26
C GLY A 177 2.83 -41.42 -37.06
N GLY A 178 2.55 -40.87 -35.89
CA GLY A 178 1.33 -40.17 -35.67
C GLY A 178 1.55 -38.67 -35.60
N PRO A 179 0.50 -37.89 -35.83
CA PRO A 179 0.61 -36.44 -35.65
C PRO A 179 0.73 -36.11 -34.18
N ARG A 180 1.28 -34.91 -33.92
CA ARG A 180 1.23 -34.37 -32.55
C ARG A 180 -0.22 -34.14 -32.15
N VAL A 181 -0.50 -34.33 -30.87
CA VAL A 181 -1.83 -34.08 -30.31
C VAL A 181 -1.76 -32.95 -29.29
N TRP A 182 -2.79 -32.14 -29.28
CA TRP A 182 -2.97 -31.02 -28.38
C TRP A 182 -4.36 -31.11 -27.80
N TYR A 183 -4.54 -30.64 -26.56
CA TYR A 183 -5.83 -30.71 -25.87
C TYR A 183 -6.17 -29.31 -25.38
N VAL A 184 -7.30 -28.79 -25.81
CA VAL A 184 -7.79 -27.47 -25.39
C VAL A 184 -9.08 -27.77 -24.67
N SER A 185 -9.16 -27.41 -23.43
CA SER A 185 -10.36 -27.65 -22.63
C SER A 185 -10.87 -26.41 -21.90
N ASN A 186 -9.99 -25.61 -21.35
CA ASN A 186 -10.44 -24.47 -20.55
C ASN A 186 -11.16 -23.45 -21.42
N ILE A 187 -12.20 -22.83 -20.86
CA ILE A 187 -12.76 -21.68 -21.55
C ILE A 187 -11.83 -20.48 -21.48
N ASP A 188 -10.99 -20.41 -20.46
CA ASP A 188 -9.98 -19.36 -20.38
C ASP A 188 -9.30 -19.24 -21.72
N GLY A 189 -9.34 -18.04 -22.30
CA GLY A 189 -8.87 -17.86 -23.65
C GLY A 189 -7.39 -18.14 -23.82
N THR A 190 -6.62 -18.08 -22.73
CA THR A 190 -5.24 -18.53 -22.74
C THR A 190 -5.09 -19.88 -23.42
N HIS A 191 -6.02 -20.78 -23.16
CA HIS A 191 -5.77 -22.15 -23.58
C HIS A 191 -5.77 -22.28 -25.08
N ILE A 192 -6.81 -21.80 -25.75
CA ILE A 192 -6.84 -21.84 -27.21
C ILE A 192 -5.80 -20.89 -27.79
N ALA A 193 -5.63 -19.72 -27.19
CA ALA A 193 -4.79 -18.72 -27.83
C ALA A 193 -3.35 -19.18 -27.88
N LYS A 194 -2.84 -19.72 -26.77
CA LYS A 194 -1.44 -20.15 -26.77
C LYS A 194 -1.24 -21.40 -27.60
N THR A 195 -2.30 -22.20 -27.80
CA THR A 195 -2.21 -23.34 -28.70
C THR A 195 -2.15 -22.93 -30.17
N LEU A 196 -3.10 -22.08 -30.60
CA LEU A 196 -3.17 -21.63 -31.98
C LEU A 196 -1.89 -20.91 -32.41
N ALA A 197 -1.28 -20.18 -31.49
CA ALA A 197 -0.04 -19.47 -31.81
C ALA A 197 1.08 -20.41 -32.22
N GLN A 198 1.00 -21.69 -31.88
CA GLN A 198 2.03 -22.65 -32.25
C GLN A 198 1.68 -23.51 -33.46
N LEU A 199 0.56 -23.23 -34.11
CA LEU A 199 0.04 -24.10 -35.14
C LEU A 199 0.02 -23.41 -36.50
N ASN A 200 0.08 -24.24 -37.54
CA ASN A 200 -0.09 -23.79 -38.93
C ASN A 200 -1.47 -24.22 -39.39
N PRO A 201 -2.39 -23.29 -39.77
CA PRO A 201 -3.74 -23.75 -40.19
C PRO A 201 -3.74 -24.74 -41.33
N GLU A 202 -2.73 -24.72 -42.20
CA GLU A 202 -2.65 -25.62 -43.36
C GLU A 202 -2.48 -27.07 -42.95
N SER A 203 -1.97 -27.34 -41.75
CA SER A 203 -1.60 -28.69 -41.37
C SER A 203 -2.20 -29.12 -40.05
N SER A 204 -3.24 -28.43 -39.58
CA SER A 204 -3.88 -28.70 -38.31
C SER A 204 -5.28 -29.23 -38.49
N LEU A 205 -5.61 -30.27 -37.73
CA LEU A 205 -6.93 -30.90 -37.78
C LEU A 205 -7.55 -30.78 -36.40
N PHE A 206 -8.73 -30.19 -36.32
CA PHE A 206 -9.42 -29.97 -35.06
C PHE A 206 -10.52 -31.01 -34.89
N ILE A 207 -10.58 -31.61 -33.70
CA ILE A 207 -11.61 -32.55 -33.32
C ILE A 207 -12.47 -31.88 -32.27
N ILE A 208 -13.76 -31.67 -32.57
CA ILE A 208 -14.68 -30.97 -31.68
C ILE A 208 -15.50 -32.05 -30.98
N ALA A 209 -15.28 -32.23 -29.69
CA ALA A 209 -15.82 -33.37 -28.93
C ALA A 209 -16.95 -32.87 -28.04
N SER A 210 -18.20 -33.19 -28.42
CA SER A 210 -19.42 -32.77 -27.72
C SER A 210 -20.67 -33.50 -28.28
N LYS A 211 -21.36 -34.30 -27.45
CA LYS A 211 -22.55 -35.05 -27.90
C LYS A 211 -23.58 -34.13 -28.53
N THR A 212 -23.98 -33.09 -27.79
CA THR A 212 -24.99 -32.14 -28.23
C THR A 212 -24.49 -31.18 -29.28
N PHE A 213 -23.17 -31.00 -29.36
CA PHE A 213 -22.59 -29.92 -30.14
C PHE A 213 -23.18 -28.57 -29.73
N THR A 214 -23.59 -28.46 -28.46
CA THR A 214 -24.05 -27.18 -27.87
C THR A 214 -23.34 -26.80 -26.57
N THR A 215 -22.40 -27.61 -26.10
CA THR A 215 -21.66 -27.34 -24.86
C THR A 215 -20.95 -25.98 -24.93
N GLN A 216 -21.22 -25.09 -23.98
CA GLN A 216 -20.77 -23.69 -24.13
C GLN A 216 -19.26 -23.57 -24.26
N GLU A 217 -18.51 -24.20 -23.36
CA GLU A 217 -17.06 -23.96 -23.41
C GLU A 217 -16.45 -24.56 -24.66
N THR A 218 -16.85 -25.78 -24.99
CA THR A 218 -16.33 -26.46 -26.16
C THR A 218 -16.72 -25.78 -27.45
N ILE A 219 -17.97 -25.33 -27.55
CA ILE A 219 -18.38 -24.70 -28.79
C ILE A 219 -17.77 -23.31 -28.92
N THR A 220 -17.57 -22.60 -27.81
CA THR A 220 -16.91 -21.31 -27.90
C THR A 220 -15.47 -21.49 -28.37
N ASN A 221 -14.75 -22.45 -27.77
CA ASN A 221 -13.40 -22.76 -28.24
C ASN A 221 -13.40 -23.17 -29.71
N ALA A 222 -14.37 -24.01 -30.12
CA ALA A 222 -14.44 -24.44 -31.52
C ALA A 222 -14.66 -23.26 -32.46
N GLU A 223 -15.53 -22.32 -32.09
N GLU A 223 -15.51 -22.31 -32.06
CA GLU A 223 -15.75 -21.17 -32.97
CA GLU A 223 -15.78 -21.15 -32.89
C GLU A 223 -14.53 -20.26 -33.01
C GLU A 223 -14.56 -20.25 -32.98
N THR A 224 -13.79 -20.14 -31.90
CA THR A 224 -12.57 -19.36 -31.94
C THR A 224 -11.55 -20.02 -32.87
N ALA A 225 -11.44 -21.35 -32.80
CA ALA A 225 -10.54 -22.06 -33.71
C ALA A 225 -10.96 -21.90 -35.17
N LYS A 226 -12.27 -22.00 -35.43
CA LYS A 226 -12.74 -21.83 -36.79
C LYS A 226 -12.51 -20.42 -37.31
N GLU A 227 -12.65 -19.40 -36.46
CA GLU A 227 -12.37 -18.03 -36.90
C GLU A 227 -10.91 -17.87 -37.25
N TRP A 228 -10.01 -18.42 -36.41
CA TRP A 228 -8.58 -18.40 -36.71
C TRP A 228 -8.30 -19.12 -38.01
N PHE A 229 -8.89 -20.30 -38.18
CA PHE A 229 -8.61 -21.06 -39.39
C PHE A 229 -9.03 -20.27 -40.64
N LEU A 230 -10.24 -19.69 -40.59
CA LEU A 230 -10.76 -18.98 -41.76
C LEU A 230 -10.05 -17.67 -42.00
N GLN A 231 -9.47 -17.05 -40.97
CA GLN A 231 -8.62 -15.89 -41.21
C GLN A 231 -7.46 -16.22 -42.16
N ALA A 232 -6.98 -17.46 -42.12
CA ALA A 232 -5.95 -17.90 -43.04
C ALA A 232 -6.54 -18.43 -44.33
N ALA A 233 -7.59 -19.26 -44.24
CA ALA A 233 -8.04 -20.03 -45.39
C ALA A 233 -9.08 -19.30 -46.22
N LYS A 234 -9.85 -18.42 -45.57
CA LYS A 234 -10.90 -17.62 -46.18
C LYS A 234 -12.12 -18.43 -46.61
N ASP A 235 -11.90 -19.50 -47.37
CA ASP A 235 -12.97 -20.29 -47.98
C ASP A 235 -13.73 -21.13 -46.97
N PRO A 236 -15.02 -20.89 -46.76
CA PRO A 236 -15.75 -21.72 -45.78
C PRO A 236 -15.71 -23.19 -46.12
N SER A 237 -15.60 -23.55 -47.41
CA SER A 237 -15.57 -24.98 -47.74
C SER A 237 -14.31 -25.66 -47.21
N ALA A 238 -13.29 -24.88 -46.87
CA ALA A 238 -12.07 -25.48 -46.33
C ALA A 238 -12.24 -26.04 -44.92
N VAL A 239 -13.24 -25.58 -44.18
CA VAL A 239 -13.47 -26.06 -42.83
C VAL A 239 -13.61 -27.59 -42.79
N ALA A 240 -14.24 -28.17 -43.82
CA ALA A 240 -14.48 -29.62 -43.82
C ALA A 240 -13.21 -30.44 -43.96
N LYS A 241 -12.11 -29.84 -44.41
CA LYS A 241 -10.84 -30.54 -44.43
C LYS A 241 -10.08 -30.46 -43.12
N HIS A 242 -10.52 -29.62 -42.17
CA HIS A 242 -9.77 -29.34 -40.96
C HIS A 242 -10.55 -29.50 -39.66
N PHE A 243 -11.83 -29.84 -39.72
CA PHE A 243 -12.67 -29.93 -38.53
C PHE A 243 -13.53 -31.20 -38.65
N VAL A 244 -13.50 -32.02 -37.60
CA VAL A 244 -14.39 -33.17 -37.48
C VAL A 244 -15.05 -33.10 -36.09
N ALA A 245 -16.11 -33.91 -35.92
CA ALA A 245 -16.93 -33.84 -34.73
C ALA A 245 -17.07 -35.21 -34.10
N LEU A 246 -17.01 -35.28 -32.78
CA LEU A 246 -17.40 -36.46 -32.00
C LEU A 246 -18.71 -36.06 -31.37
N SER A 247 -19.84 -36.49 -31.95
CA SER A 247 -21.16 -35.91 -31.69
C SER A 247 -22.25 -36.74 -32.38
N THR A 248 -23.50 -36.45 -32.04
CA THR A 248 -24.65 -36.97 -32.77
C THR A 248 -25.56 -35.88 -33.36
N ASN A 249 -25.28 -34.60 -33.10
CA ASN A 249 -26.04 -33.49 -33.68
C ASN A 249 -25.64 -33.20 -35.13
N THR A 250 -26.18 -33.98 -36.04
CA THR A 250 -25.86 -33.75 -37.44
C THR A 250 -26.17 -32.32 -37.84
N THR A 251 -27.33 -31.81 -37.42
CA THR A 251 -27.74 -30.49 -37.87
C THR A 251 -26.73 -29.42 -37.46
N LYS A 252 -26.30 -29.43 -36.20
CA LYS A 252 -25.33 -28.42 -35.73
C LYS A 252 -23.95 -28.65 -36.31
N VAL A 253 -23.57 -29.91 -36.57
CA VAL A 253 -22.26 -30.19 -37.09
C VAL A 253 -22.13 -29.67 -38.50
N LYS A 254 -23.16 -29.92 -39.32
CA LYS A 254 -23.25 -29.39 -40.67
C LYS A 254 -23.30 -27.87 -40.65
N GLU A 255 -24.06 -27.29 -39.72
CA GLU A 255 -24.09 -25.82 -39.62
C GLU A 255 -22.70 -25.26 -39.36
N PHE A 256 -21.87 -25.99 -38.59
CA PHE A 256 -20.56 -25.46 -38.21
C PHE A 256 -19.63 -25.44 -39.43
N GLY A 257 -19.85 -26.34 -40.39
CA GLY A 257 -19.05 -26.40 -41.60
C GLY A 257 -18.34 -27.72 -41.76
N ILE A 258 -18.71 -28.64 -40.89
CA ILE A 258 -18.12 -29.98 -40.82
C ILE A 258 -18.93 -30.89 -41.74
N ASP A 259 -18.23 -31.67 -42.55
CA ASP A 259 -18.86 -32.66 -43.40
C ASP A 259 -19.52 -33.69 -42.49
N PRO A 260 -20.83 -33.91 -42.57
CA PRO A 260 -21.48 -34.88 -41.66
C PRO A 260 -20.95 -36.31 -41.79
N GLN A 261 -20.24 -36.65 -42.85
CA GLN A 261 -19.58 -37.96 -42.87
C GLN A 261 -18.36 -38.02 -41.97
N ASN A 262 -17.94 -36.89 -41.42
CA ASN A 262 -16.90 -36.85 -40.39
C ASN A 262 -17.48 -36.49 -39.02
N MET A 263 -18.68 -36.98 -38.75
CA MET A 263 -19.21 -37.04 -37.40
C MET A 263 -19.10 -38.47 -36.88
N PHE A 264 -18.45 -38.63 -35.76
CA PHE A 264 -18.20 -39.94 -35.15
C PHE A 264 -19.11 -40.03 -33.93
N GLU A 265 -20.07 -40.95 -33.99
CA GLU A 265 -21.16 -40.99 -33.03
C GLU A 265 -20.83 -41.83 -31.81
N PHE A 266 -21.50 -41.50 -30.70
CA PHE A 266 -21.60 -42.34 -29.52
C PHE A 266 -23.02 -42.22 -28.98
N TRP A 267 -23.28 -42.82 -27.81
CA TRP A 267 -24.64 -43.08 -27.34
C TRP A 267 -24.84 -42.62 -25.91
N ASP A 268 -26.13 -42.46 -25.54
CA ASP A 268 -26.48 -41.96 -24.22
C ASP A 268 -26.02 -42.86 -23.08
N TRP A 269 -25.75 -44.13 -23.34
CA TRP A 269 -25.27 -45.04 -22.32
C TRP A 269 -23.75 -45.01 -22.20
N VAL A 270 -23.08 -44.07 -22.87
CA VAL A 270 -21.66 -43.79 -22.72
C VAL A 270 -21.56 -42.53 -21.86
N GLY A 271 -21.23 -42.69 -20.59
CA GLY A 271 -21.03 -41.50 -19.75
C GLY A 271 -19.75 -40.81 -20.12
N GLY A 272 -19.70 -39.49 -20.01
CA GLY A 272 -18.52 -38.77 -20.46
C GLY A 272 -17.25 -39.24 -19.78
N ARG A 273 -17.31 -39.48 -18.49
CA ARG A 273 -16.16 -39.93 -17.73
C ARG A 273 -15.85 -41.41 -17.93
N TYR A 274 -16.62 -42.09 -18.78
CA TYR A 274 -16.37 -43.46 -19.23
C TYR A 274 -16.26 -43.52 -20.75
N SER A 275 -15.90 -42.43 -21.41
CA SER A 275 -16.09 -42.33 -22.85
C SER A 275 -14.84 -42.50 -23.71
N LEU A 276 -13.64 -42.63 -23.12
CA LEU A 276 -12.44 -42.65 -23.97
C LEU A 276 -12.41 -43.87 -24.87
N TRP A 277 -13.19 -44.89 -24.53
CA TRP A 277 -13.30 -46.12 -25.30
C TRP A 277 -14.16 -45.97 -26.54
N SER A 278 -14.90 -44.88 -26.68
CA SER A 278 -15.79 -44.62 -27.80
C SER A 278 -15.11 -43.73 -28.83
N ALA A 279 -15.94 -43.16 -29.72
CA ALA A 279 -15.50 -42.14 -30.67
C ALA A 279 -14.70 -41.02 -29.99
N ILE A 280 -14.98 -40.76 -28.72
CA ILE A 280 -14.25 -39.74 -27.95
C ILE A 280 -12.77 -40.03 -27.94
N GLY A 281 -12.39 -41.31 -28.06
CA GLY A 281 -11.00 -41.67 -28.18
C GLY A 281 -10.34 -41.47 -29.53
N LEU A 282 -10.97 -40.78 -30.48
CA LEU A 282 -10.36 -40.62 -31.81
C LEU A 282 -8.94 -40.04 -31.75
N SER A 283 -8.70 -39.07 -30.87
CA SER A 283 -7.37 -38.51 -30.82
C SER A 283 -6.35 -39.53 -30.36
N ILE A 284 -6.74 -40.47 -29.50
CA ILE A 284 -5.84 -41.58 -29.13
C ILE A 284 -5.48 -42.38 -30.37
N ALA A 285 -6.50 -42.80 -31.11
CA ALA A 285 -6.26 -43.63 -32.29
C ALA A 285 -5.46 -42.90 -33.36
N LEU A 286 -5.66 -41.59 -33.52
CA LEU A 286 -4.85 -40.87 -34.50
C LEU A 286 -3.40 -40.80 -34.05
N HIS A 287 -3.17 -40.62 -32.74
CA HIS A 287 -1.81 -40.42 -32.24
C HIS A 287 -1.02 -41.73 -32.24
N VAL A 288 -1.61 -42.80 -31.70
CA VAL A 288 -0.87 -44.07 -31.55
C VAL A 288 -1.28 -45.13 -32.57
N GLY A 289 -2.23 -44.83 -33.42
CA GLY A 289 -2.73 -45.75 -34.44
C GLY A 289 -3.93 -46.53 -33.96
N PHE A 290 -4.77 -46.93 -34.90
CA PHE A 290 -5.97 -47.67 -34.51
C PHE A 290 -5.63 -49.04 -33.92
N ASP A 291 -4.57 -49.69 -34.40
CA ASP A 291 -4.20 -51.00 -33.86
C ASP A 291 -3.92 -50.89 -32.36
N ASN A 292 -3.19 -49.85 -31.96
CA ASN A 292 -2.92 -49.68 -30.55
C ASN A 292 -4.18 -49.29 -29.79
N PHE A 293 -5.09 -48.53 -30.41
CA PHE A 293 -6.37 -48.28 -29.76
C PHE A 293 -7.15 -49.57 -29.52
N GLU A 294 -7.13 -50.48 -30.49
CA GLU A 294 -7.80 -51.77 -30.28
C GLU A 294 -7.14 -52.56 -29.15
N GLN A 295 -5.83 -52.43 -28.98
N GLN A 295 -5.81 -52.46 -29.00
CA GLN A 295 -5.17 -53.12 -27.87
CA GLN A 295 -5.16 -53.12 -27.88
C GLN A 295 -5.60 -52.53 -26.53
C GLN A 295 -5.65 -52.54 -26.56
N LEU A 296 -5.77 -51.21 -26.49
CA LEU A 296 -6.32 -50.55 -25.30
C LEU A 296 -7.70 -51.08 -24.96
N LEU A 297 -8.57 -51.18 -25.96
CA LEU A 297 -9.92 -51.73 -25.73
C LEU A 297 -9.85 -53.20 -25.30
N SER A 298 -8.93 -53.95 -25.90
CA SER A 298 -8.79 -55.37 -25.54
C SER A 298 -8.34 -55.57 -24.09
N GLY A 299 -7.47 -54.68 -23.58
CA GLY A 299 -7.08 -54.75 -22.19
C GLY A 299 -8.25 -54.49 -21.25
N ALA A 300 -9.06 -53.49 -21.58
CA ALA A 300 -10.25 -53.24 -20.79
C ALA A 300 -11.18 -54.44 -20.83
N HIS A 301 -11.39 -55.02 -22.01
CA HIS A 301 -12.23 -56.21 -22.15
C HIS A 301 -11.73 -57.35 -21.28
N TRP A 302 -10.41 -57.55 -21.22
CA TRP A 302 -9.84 -58.60 -20.37
C TRP A 302 -10.26 -58.38 -18.92
N MET A 303 -10.14 -57.14 -18.46
CA MET A 303 -10.46 -56.85 -17.07
C MET A 303 -11.97 -56.94 -16.83
N ASP A 304 -12.77 -56.57 -17.82
CA ASP A 304 -14.22 -56.75 -17.70
C ASP A 304 -14.55 -58.22 -17.44
N GLN A 305 -13.84 -59.14 -18.12
CA GLN A 305 -14.11 -60.55 -17.90
C GLN A 305 -13.63 -61.01 -16.52
N HIS A 306 -12.44 -60.56 -16.12
CA HIS A 306 -12.00 -60.84 -14.76
C HIS A 306 -13.07 -60.42 -13.75
N PHE A 307 -13.58 -59.21 -13.89
CA PHE A 307 -14.58 -58.71 -12.95
C PHE A 307 -15.82 -59.58 -12.96
N ARG A 308 -16.20 -60.11 -14.11
CA ARG A 308 -17.44 -60.87 -14.25
C ARG A 308 -17.30 -62.29 -13.70
N THR A 309 -16.13 -62.93 -13.85
CA THR A 309 -16.03 -64.36 -13.60
C THR A 309 -15.29 -64.72 -12.32
N THR A 310 -14.65 -63.78 -11.67
CA THR A 310 -13.83 -64.11 -10.52
C THR A 310 -14.66 -64.06 -9.23
N PRO A 311 -14.53 -65.06 -8.36
CA PRO A 311 -15.15 -64.99 -7.04
C PRO A 311 -14.81 -63.68 -6.36
N LEU A 312 -15.79 -63.10 -5.66
CA LEU A 312 -15.59 -61.80 -5.04
C LEU A 312 -14.30 -61.73 -4.24
N GLU A 313 -13.99 -62.78 -3.46
CA GLU A 313 -12.85 -62.78 -2.56
C GLU A 313 -11.51 -62.71 -3.26
N LYS A 314 -11.45 -62.88 -4.57
CA LYS A 314 -10.21 -62.81 -5.33
C LYS A 314 -10.33 -61.85 -6.52
N ASN A 315 -11.35 -60.99 -6.53
CA ASN A 315 -11.72 -60.15 -7.67
C ASN A 315 -11.12 -58.77 -7.42
N ALA A 316 -10.16 -58.38 -8.28
CA ALA A 316 -9.37 -57.19 -8.02
C ALA A 316 -10.20 -55.92 -7.84
N PRO A 317 -11.07 -55.54 -8.77
CA PRO A 317 -11.80 -54.28 -8.52
C PRO A 317 -12.64 -54.34 -7.26
N VAL A 318 -13.25 -55.50 -7.00
CA VAL A 318 -14.05 -55.66 -5.79
C VAL A 318 -13.21 -55.47 -4.55
N LEU A 319 -12.03 -56.09 -4.48
CA LEU A 319 -11.21 -55.94 -3.28
C LEU A 319 -10.75 -54.49 -3.11
N LEU A 320 -10.30 -53.85 -4.18
CA LEU A 320 -9.92 -52.44 -4.08
C LEU A 320 -11.07 -51.62 -3.57
N ALA A 321 -12.27 -51.91 -4.06
CA ALA A 321 -13.45 -51.15 -3.62
C ALA A 321 -13.70 -51.37 -2.14
N LEU A 322 -13.62 -52.64 -1.69
CA LEU A 322 -13.92 -52.98 -0.32
C LEU A 322 -12.91 -52.39 0.65
N LEU A 323 -11.65 -52.40 0.30
CA LEU A 323 -10.65 -51.75 1.14
C LEU A 323 -10.96 -50.27 1.28
N GLY A 324 -11.35 -49.63 0.17
CA GLY A 324 -11.76 -48.23 0.24
C GLY A 324 -12.97 -48.00 1.14
N ILE A 325 -13.95 -48.90 1.08
CA ILE A 325 -15.11 -48.78 1.99
C ILE A 325 -14.65 -48.87 3.44
N TRP A 326 -13.74 -49.79 3.73
CA TRP A 326 -13.20 -49.92 5.07
C TRP A 326 -12.58 -48.61 5.57
N TYR A 327 -11.75 -47.98 4.74
CA TYR A 327 -11.12 -46.76 5.19
C TYR A 327 -12.08 -45.59 5.24
N ILE A 328 -13.04 -45.54 4.32
CA ILE A 328 -13.94 -44.39 4.28
C ILE A 328 -14.99 -44.49 5.37
N ASN A 329 -15.66 -45.62 5.44
CA ASN A 329 -16.83 -45.75 6.29
C ASN A 329 -16.53 -46.26 7.68
N CYS A 330 -15.37 -46.87 7.91
CA CYS A 330 -14.97 -47.27 9.25
C CYS A 330 -13.89 -46.33 9.81
N PHE A 331 -12.76 -46.14 9.10
CA PHE A 331 -11.74 -45.24 9.62
C PHE A 331 -12.01 -43.76 9.36
N GLY A 332 -12.91 -43.41 8.44
CA GLY A 332 -13.24 -42.01 8.24
C GLY A 332 -12.29 -41.21 7.38
N CYS A 333 -11.48 -41.86 6.56
CA CYS A 333 -10.50 -41.15 5.75
C CYS A 333 -11.19 -40.41 4.61
N GLU A 334 -10.96 -39.09 4.50
CA GLU A 334 -11.60 -38.31 3.46
C GLU A 334 -11.01 -38.51 2.07
N THR A 335 -9.73 -38.92 1.95
CA THR A 335 -9.03 -38.89 0.67
C THR A 335 -8.44 -40.23 0.32
N HIS A 336 -8.09 -40.35 -0.94
CA HIS A 336 -7.41 -41.51 -1.49
C HIS A 336 -6.36 -40.98 -2.46
N ALA A 337 -5.10 -41.31 -2.21
CA ALA A 337 -4.01 -40.87 -3.07
C ALA A 337 -3.66 -41.93 -4.12
N MET A 338 -3.45 -41.47 -5.35
CA MET A 338 -3.06 -42.34 -6.47
C MET A 338 -1.70 -41.86 -6.93
N LEU A 339 -0.68 -42.75 -6.82
CA LEU A 339 0.73 -42.40 -6.90
C LEU A 339 1.42 -43.32 -7.88
N PRO A 340 1.28 -43.08 -9.17
CA PRO A 340 1.97 -43.91 -10.17
C PRO A 340 3.43 -43.52 -10.28
N TYR A 341 4.29 -44.50 -10.17
CA TYR A 341 5.75 -44.25 -10.30
C TYR A 341 6.12 -44.37 -11.78
N ASP A 342 5.61 -43.41 -12.55
CA ASP A 342 5.70 -43.41 -14.00
C ASP A 342 5.35 -42.04 -14.50
N GLN A 343 6.33 -41.36 -15.10
CA GLN A 343 6.11 -40.01 -15.62
C GLN A 343 5.08 -39.99 -16.77
N TYR A 344 5.03 -41.04 -17.59
CA TYR A 344 4.00 -41.11 -18.62
C TYR A 344 2.61 -41.07 -18.02
N LEU A 345 2.43 -41.59 -16.80
CA LEU A 345 1.15 -41.59 -16.07
C LEU A 345 0.94 -40.32 -15.26
N HIS A 346 1.61 -39.22 -15.62
CA HIS A 346 1.47 -38.01 -14.83
C HIS A 346 0.05 -37.43 -14.79
N ARG A 347 -0.85 -37.85 -15.67
CA ARG A 347 -2.24 -37.38 -15.64
C ARG A 347 -3.23 -38.46 -15.22
N PHE A 348 -2.75 -39.56 -14.68
CA PHE A 348 -3.62 -40.67 -14.26
C PHE A 348 -4.45 -40.29 -13.04
N ALA A 349 -3.83 -39.70 -12.03
CA ALA A 349 -4.55 -39.28 -10.85
C ALA A 349 -5.61 -38.25 -11.19
N ALA A 350 -5.27 -37.29 -12.06
CA ALA A 350 -6.24 -36.27 -12.46
C ALA A 350 -7.45 -36.87 -13.18
N TYR A 351 -7.20 -37.93 -14.00
CA TYR A 351 -8.29 -38.58 -14.70
C TYR A 351 -9.26 -39.21 -13.71
N PHE A 352 -8.72 -39.88 -12.71
CA PHE A 352 -9.58 -40.52 -11.73
C PHE A 352 -10.18 -39.56 -10.74
N GLN A 353 -9.69 -38.33 -10.67
CA GLN A 353 -10.45 -37.32 -9.96
C GLN A 353 -11.83 -37.19 -10.54
N GLN A 354 -11.96 -37.12 -11.87
CA GLN A 354 -13.30 -37.11 -12.47
C GLN A 354 -13.98 -38.47 -12.34
N GLY A 355 -13.29 -39.54 -12.77
CA GLY A 355 -13.97 -40.83 -12.80
C GLY A 355 -14.51 -41.22 -11.45
N ASP A 356 -13.72 -41.01 -10.40
CA ASP A 356 -14.14 -41.38 -9.05
C ASP A 356 -15.02 -40.30 -8.43
N MET A 357 -14.55 -39.05 -8.36
CA MET A 357 -15.30 -38.03 -7.62
C MET A 357 -16.61 -37.63 -8.29
N GLU A 358 -16.65 -37.52 -9.62
CA GLU A 358 -17.91 -37.19 -10.25
C GLU A 358 -18.88 -38.37 -10.20
N SER A 359 -18.35 -39.59 -10.17
CA SER A 359 -19.23 -40.73 -10.06
C SER A 359 -19.85 -40.83 -8.66
N ASN A 360 -19.01 -40.82 -7.63
CA ASN A 360 -19.42 -41.20 -6.28
C ASN A 360 -19.50 -40.05 -5.29
N GLY A 361 -19.28 -38.80 -5.74
CA GLY A 361 -19.55 -37.63 -4.88
C GLY A 361 -21.02 -37.32 -4.88
N LYS A 362 -21.77 -38.14 -4.13
CA LYS A 362 -23.22 -38.22 -4.21
C LYS A 362 -23.74 -38.31 -2.79
N TYR A 363 -25.02 -37.95 -2.60
CA TYR A 363 -25.59 -37.99 -1.27
C TYR A 363 -27.03 -38.48 -1.24
N ILE A 364 -27.64 -38.80 -2.37
CA ILE A 364 -29.00 -39.32 -2.43
C ILE A 364 -28.93 -40.76 -2.93
N THR A 365 -29.62 -41.66 -2.22
CA THR A 365 -29.63 -43.05 -2.59
C THR A 365 -30.73 -43.38 -3.59
N LYS A 366 -30.72 -44.65 -4.02
CA LYS A 366 -31.68 -45.15 -5.01
C LYS A 366 -33.12 -44.90 -4.61
N SER A 367 -33.42 -44.99 -3.33
CA SER A 367 -34.78 -44.80 -2.86
C SER A 367 -35.13 -43.32 -2.66
N GLY A 368 -34.21 -42.41 -3.00
CA GLY A 368 -34.45 -41.00 -2.75
C GLY A 368 -34.09 -40.54 -1.37
N THR A 369 -33.59 -41.44 -0.53
CA THR A 369 -33.27 -41.17 0.86
C THR A 369 -31.84 -40.65 0.94
N ARG A 370 -31.63 -39.64 1.78
CA ARG A 370 -30.31 -39.07 1.99
C ARG A 370 -29.39 -40.09 2.66
N VAL A 371 -28.13 -40.15 2.20
CA VAL A 371 -27.16 -40.98 2.91
C VAL A 371 -26.97 -40.45 4.34
N ASP A 372 -26.67 -41.36 5.28
CA ASP A 372 -26.25 -41.03 6.64
C ASP A 372 -24.87 -41.59 6.93
N HIS A 373 -24.05 -41.60 5.89
CA HIS A 373 -22.70 -42.13 5.93
C HIS A 373 -21.90 -41.41 4.84
N GLN A 374 -20.58 -41.55 4.89
CA GLN A 374 -19.74 -40.99 3.82
C GLN A 374 -19.90 -41.76 2.51
N THR A 375 -19.69 -41.05 1.40
CA THR A 375 -19.61 -41.63 0.08
C THR A 375 -18.20 -41.33 -0.47
N GLY A 376 -18.07 -40.97 -1.73
CA GLY A 376 -16.80 -41.02 -2.38
C GLY A 376 -15.75 -40.11 -1.78
N PRO A 377 -14.49 -40.54 -1.87
CA PRO A 377 -13.39 -39.74 -1.32
C PRO A 377 -12.86 -38.71 -2.30
N ILE A 378 -12.07 -37.79 -1.76
CA ILE A 378 -11.29 -36.87 -2.56
C ILE A 378 -10.06 -37.61 -3.08
N VAL A 379 -9.91 -37.68 -4.40
CA VAL A 379 -8.81 -38.37 -5.04
C VAL A 379 -7.76 -37.33 -5.43
N TRP A 380 -6.48 -37.64 -5.24
CA TRP A 380 -5.43 -36.70 -5.56
C TRP A 380 -4.14 -37.48 -5.73
N GLY A 381 -3.08 -36.79 -6.17
CA GLY A 381 -1.78 -37.44 -6.31
C GLY A 381 -0.95 -36.82 -7.41
N GLU A 382 0.33 -37.21 -7.41
CA GLU A 382 1.28 -36.86 -8.44
C GLU A 382 2.18 -38.08 -8.63
N PRO A 383 2.77 -38.24 -9.80
CA PRO A 383 3.69 -39.36 -10.00
C PRO A 383 4.88 -39.34 -9.07
N GLY A 384 5.33 -40.55 -8.70
CA GLY A 384 6.61 -40.69 -8.05
C GLY A 384 7.70 -40.70 -9.08
N THR A 385 8.90 -40.25 -8.69
CA THR A 385 9.25 -39.82 -7.35
C THR A 385 8.92 -38.34 -7.02
N ASN A 386 8.33 -37.62 -7.98
N ASN A 386 8.34 -37.61 -7.97
CA ASN A 386 8.05 -36.18 -7.79
CA ASN A 386 8.08 -36.18 -7.77
C ASN A 386 7.31 -35.96 -6.48
C ASN A 386 7.31 -35.95 -6.47
N GLY A 387 6.22 -36.70 -6.27
CA GLY A 387 5.39 -36.45 -5.10
C GLY A 387 6.14 -36.71 -3.80
N GLN A 388 7.12 -37.58 -3.84
CA GLN A 388 7.91 -37.92 -2.69
C GLN A 388 8.66 -36.68 -2.14
N HIS A 389 9.04 -35.78 -3.03
CA HIS A 389 9.74 -34.54 -2.69
C HIS A 389 8.81 -33.35 -2.55
N ALA A 390 7.52 -33.57 -2.65
CA ALA A 390 6.53 -32.52 -2.47
C ALA A 390 5.75 -32.72 -1.17
N PHE A 391 5.03 -33.82 -1.02
CA PHE A 391 4.06 -33.91 0.04
C PHE A 391 4.14 -35.18 0.88
N TYR A 392 5.09 -36.08 0.61
CA TYR A 392 5.15 -37.28 1.44
C TYR A 392 5.54 -36.96 2.89
N GLN A 393 6.12 -35.80 3.16
CA GLN A 393 6.34 -35.40 4.55
C GLN A 393 5.05 -35.55 5.36
N LEU A 394 3.94 -35.06 4.80
CA LEU A 394 2.67 -35.10 5.50
C LEU A 394 2.11 -36.52 5.59
N ILE A 395 2.31 -37.32 4.54
CA ILE A 395 1.85 -38.72 4.59
C ILE A 395 2.58 -39.48 5.70
N HIS A 396 3.88 -39.23 5.84
CA HIS A 396 4.66 -39.94 6.86
C HIS A 396 4.48 -39.38 8.28
N GLN A 397 4.36 -38.05 8.45
CA GLN A 397 4.50 -37.44 9.77
C GLN A 397 3.46 -36.34 10.04
N GLY A 398 2.39 -36.28 9.28
CA GLY A 398 1.27 -35.41 9.61
C GLY A 398 0.27 -36.10 10.50
N THR A 399 -0.96 -35.57 10.49
CA THR A 399 -2.02 -36.00 11.38
C THR A 399 -3.18 -36.66 10.64
N LYS A 400 -2.99 -37.05 9.39
CA LYS A 400 -4.03 -37.57 8.52
C LYS A 400 -3.70 -38.99 8.12
N MET A 401 -4.71 -39.84 8.11
CA MET A 401 -4.63 -41.16 7.50
C MET A 401 -5.06 -41.08 6.05
N ILE A 402 -4.18 -41.55 5.16
CA ILE A 402 -4.33 -41.37 3.72
C ILE A 402 -4.04 -42.70 3.03
N PRO A 403 -5.06 -43.50 2.73
CA PRO A 403 -4.83 -44.70 1.89
C PRO A 403 -4.20 -44.28 0.57
N CYS A 404 -3.16 -45.02 0.14
CA CYS A 404 -2.43 -44.71 -1.08
C CYS A 404 -2.33 -45.94 -1.96
N ASP A 405 -2.56 -45.76 -3.26
CA ASP A 405 -2.26 -46.77 -4.26
C ASP A 405 -0.96 -46.35 -4.94
N PHE A 406 0.06 -47.18 -4.82
CA PHE A 406 1.33 -47.03 -5.52
C PHE A 406 1.30 -47.96 -6.72
N LEU A 407 1.59 -47.44 -7.92
CA LEU A 407 1.59 -48.21 -9.17
C LEU A 407 2.92 -48.09 -9.88
N ILE A 408 3.40 -49.17 -10.51
CA ILE A 408 4.60 -49.08 -11.32
C ILE A 408 4.67 -50.21 -12.35
N PRO A 409 5.21 -49.96 -13.53
CA PRO A 409 5.59 -51.05 -14.45
C PRO A 409 6.95 -51.60 -14.11
N VAL A 410 7.07 -52.93 -14.22
CA VAL A 410 8.37 -53.55 -14.02
C VAL A 410 9.35 -53.13 -15.09
N GLN A 411 8.91 -53.11 -16.35
CA GLN A 411 9.74 -52.79 -17.51
C GLN A 411 9.48 -51.36 -17.96
N THR A 412 10.56 -50.60 -18.11
CA THR A 412 10.46 -49.21 -18.54
C THR A 412 10.45 -49.13 -20.06
N GLN A 413 9.82 -48.08 -20.58
CA GLN A 413 9.89 -47.79 -22.00
C GLN A 413 11.23 -47.17 -22.39
N HIS A 414 12.04 -46.73 -21.43
CA HIS A 414 13.32 -46.06 -21.69
C HIS A 414 14.39 -46.60 -20.77
N PRO A 415 14.92 -47.81 -21.07
CA PRO A 415 15.92 -48.47 -20.20
C PRO A 415 17.32 -47.89 -20.35
N ILE A 416 17.39 -46.58 -20.12
CA ILE A 416 18.65 -45.87 -20.33
C ILE A 416 19.65 -46.25 -19.24
N ARG A 417 20.93 -45.98 -19.51
CA ARG A 417 22.00 -46.23 -18.52
C ARG A 417 21.95 -47.65 -17.99
N LYS A 418 21.69 -48.61 -18.89
CA LYS A 418 21.66 -50.02 -18.55
C LYS A 418 20.68 -50.31 -17.44
N GLY A 419 19.59 -49.53 -17.39
CA GLY A 419 18.54 -49.75 -16.41
C GLY A 419 18.69 -49.01 -15.10
N LEU A 420 19.69 -48.15 -14.99
CA LEU A 420 20.00 -47.55 -13.70
C LEU A 420 18.85 -46.67 -13.19
N HIS A 421 18.26 -45.85 -14.06
CA HIS A 421 17.20 -44.97 -13.62
C HIS A 421 16.01 -45.76 -13.12
N HIS A 422 15.64 -46.83 -13.85
CA HIS A 422 14.47 -47.60 -13.43
C HIS A 422 14.75 -48.37 -12.16
N LYS A 423 15.99 -48.87 -11.99
CA LYS A 423 16.36 -49.51 -10.73
C LYS A 423 16.12 -48.56 -9.55
N ILE A 424 16.57 -47.32 -9.67
CA ILE A 424 16.37 -46.37 -8.57
C ILE A 424 14.89 -46.07 -8.37
N LEU A 425 14.14 -45.95 -9.47
CA LEU A 425 12.69 -45.71 -9.36
C LEU A 425 12.02 -46.85 -8.61
N LEU A 426 12.33 -48.09 -8.99
CA LEU A 426 11.75 -49.26 -8.31
C LEU A 426 12.12 -49.26 -6.83
N ALA A 427 13.39 -48.96 -6.51
CA ALA A 427 13.79 -49.00 -5.11
C ALA A 427 13.00 -48.01 -4.28
N ASN A 428 12.72 -46.84 -4.85
CA ASN A 428 11.94 -45.84 -4.13
C ASN A 428 10.49 -46.27 -4.00
N PHE A 429 9.93 -46.84 -5.07
CA PHE A 429 8.57 -47.38 -5.02
C PHE A 429 8.42 -48.36 -3.87
N LEU A 430 9.39 -49.26 -3.72
CA LEU A 430 9.32 -50.31 -2.71
C LEU A 430 9.59 -49.73 -1.32
N ALA A 431 10.56 -48.85 -1.21
CA ALA A 431 10.95 -48.30 0.08
C ALA A 431 9.88 -47.41 0.69
N GLN A 432 9.12 -46.70 -0.13
CA GLN A 432 8.14 -45.78 0.44
C GLN A 432 6.99 -46.52 1.11
N THR A 433 6.51 -47.60 0.49
CA THR A 433 5.45 -48.37 1.15
C THR A 433 6.01 -49.09 2.36
N GLU A 434 7.25 -49.60 2.26
CA GLU A 434 7.88 -50.21 3.41
C GLU A 434 7.99 -49.23 4.57
N ALA A 435 8.43 -48.00 4.26
CA ALA A 435 8.57 -46.99 5.29
C ALA A 435 7.23 -46.62 5.91
N LEU A 436 6.20 -46.47 5.08
CA LEU A 436 4.88 -46.10 5.60
C LEU A 436 4.35 -47.18 6.54
N MET A 437 4.60 -48.45 6.20
CA MET A 437 4.21 -49.56 7.06
C MET A 437 5.05 -49.63 8.34
N ARG A 438 6.38 -49.60 8.22
N ARG A 438 6.37 -49.62 8.22
CA ARG A 438 7.22 -49.94 9.35
CA ARG A 438 7.22 -49.95 9.36
C ARG A 438 7.45 -48.78 10.29
C ARG A 438 7.37 -48.78 10.31
N GLY A 439 7.46 -47.56 9.78
CA GLY A 439 7.89 -46.48 10.63
C GLY A 439 9.29 -46.70 11.21
N LYS A 440 9.55 -45.93 12.26
CA LYS A 440 10.83 -45.93 12.95
C LYS A 440 10.53 -45.53 14.39
N SER A 441 10.75 -46.45 15.33
CA SER A 441 10.39 -46.26 16.71
C SER A 441 11.35 -45.30 17.43
N THR A 442 10.93 -44.87 18.62
CA THR A 442 11.80 -44.06 19.46
C THR A 442 13.14 -44.74 19.70
N GLU A 443 13.12 -46.04 20.02
CA GLU A 443 14.36 -46.75 20.31
C GLU A 443 15.23 -46.84 19.07
N GLU A 444 14.61 -47.08 17.92
CA GLU A 444 15.39 -47.15 16.67
C GLU A 444 16.03 -45.80 16.35
N ALA A 445 15.27 -44.71 16.51
CA ALA A 445 15.80 -43.38 16.23
C ALA A 445 16.85 -42.98 17.27
N ARG A 446 16.65 -43.38 18.53
CA ARG A 446 17.67 -43.11 19.56
C ARG A 446 19.00 -43.77 19.19
N LYS A 447 18.96 -45.05 18.82
CA LYS A 447 20.18 -45.72 18.39
C LYS A 447 20.89 -44.96 17.29
N GLU A 448 20.15 -44.51 16.27
CA GLU A 448 20.77 -43.80 15.16
C GLU A 448 21.44 -42.51 15.64
N LEU A 449 20.76 -41.79 16.52
CA LEU A 449 21.33 -40.54 17.02
C LEU A 449 22.56 -40.80 17.87
N GLN A 450 22.54 -41.84 18.72
CA GLN A 450 23.74 -42.17 19.47
C GLN A 450 24.91 -42.43 18.53
N ALA A 451 24.67 -43.23 17.49
CA ALA A 451 25.73 -43.59 16.54
C ALA A 451 26.27 -42.37 15.82
N ALA A 452 25.40 -41.42 15.48
CA ALA A 452 25.85 -40.18 14.85
C ALA A 452 26.67 -39.29 15.79
N GLY A 453 26.77 -39.65 17.07
CA GLY A 453 27.58 -38.86 18.00
C GLY A 453 26.89 -37.66 18.59
N LYS A 454 25.58 -37.70 18.76
CA LYS A 454 24.88 -36.57 19.34
C LYS A 454 25.03 -36.60 20.86
N SER A 455 25.20 -35.41 21.44
CA SER A 455 25.27 -35.26 22.87
C SER A 455 23.92 -35.62 23.50
N PRO A 456 23.90 -36.01 24.77
CA PRO A 456 22.61 -36.36 25.41
C PRO A 456 21.53 -35.30 25.25
N GLU A 457 21.88 -34.03 25.44
CA GLU A 457 20.90 -32.96 25.30
C GLU A 457 20.44 -32.82 23.85
N ASP A 458 21.37 -32.81 22.90
CA ASP A 458 21.00 -32.68 21.51
C ASP A 458 20.14 -33.87 21.08
N LEU A 459 20.50 -35.07 21.56
CA LEU A 459 19.76 -36.26 21.20
C LEU A 459 18.32 -36.18 21.70
N GLU A 460 18.12 -35.86 22.97
CA GLU A 460 16.76 -35.86 23.51
C GLU A 460 15.91 -34.78 22.84
N ARG A 461 16.54 -33.68 22.44
CA ARG A 461 15.81 -32.60 21.80
C ARG A 461 15.33 -32.99 20.41
N LEU A 462 16.18 -33.67 19.64
CA LEU A 462 15.84 -34.01 18.26
C LEU A 462 15.02 -35.28 18.16
N LEU A 463 15.17 -36.19 19.12
CA LEU A 463 14.64 -37.54 19.03
C LEU A 463 13.18 -37.62 18.61
N PRO A 464 12.23 -36.93 19.24
CA PRO A 464 10.83 -37.14 18.83
C PRO A 464 10.57 -36.76 17.39
N HIS A 465 11.32 -35.80 16.86
CA HIS A 465 11.09 -35.36 15.48
C HIS A 465 11.51 -36.40 14.47
N LYS A 466 12.36 -37.35 14.87
CA LYS A 466 12.87 -38.40 14.01
C LYS A 466 12.06 -39.68 14.05
N VAL A 467 11.01 -39.73 14.84
CA VAL A 467 10.18 -40.92 14.98
C VAL A 467 9.11 -40.91 13.90
N PHE A 468 8.90 -42.07 13.29
CA PHE A 468 7.87 -42.30 12.27
C PHE A 468 6.92 -43.31 12.91
N GLU A 469 5.70 -42.91 13.16
CA GLU A 469 4.72 -43.82 13.77
C GLU A 469 4.32 -44.97 12.87
N GLY A 470 4.47 -44.82 11.57
CA GLY A 470 4.16 -45.91 10.65
C GLY A 470 2.70 -46.28 10.70
N ASN A 471 2.43 -47.56 10.39
CA ASN A 471 1.08 -48.11 10.35
C ASN A 471 0.21 -47.41 9.33
N ARG A 472 0.82 -46.92 8.25
CA ARG A 472 0.11 -46.19 7.21
C ARG A 472 -0.09 -47.09 6.00
N PRO A 473 -1.32 -47.40 5.65
CA PRO A 473 -1.56 -48.49 4.69
C PRO A 473 -1.46 -48.06 3.24
N THR A 474 -1.07 -49.02 2.41
CA THR A 474 -0.93 -48.78 1.00
C THR A 474 -1.35 -50.04 0.26
N ASN A 475 -1.74 -49.86 -0.99
CA ASN A 475 -1.76 -50.90 -2.02
C ASN A 475 -0.58 -50.72 -2.94
N SER A 476 0.03 -51.82 -3.38
CA SER A 476 1.04 -51.74 -4.44
C SER A 476 0.56 -52.54 -5.63
N ILE A 477 0.49 -51.89 -6.78
CA ILE A 477 -0.01 -52.49 -8.03
C ILE A 477 1.14 -52.46 -9.01
N VAL A 478 1.65 -53.65 -9.34
CA VAL A 478 2.86 -53.80 -10.15
C VAL A 478 2.48 -54.59 -11.40
N PHE A 479 2.89 -54.11 -12.57
CA PHE A 479 2.45 -54.72 -13.82
C PHE A 479 3.66 -54.79 -14.75
N THR A 480 3.65 -55.77 -15.65
CA THR A 480 4.85 -56.06 -16.39
C THR A 480 5.37 -54.84 -17.15
N LYS A 481 4.50 -54.18 -17.91
CA LYS A 481 4.91 -53.08 -18.77
C LYS A 481 3.67 -52.24 -19.12
N LEU A 482 3.84 -50.94 -19.19
CA LEU A 482 2.72 -50.05 -19.53
C LEU A 482 2.56 -49.96 -21.05
N THR A 483 1.92 -50.98 -21.59
CA THR A 483 1.54 -51.07 -23.00
C THR A 483 0.11 -50.57 -23.16
N PRO A 484 -0.34 -50.37 -24.40
CA PRO A 484 -1.76 -50.03 -24.60
C PRO A 484 -2.70 -51.00 -23.93
N PHE A 485 -2.45 -52.30 -24.09
CA PHE A 485 -3.35 -53.29 -23.49
C PHE A 485 -3.34 -53.17 -21.97
N MET A 486 -2.16 -53.01 -21.38
CA MET A 486 -2.12 -53.03 -19.94
C MET A 486 -2.77 -51.78 -19.37
N LEU A 487 -2.58 -50.64 -20.04
CA LEU A 487 -3.25 -49.42 -19.58
C LEU A 487 -4.75 -49.60 -19.62
N GLY A 488 -5.28 -50.26 -20.66
CA GLY A 488 -6.72 -50.44 -20.72
C GLY A 488 -7.22 -51.29 -19.58
N ALA A 489 -6.46 -52.36 -19.26
CA ALA A 489 -6.85 -53.21 -18.13
C ALA A 489 -6.85 -52.43 -16.81
N LEU A 490 -5.82 -51.60 -16.60
CA LEU A 490 -5.72 -50.80 -15.37
C LEU A 490 -6.86 -49.80 -15.23
N VAL A 491 -7.19 -49.09 -16.31
CA VAL A 491 -8.26 -48.10 -16.25
C VAL A 491 -9.57 -48.80 -15.95
N ALA A 492 -9.82 -49.92 -16.61
CA ALA A 492 -11.08 -50.66 -16.40
C ALA A 492 -11.16 -51.16 -14.96
N MET A 493 -10.03 -51.60 -14.41
CA MET A 493 -10.00 -52.03 -13.02
C MET A 493 -10.55 -50.95 -12.10
N TYR A 494 -10.06 -49.74 -12.27
CA TYR A 494 -10.54 -48.66 -11.42
C TYR A 494 -11.98 -48.29 -11.74
N GLU A 495 -12.38 -48.34 -13.01
CA GLU A 495 -13.80 -48.13 -13.34
C GLU A 495 -14.67 -49.06 -12.52
N HIS A 496 -14.31 -50.33 -12.50
CA HIS A 496 -15.15 -51.28 -11.77
C HIS A 496 -15.04 -51.15 -10.27
N LYS A 497 -13.89 -50.68 -9.77
CA LYS A 497 -13.80 -50.35 -8.34
C LYS A 497 -14.85 -49.32 -7.99
N ILE A 498 -14.92 -48.25 -8.79
CA ILE A 498 -15.84 -47.15 -8.54
C ILE A 498 -17.25 -47.67 -8.58
N PHE A 499 -17.53 -48.54 -9.56
CA PHE A 499 -18.87 -49.12 -9.67
C PHE A 499 -19.23 -49.87 -8.39
N VAL A 500 -18.33 -50.73 -7.92
CA VAL A 500 -18.65 -51.54 -6.76
C VAL A 500 -18.93 -50.65 -5.55
N GLN A 501 -18.09 -49.65 -5.33
CA GLN A 501 -18.32 -48.72 -4.22
C GLN A 501 -19.70 -48.06 -4.31
N GLY A 502 -20.09 -47.62 -5.51
CA GLY A 502 -21.38 -46.98 -5.64
C GLY A 502 -22.53 -47.92 -5.32
N ILE A 503 -22.42 -49.19 -5.74
CA ILE A 503 -23.47 -50.14 -5.39
C ILE A 503 -23.57 -50.32 -3.88
N ILE A 504 -22.40 -50.44 -3.23
CA ILE A 504 -22.40 -50.61 -1.79
C ILE A 504 -23.03 -49.39 -1.10
N TRP A 505 -22.75 -48.19 -1.59
CA TRP A 505 -23.33 -46.99 -1.00
C TRP A 505 -24.77 -46.74 -1.42
N ASP A 506 -25.27 -47.48 -2.40
CA ASP A 506 -26.64 -47.32 -2.89
C ASP A 506 -26.86 -45.97 -3.57
N ILE A 507 -25.81 -45.47 -4.23
CA ILE A 507 -25.87 -44.22 -5.01
C ILE A 507 -25.78 -44.55 -6.48
N ASN A 508 -26.04 -43.54 -7.31
CA ASN A 508 -25.94 -43.66 -8.76
C ASN A 508 -24.57 -43.13 -9.20
N SER A 509 -23.68 -44.04 -9.56
CA SER A 509 -22.36 -43.64 -10.01
C SER A 509 -22.36 -43.00 -11.38
N PHE A 510 -23.50 -42.94 -12.08
CA PHE A 510 -23.53 -42.69 -13.52
C PHE A 510 -24.26 -41.43 -13.91
N ASP A 511 -24.81 -40.69 -12.94
CA ASP A 511 -25.38 -39.37 -13.20
C ASP A 511 -24.47 -38.27 -12.64
N GLN A 512 -24.92 -37.03 -12.82
CA GLN A 512 -24.12 -35.89 -12.38
C GLN A 512 -25.00 -34.65 -12.24
N TRP A 513 -26.02 -34.74 -11.39
CA TRP A 513 -26.94 -33.61 -11.26
C TRP A 513 -26.27 -32.44 -10.56
N GLY A 514 -25.14 -32.67 -9.91
CA GLY A 514 -24.48 -31.68 -9.11
C GLY A 514 -23.80 -30.60 -9.90
N VAL A 515 -23.80 -30.72 -11.21
CA VAL A 515 -23.18 -29.71 -12.05
C VAL A 515 -24.16 -28.65 -12.51
N GLU A 516 -25.46 -28.80 -12.23
CA GLU A 516 -26.44 -27.95 -12.92
C GLU A 516 -26.51 -26.56 -12.30
N LEU A 517 -26.45 -26.46 -10.98
CA LEU A 517 -26.69 -25.17 -10.33
C LEU A 517 -25.65 -24.13 -10.76
N GLY A 518 -24.37 -24.50 -10.78
CA GLY A 518 -23.35 -23.57 -11.24
C GLY A 518 -23.56 -23.11 -12.66
N LYS A 519 -24.02 -23.99 -13.54
CA LYS A 519 -24.27 -23.60 -14.92
C LYS A 519 -25.41 -22.59 -15.01
N GLN A 520 -26.49 -22.83 -14.26
CA GLN A 520 -27.60 -21.89 -14.29
C GLN A 520 -27.18 -20.54 -13.77
N LEU A 521 -26.43 -20.50 -12.66
CA LEU A 521 -26.07 -19.20 -12.11
C LEU A 521 -25.10 -18.45 -13.00
N ALA A 522 -24.22 -19.17 -13.70
CA ALA A 522 -23.27 -18.49 -14.59
C ALA A 522 -23.98 -17.85 -15.76
N LYS A 523 -25.05 -18.50 -16.28
CA LYS A 523 -25.79 -17.90 -17.39
C LYS A 523 -26.45 -16.59 -16.96
N LYS A 524 -26.91 -16.50 -15.71
CA LYS A 524 -27.52 -15.27 -15.23
C LYS A 524 -26.49 -14.16 -15.05
N ILE A 525 -25.26 -14.52 -14.65
CA ILE A 525 -24.23 -13.51 -14.41
C ILE A 525 -23.65 -12.95 -15.71
N GLU A 526 -23.51 -13.78 -16.75
CA GLU A 526 -22.84 -13.36 -17.97
C GLU A 526 -23.31 -12.01 -18.48
N PRO A 527 -24.62 -11.81 -18.70
CA PRO A 527 -25.06 -10.51 -19.23
C PRO A 527 -24.83 -9.35 -18.28
N GLU A 528 -24.71 -9.60 -16.98
CA GLU A 528 -24.54 -8.53 -16.00
C GLU A 528 -23.12 -7.99 -15.99
N LEU A 529 -22.15 -8.73 -16.55
CA LEU A 529 -20.78 -8.26 -16.59
C LEU A 529 -20.56 -7.19 -17.65
N ASP A 530 -21.43 -7.14 -18.66
CA ASP A 530 -21.32 -6.11 -19.68
C ASP A 530 -21.82 -4.79 -19.13
N GLY A 531 -21.12 -3.73 -19.48
CA GLY A 531 -21.49 -2.41 -19.05
C GLY A 531 -20.87 -2.07 -17.71
N SER A 532 -20.94 -0.78 -17.38
CA SER A 532 -20.33 -0.25 -16.17
C SER A 532 -21.30 -0.19 -14.99
N ALA A 533 -22.57 -0.54 -15.19
CA ALA A 533 -23.56 -0.43 -14.14
C ALA A 533 -23.21 -1.32 -12.94
N GLN A 534 -23.44 -0.78 -11.76
CA GLN A 534 -23.28 -1.57 -10.54
C GLN A 534 -24.32 -2.69 -10.52
N VAL A 535 -23.92 -3.85 -10.03
CA VAL A 535 -24.83 -4.98 -9.91
C VAL A 535 -25.28 -5.12 -8.47
N THR A 536 -26.59 -5.31 -8.28
CA THR A 536 -27.18 -5.44 -6.94
C THR A 536 -28.08 -6.66 -6.82
N SER A 537 -28.11 -7.51 -7.81
CA SER A 537 -29.16 -8.52 -7.94
C SER A 537 -28.85 -9.83 -7.21
N HIS A 538 -27.68 -9.96 -6.60
CA HIS A 538 -27.26 -11.17 -5.92
C HIS A 538 -27.04 -10.88 -4.44
N ASP A 539 -26.49 -11.87 -3.75
CA ASP A 539 -25.96 -11.68 -2.42
C ASP A 539 -24.83 -10.64 -2.45
N ALA A 540 -24.52 -10.11 -1.27
CA ALA A 540 -23.59 -8.99 -1.18
C ALA A 540 -22.20 -9.37 -1.66
N SER A 541 -21.78 -10.63 -1.47
CA SER A 541 -20.45 -11.04 -1.93
C SER A 541 -20.38 -11.11 -3.44
N THR A 542 -21.31 -11.81 -4.07
CA THR A 542 -21.31 -11.86 -5.53
C THR A 542 -21.37 -10.45 -6.13
N ASN A 543 -22.25 -9.58 -5.58
CA ASN A 543 -22.32 -8.21 -6.05
C ASN A 543 -20.97 -7.50 -5.88
N GLY A 544 -20.36 -7.63 -4.71
CA GLY A 544 -19.11 -6.93 -4.45
C GLY A 544 -18.01 -7.38 -5.38
N LEU A 545 -17.96 -8.70 -5.62
CA LEU A 545 -16.98 -9.25 -6.56
C LEU A 545 -17.20 -8.70 -7.97
N ILE A 546 -18.45 -8.71 -8.44
CA ILE A 546 -18.73 -8.16 -9.77
C ILE A 546 -18.30 -6.71 -9.83
N ASN A 547 -18.66 -5.94 -8.82
CA ASN A 547 -18.38 -4.51 -8.86
C ASN A 547 -16.88 -4.22 -8.80
N PHE A 548 -16.11 -5.06 -8.08
CA PHE A 548 -14.65 -4.95 -8.12
C PHE A 548 -14.10 -5.29 -9.51
N ILE A 549 -14.62 -6.36 -10.14
CA ILE A 549 -14.25 -6.69 -11.51
C ILE A 549 -14.49 -5.50 -12.43
N LYS A 550 -15.66 -4.86 -12.34
CA LYS A 550 -15.96 -3.73 -13.21
C LYS A 550 -15.03 -2.55 -12.95
N GLN A 551 -14.66 -2.34 -11.68
CA GLN A 551 -13.75 -1.24 -11.35
C GLN A 551 -12.36 -1.50 -11.92
N GLN A 552 -11.89 -2.74 -11.81
CA GLN A 552 -10.53 -3.09 -12.20
C GLN A 552 -10.35 -3.37 -13.68
N ARG A 553 -11.44 -3.52 -14.42
CA ARG A 553 -11.42 -3.80 -15.86
C ARG A 553 -10.55 -2.82 -16.62
N GLU A 554 -10.63 -1.56 -16.24
CA GLU A 554 -9.95 -0.46 -16.93
C GLU A 554 -8.88 0.19 -16.05
N ALA A 555 -8.28 -0.60 -15.17
CA ALA A 555 -7.12 -0.16 -14.43
C ALA A 555 -5.89 -0.43 -15.27
N ARG A 556 -4.98 0.52 -15.34
CA ARG A 556 -3.83 0.33 -16.21
C ARG A 556 -2.72 -0.21 -15.34
N ALA B 2 -0.29 -30.38 24.22
CA ALA B 2 0.26 -29.51 23.16
C ALA B 2 -0.15 -28.07 23.47
N ALA B 3 0.64 -27.13 22.98
CA ALA B 3 0.39 -25.73 23.33
C ALA B 3 -0.97 -25.27 22.84
N LEU B 4 -1.34 -25.59 21.59
CA LEU B 4 -2.58 -25.03 21.07
C LEU B 4 -3.77 -25.45 21.94
N THR B 5 -3.80 -26.73 22.30
CA THR B 5 -4.92 -27.28 23.04
C THR B 5 -5.05 -26.66 24.42
N ARG B 6 -3.93 -26.24 25.01
CA ARG B 6 -3.95 -25.62 26.32
C ARG B 6 -4.19 -24.12 26.27
N ASP B 7 -4.30 -23.54 25.09
CA ASP B 7 -4.44 -22.10 24.97
C ASP B 7 -5.87 -21.70 25.29
N PRO B 8 -6.09 -20.76 26.21
CA PRO B 8 -7.46 -20.39 26.58
C PRO B 8 -8.25 -19.78 25.43
N GLN B 9 -7.59 -19.08 24.51
CA GLN B 9 -8.33 -18.53 23.38
C GLN B 9 -8.79 -19.64 22.43
N PHE B 10 -7.97 -20.67 22.27
CA PHE B 10 -8.41 -21.80 21.46
C PHE B 10 -9.60 -22.50 22.10
N GLN B 11 -9.55 -22.65 23.42
CA GLN B 11 -10.66 -23.29 24.11
C GLN B 11 -11.94 -22.50 23.95
N LYS B 12 -11.84 -21.17 24.01
CA LYS B 12 -13.04 -20.36 23.84
C LYS B 12 -13.59 -20.53 22.43
N LEU B 13 -12.71 -20.62 21.44
CA LEU B 13 -13.13 -20.85 20.06
C LEU B 13 -13.83 -22.20 19.93
N GLN B 14 -13.27 -23.24 20.54
CA GLN B 14 -13.90 -24.56 20.49
C GLN B 14 -15.26 -24.53 21.15
N GLN B 15 -15.36 -23.84 22.28
CA GLN B 15 -16.62 -23.81 23.02
C GLN B 15 -17.69 -23.10 22.22
N TRP B 16 -17.29 -22.02 21.55
CA TRP B 16 -18.25 -21.28 20.74
C TRP B 16 -18.73 -22.14 19.58
N TYR B 17 -17.80 -22.88 18.95
CA TYR B 17 -18.16 -23.73 17.83
C TYR B 17 -19.20 -24.75 18.23
N ARG B 18 -19.00 -25.39 19.39
CA ARG B 18 -19.93 -26.43 19.85
C ARG B 18 -21.28 -25.84 20.17
N GLU B 19 -21.31 -24.58 20.64
CA GLU B 19 -22.57 -23.96 21.03
C GLU B 19 -23.32 -23.35 19.85
N HIS B 20 -22.59 -22.85 18.84
CA HIS B 20 -23.18 -22.01 17.80
C HIS B 20 -23.07 -22.59 16.40
N ARG B 21 -22.42 -23.74 16.22
CA ARG B 21 -22.17 -24.28 14.89
C ARG B 21 -23.44 -24.34 14.07
N SER B 22 -24.55 -24.74 14.69
CA SER B 22 -25.82 -24.93 13.99
C SER B 22 -26.44 -23.63 13.50
N GLU B 23 -25.96 -22.48 13.95
CA GLU B 23 -26.46 -21.19 13.49
C GLU B 23 -25.67 -20.61 12.33
N LEU B 24 -24.66 -21.32 11.85
CA LEU B 24 -23.82 -20.79 10.78
C LEU B 24 -24.39 -21.28 9.46
N ASN B 25 -25.32 -20.52 8.89
CA ASN B 25 -25.87 -20.78 7.56
C ASN B 25 -25.65 -19.54 6.71
N LEU B 26 -24.95 -19.72 5.58
CA LEU B 26 -24.52 -18.56 4.80
C LEU B 26 -25.70 -17.80 4.19
N ARG B 27 -26.74 -18.50 3.70
CA ARG B 27 -27.91 -17.75 3.24
C ARG B 27 -28.44 -16.82 4.31
N ARG B 28 -28.65 -17.35 5.52
CA ARG B 28 -29.20 -16.53 6.59
C ARG B 28 -28.25 -15.41 6.97
N LEU B 29 -26.95 -15.68 6.97
CA LEU B 29 -26.00 -14.63 7.34
C LEU B 29 -26.07 -13.48 6.35
N PHE B 30 -26.06 -13.78 5.05
CA PHE B 30 -26.13 -12.73 4.04
C PHE B 30 -27.49 -12.03 4.03
N ASP B 31 -28.57 -12.77 4.32
CA ASP B 31 -29.90 -12.17 4.43
C ASP B 31 -30.00 -11.21 5.60
N ALA B 32 -29.31 -11.47 6.70
CA ALA B 32 -29.42 -10.63 7.89
C ALA B 32 -28.46 -9.46 7.91
N ASN B 33 -27.43 -9.44 7.06
CA ASN B 33 -26.40 -8.41 7.13
C ASN B 33 -26.08 -7.94 5.71
N LYS B 34 -26.69 -6.82 5.33
CA LYS B 34 -26.44 -6.23 4.02
C LYS B 34 -25.00 -5.79 3.87
N ASP B 35 -24.29 -5.53 4.97
CA ASP B 35 -22.90 -5.11 4.90
C ASP B 35 -21.93 -6.26 5.09
N ARG B 36 -22.37 -7.49 4.90
CA ARG B 36 -21.48 -8.63 5.13
C ARG B 36 -20.25 -8.60 4.22
N PHE B 37 -20.40 -8.29 2.94
CA PHE B 37 -19.23 -8.25 2.08
C PHE B 37 -18.24 -7.18 2.53
N ASN B 38 -18.73 -6.00 2.89
CA ASN B 38 -17.80 -4.95 3.30
C ASN B 38 -17.11 -5.31 4.62
N HIS B 39 -17.79 -5.97 5.53
CA HIS B 39 -17.14 -6.30 6.80
C HIS B 39 -16.22 -7.51 6.69
N PHE B 40 -16.40 -8.37 5.69
CA PHE B 40 -15.60 -9.59 5.60
C PHE B 40 -14.82 -9.65 4.30
N SER B 41 -14.21 -8.55 3.92
CA SER B 41 -13.33 -8.50 2.78
C SER B 41 -12.22 -7.49 3.03
N LEU B 42 -11.14 -7.67 2.30
CA LEU B 42 -9.96 -6.83 2.41
C LEU B 42 -9.54 -6.41 1.00
N THR B 43 -9.29 -5.12 0.79
CA THR B 43 -8.75 -4.67 -0.48
C THR B 43 -7.35 -4.12 -0.24
N LEU B 44 -6.40 -4.65 -1.00
CA LEU B 44 -5.00 -4.24 -0.97
C LEU B 44 -4.68 -3.53 -2.28
N ASN B 45 -4.04 -2.39 -2.17
CA ASN B 45 -3.49 -1.71 -3.33
C ASN B 45 -1.98 -1.82 -3.24
N THR B 46 -1.40 -2.64 -4.11
CA THR B 46 0.04 -2.87 -4.11
C THR B 46 0.78 -1.79 -4.88
N ASN B 47 0.05 -0.89 -5.54
CA ASN B 47 0.55 0.09 -6.51
C ASN B 47 0.89 -0.54 -7.86
N HIS B 48 0.78 -1.89 -7.96
CA HIS B 48 1.03 -2.68 -9.16
C HIS B 48 -0.14 -3.61 -9.39
N GLY B 49 -1.29 -3.21 -8.92
CA GLY B 49 -2.52 -3.98 -9.03
C GLY B 49 -3.17 -4.07 -7.69
N HIS B 50 -4.49 -4.22 -7.71
CA HIS B 50 -5.25 -4.44 -6.49
C HIS B 50 -5.48 -5.92 -6.28
N ILE B 51 -5.69 -6.28 -5.00
CA ILE B 51 -6.07 -7.62 -4.58
C ILE B 51 -7.27 -7.50 -3.65
N LEU B 52 -8.36 -8.13 -4.03
CA LEU B 52 -9.54 -8.27 -3.19
C LEU B 52 -9.54 -9.68 -2.62
N VAL B 53 -9.42 -9.77 -1.29
CA VAL B 53 -9.55 -11.03 -0.57
C VAL B 53 -10.94 -10.99 0.05
N ASP B 54 -11.89 -11.68 -0.58
CA ASP B 54 -13.28 -11.70 -0.14
C ASP B 54 -13.48 -12.99 0.65
N TYR B 55 -13.54 -12.87 1.98
CA TYR B 55 -13.72 -14.02 2.86
C TYR B 55 -15.12 -14.04 3.46
N SER B 56 -16.07 -13.38 2.79
CA SER B 56 -17.41 -13.25 3.32
C SER B 56 -18.24 -14.51 3.18
N LYS B 57 -17.91 -15.40 2.21
CA LYS B 57 -18.63 -16.66 2.05
C LYS B 57 -18.05 -17.74 2.93
N ASN B 58 -17.49 -17.38 4.08
CA ASN B 58 -17.01 -18.32 5.07
C ASN B 58 -17.98 -18.39 6.24
N LEU B 59 -17.95 -19.53 6.94
CA LEU B 59 -18.87 -19.80 8.06
C LEU B 59 -18.34 -19.11 9.30
N VAL B 60 -18.38 -17.79 9.25
CA VAL B 60 -17.82 -16.96 10.31
C VAL B 60 -18.75 -15.79 10.57
N THR B 61 -18.65 -15.27 11.78
CA THR B 61 -19.29 -14.02 12.17
C THR B 61 -18.23 -13.10 12.74
N GLU B 62 -18.63 -11.88 13.08
CA GLU B 62 -17.71 -10.95 13.72
C GLU B 62 -17.07 -11.54 14.98
N ASP B 63 -17.84 -12.22 15.80
CA ASP B 63 -17.25 -12.80 17.01
C ASP B 63 -16.22 -13.87 16.69
N VAL B 64 -16.49 -14.73 15.70
CA VAL B 64 -15.52 -15.75 15.33
C VAL B 64 -14.21 -15.09 14.93
N MET B 65 -14.30 -14.07 14.09
CA MET B 65 -13.08 -13.42 13.60
C MET B 65 -12.34 -12.79 14.77
N ARG B 66 -13.08 -12.23 15.72
CA ARG B 66 -12.44 -11.60 16.88
C ARG B 66 -11.72 -12.66 17.71
N MET B 67 -12.38 -13.81 17.92
CA MET B 67 -11.75 -14.88 18.66
C MET B 67 -10.53 -15.41 17.93
N LEU B 68 -10.60 -15.47 16.60
CA LEU B 68 -9.46 -16.00 15.85
C LEU B 68 -8.28 -15.05 15.94
N VAL B 69 -8.53 -13.74 15.87
CA VAL B 69 -7.42 -12.81 16.02
C VAL B 69 -6.84 -12.87 17.42
N ASP B 70 -7.70 -13.03 18.42
CA ASP B 70 -7.24 -13.20 19.79
C ASP B 70 -6.36 -14.44 19.92
N LEU B 71 -6.71 -15.51 19.20
CA LEU B 71 -5.87 -16.70 19.17
C LEU B 71 -4.50 -16.39 18.58
N ALA B 72 -4.46 -15.66 17.46
CA ALA B 72 -3.18 -15.31 16.86
C ALA B 72 -2.34 -14.51 17.85
N LYS B 73 -2.95 -13.58 18.59
CA LYS B 73 -2.19 -12.84 19.60
C LYS B 73 -1.70 -13.76 20.71
N SER B 74 -2.58 -14.61 21.24
CA SER B 74 -2.22 -15.49 22.34
C SER B 74 -1.13 -16.48 21.94
N ARG B 75 -1.13 -16.94 20.69
CA ARG B 75 -0.08 -17.84 20.23
C ARG B 75 1.21 -17.14 19.79
N GLY B 76 1.29 -15.81 19.90
CA GLY B 76 2.54 -15.12 19.66
C GLY B 76 2.93 -15.02 18.20
N VAL B 77 1.95 -14.85 17.32
CA VAL B 77 2.22 -14.75 15.88
C VAL B 77 3.14 -13.58 15.56
N GLU B 78 2.86 -12.40 16.12
CA GLU B 78 3.66 -11.23 15.74
C GLU B 78 5.11 -11.36 16.20
N ALA B 79 5.34 -11.86 17.41
CA ALA B 79 6.71 -12.02 17.89
C ALA B 79 7.47 -13.05 17.06
N ALA B 80 6.81 -14.14 16.68
CA ALA B 80 7.45 -15.12 15.83
C ALA B 80 7.81 -14.53 14.48
N ARG B 81 6.87 -13.76 13.88
CA ARG B 81 7.16 -13.08 12.63
C ARG B 81 8.43 -12.24 12.75
N GLU B 82 8.54 -11.48 13.84
CA GLU B 82 9.72 -10.64 14.00
C GLU B 82 10.97 -11.47 14.09
N ARG B 83 10.90 -12.62 14.77
CA ARG B 83 12.08 -13.48 14.82
C ARG B 83 12.49 -13.92 13.43
N MET B 84 11.52 -14.26 12.58
CA MET B 84 11.87 -14.72 11.23
C MET B 84 12.58 -13.59 10.46
N PHE B 85 11.96 -12.40 10.44
CA PHE B 85 12.49 -11.28 9.67
C PHE B 85 13.82 -10.78 10.22
N ASN B 86 14.09 -11.00 11.49
CA ASN B 86 15.33 -10.55 12.11
C ASN B 86 16.46 -11.56 12.03
N GLY B 87 16.23 -12.72 11.42
CA GLY B 87 17.30 -13.66 11.21
C GLY B 87 17.57 -14.59 12.36
N GLU B 88 16.64 -14.70 13.30
CA GLU B 88 16.83 -15.63 14.40
C GLU B 88 16.60 -17.05 13.91
N LYS B 89 17.10 -18.01 14.68
CA LYS B 89 17.17 -19.39 14.20
C LYS B 89 15.89 -20.12 14.54
N ILE B 90 14.80 -19.69 13.87
CA ILE B 90 13.47 -20.22 14.18
C ILE B 90 13.23 -21.61 13.61
N ASN B 91 14.09 -22.08 12.71
CA ASN B 91 14.07 -23.49 12.30
C ASN B 91 14.87 -24.22 13.38
N TYR B 92 14.18 -24.53 14.48
CA TYR B 92 14.88 -24.89 15.70
C TYR B 92 15.38 -26.33 15.74
N THR B 93 14.80 -27.24 14.95
CA THR B 93 15.33 -28.60 14.93
C THR B 93 16.64 -28.67 14.15
N GLU B 94 16.84 -27.77 13.18
CA GLU B 94 18.04 -27.73 12.36
C GLU B 94 19.01 -26.63 12.73
N GLY B 95 18.64 -25.76 13.67
CA GLY B 95 19.49 -24.66 14.10
C GLY B 95 19.73 -23.64 13.01
N ARG B 96 18.70 -23.29 12.25
CA ARG B 96 18.85 -22.47 11.07
C ARG B 96 17.93 -21.26 11.12
N ALA B 97 18.42 -20.20 10.50
CA ALA B 97 17.54 -19.05 10.20
C ALA B 97 16.58 -19.43 9.07
N VAL B 98 15.57 -18.61 8.84
CA VAL B 98 14.54 -18.86 7.83
C VAL B 98 14.40 -17.52 7.11
N LEU B 99 15.07 -17.37 5.97
CA LEU B 99 15.25 -16.03 5.40
C LEU B 99 14.99 -16.00 3.89
N HIS B 100 13.95 -16.68 3.42
CA HIS B 100 13.47 -16.38 2.07
C HIS B 100 13.07 -14.91 1.92
N VAL B 101 12.68 -14.23 3.01
CA VAL B 101 12.34 -12.81 2.90
C VAL B 101 13.59 -11.97 2.57
N ALA B 102 14.80 -12.45 2.89
CA ALA B 102 16.01 -11.72 2.56
C ALA B 102 16.31 -11.82 1.07
N LEU B 103 15.94 -12.93 0.44
CA LEU B 103 16.22 -13.10 -0.98
C LEU B 103 15.55 -12.02 -1.82
N ARG B 104 14.38 -11.53 -1.38
CA ARG B 104 13.60 -10.54 -2.11
C ARG B 104 13.58 -9.19 -1.38
N ASN B 105 14.56 -8.96 -0.51
CA ASN B 105 14.62 -7.72 0.29
C ASN B 105 15.18 -6.59 -0.57
N ARG B 106 14.30 -6.03 -1.42
CA ARG B 106 14.72 -5.00 -2.34
C ARG B 106 15.13 -3.73 -1.62
N SER B 107 14.66 -3.54 -0.38
CA SER B 107 15.02 -2.36 0.40
C SER B 107 16.46 -2.41 0.86
N ASN B 108 17.04 -3.59 0.91
CA ASN B 108 18.41 -3.81 1.32
C ASN B 108 18.69 -3.45 2.77
N THR B 109 17.67 -3.36 3.61
CA THR B 109 17.92 -3.16 5.03
C THR B 109 18.70 -4.35 5.57
N PRO B 110 19.67 -4.16 6.46
CA PRO B 110 20.51 -5.30 6.84
C PRO B 110 19.69 -6.35 7.57
N ILE B 111 20.03 -7.62 7.31
CA ILE B 111 19.49 -8.76 8.04
C ILE B 111 20.68 -9.60 8.47
N LEU B 112 20.90 -9.69 9.76
CA LEU B 112 22.08 -10.35 10.30
C LEU B 112 21.82 -11.80 10.65
N VAL B 113 22.77 -12.65 10.25
CA VAL B 113 22.83 -14.05 10.68
C VAL B 113 24.22 -14.23 11.25
N ASP B 114 24.29 -14.66 12.51
CA ASP B 114 25.56 -14.87 13.21
C ASP B 114 26.46 -13.66 13.11
N GLY B 115 25.85 -12.48 13.19
CA GLY B 115 26.55 -11.22 13.23
C GLY B 115 27.00 -10.64 11.92
N LYS B 116 26.54 -11.17 10.78
CA LYS B 116 26.95 -10.68 9.47
C LYS B 116 25.72 -10.44 8.59
N ASP B 117 25.66 -9.28 7.94
CA ASP B 117 24.55 -8.98 7.03
C ASP B 117 24.59 -9.92 5.83
N VAL B 118 23.44 -10.58 5.56
CA VAL B 118 23.35 -11.48 4.42
C VAL B 118 23.10 -10.75 3.10
N MET B 119 22.69 -9.49 3.12
CA MET B 119 22.27 -8.85 1.87
C MET B 119 23.40 -8.71 0.86
N PRO B 120 24.63 -8.38 1.26
CA PRO B 120 25.68 -8.28 0.23
C PRO B 120 25.84 -9.57 -0.58
N GLU B 121 25.76 -10.73 0.06
CA GLU B 121 25.88 -11.97 -0.69
C GLU B 121 24.62 -12.27 -1.50
N VAL B 122 23.43 -12.00 -0.94
CA VAL B 122 22.21 -12.09 -1.73
C VAL B 122 22.37 -11.30 -3.02
N ASN B 123 22.81 -10.05 -2.90
CA ASN B 123 22.90 -9.18 -4.07
C ASN B 123 24.04 -9.55 -4.99
N LYS B 124 25.12 -10.08 -4.46
CA LYS B 124 26.19 -10.53 -5.33
C LYS B 124 25.68 -11.65 -6.26
N VAL B 125 24.91 -12.58 -5.71
CA VAL B 125 24.38 -13.65 -6.56
C VAL B 125 23.37 -13.13 -7.56
N LEU B 126 22.46 -12.24 -7.11
CA LEU B 126 21.54 -11.61 -8.04
C LEU B 126 22.28 -10.92 -9.20
N ASP B 127 23.34 -10.15 -8.89
CA ASP B 127 24.11 -9.54 -9.96
C ASP B 127 24.72 -10.57 -10.90
N LYS B 128 25.17 -11.70 -10.36
CA LYS B 128 25.75 -12.74 -11.21
C LYS B 128 24.66 -13.33 -12.11
N MET B 129 23.48 -13.53 -11.55
CA MET B 129 22.34 -14.00 -12.35
C MET B 129 21.99 -13.03 -13.45
N LYS B 130 21.95 -11.74 -13.12
CA LYS B 130 21.60 -10.73 -14.12
C LYS B 130 22.59 -10.75 -15.28
N SER B 131 23.89 -10.74 -14.97
CA SER B 131 24.89 -10.74 -16.03
C SER B 131 24.79 -12.00 -16.89
N PHE B 132 24.59 -13.17 -16.26
CA PHE B 132 24.51 -14.42 -17.00
C PHE B 132 23.28 -14.44 -17.90
N CYS B 133 22.14 -14.00 -17.38
CA CYS B 133 20.92 -14.00 -18.18
C CYS B 133 21.05 -13.09 -19.39
N GLN B 134 21.68 -11.92 -19.21
CA GLN B 134 21.85 -11.03 -20.36
C GLN B 134 22.70 -11.69 -21.43
N ARG B 135 23.77 -12.38 -21.02
CA ARG B 135 24.68 -13.00 -21.97
C ARG B 135 24.00 -14.15 -22.70
N VAL B 136 23.19 -14.94 -21.98
CA VAL B 136 22.57 -16.08 -22.64
C VAL B 136 21.46 -15.59 -23.57
N ARG B 137 20.64 -14.68 -23.09
CA ARG B 137 19.47 -14.26 -23.87
C ARG B 137 19.86 -13.44 -25.11
N SER B 138 20.96 -12.69 -25.04
CA SER B 138 21.35 -11.86 -26.18
C SER B 138 22.11 -12.65 -27.23
N GLY B 139 22.51 -13.87 -26.92
CA GLY B 139 23.33 -14.64 -27.84
C GLY B 139 24.81 -14.46 -27.64
N ASP B 140 25.24 -13.69 -26.64
CA ASP B 140 26.66 -13.48 -26.43
C ASP B 140 27.35 -14.76 -25.91
N TRP B 141 26.66 -15.53 -25.07
CA TRP B 141 27.15 -16.80 -24.56
C TRP B 141 26.96 -17.87 -25.62
N LYS B 142 28.06 -18.47 -26.08
CA LYS B 142 28.01 -19.41 -27.18
C LYS B 142 28.24 -20.83 -26.70
N GLY B 143 27.62 -21.78 -27.37
CA GLY B 143 27.89 -23.18 -27.13
C GLY B 143 29.20 -23.59 -27.77
N TYR B 144 29.47 -24.90 -27.71
CA TYR B 144 30.79 -25.42 -28.06
C TYR B 144 31.07 -25.37 -29.55
N THR B 145 30.06 -25.17 -30.38
CA THR B 145 30.28 -24.97 -31.81
C THR B 145 30.00 -23.53 -32.24
N GLY B 146 29.83 -22.61 -31.29
CA GLY B 146 29.64 -21.21 -31.61
C GLY B 146 28.19 -20.78 -31.75
N LYS B 147 27.24 -21.63 -31.43
CA LYS B 147 25.85 -21.25 -31.62
C LYS B 147 25.27 -20.64 -30.35
N THR B 148 24.17 -19.91 -30.52
CA THR B 148 23.49 -19.37 -29.36
C THR B 148 22.61 -20.42 -28.69
N ILE B 149 22.30 -20.17 -27.42
CA ILE B 149 21.51 -21.11 -26.62
C ILE B 149 20.04 -20.93 -26.96
N THR B 150 19.36 -22.04 -27.32
CA THR B 150 17.94 -22.01 -27.65
C THR B 150 17.06 -22.73 -26.62
N ASP B 151 17.66 -23.55 -25.76
CA ASP B 151 16.92 -24.39 -24.82
C ASP B 151 17.68 -24.41 -23.51
N VAL B 152 16.96 -24.18 -22.41
CA VAL B 152 17.49 -24.25 -21.07
C VAL B 152 16.79 -25.39 -20.37
N ILE B 153 17.55 -26.26 -19.74
CA ILE B 153 17.00 -27.47 -19.12
C ILE B 153 17.36 -27.44 -17.64
N ASN B 154 16.34 -27.28 -16.79
CA ASN B 154 16.52 -27.32 -15.35
C ASN B 154 16.40 -28.77 -14.90
N ILE B 155 17.43 -29.24 -14.23
CA ILE B 155 17.45 -30.60 -13.66
C ILE B 155 17.45 -30.45 -12.14
N GLY B 156 16.38 -30.89 -11.51
CA GLY B 156 16.23 -30.74 -10.07
C GLY B 156 14.89 -31.34 -9.71
N ILE B 157 14.69 -31.56 -8.44
CA ILE B 157 13.44 -32.17 -7.97
C ILE B 157 12.99 -31.40 -6.72
N GLY B 158 11.70 -31.50 -6.43
CA GLY B 158 11.16 -30.91 -5.22
C GLY B 158 11.26 -29.39 -5.29
N GLY B 159 11.86 -28.79 -4.26
CA GLY B 159 12.02 -27.34 -4.21
C GLY B 159 12.88 -26.76 -5.33
N SER B 160 13.71 -27.58 -5.97
CA SER B 160 14.54 -27.15 -7.09
C SER B 160 13.82 -27.25 -8.43
N ASP B 161 12.56 -27.67 -8.45
CA ASP B 161 11.77 -27.89 -9.64
C ASP B 161 10.44 -27.15 -9.60
N LEU B 162 9.66 -27.32 -8.54
CA LEU B 162 8.24 -26.97 -8.63
C LEU B 162 8.01 -25.47 -8.74
N GLY B 163 8.78 -24.67 -8.00
CA GLY B 163 8.67 -23.22 -8.08
C GLY B 163 9.00 -22.66 -9.44
N PRO B 164 10.21 -22.91 -9.92
CA PRO B 164 10.59 -22.43 -11.26
C PRO B 164 9.66 -22.90 -12.35
N LEU B 165 9.19 -24.15 -12.29
CA LEU B 165 8.22 -24.61 -13.26
C LEU B 165 6.89 -23.84 -13.14
N MET B 166 6.34 -23.74 -11.94
CA MET B 166 5.09 -23.05 -11.76
C MET B 166 5.16 -21.61 -12.27
N VAL B 167 6.26 -20.93 -11.98
CA VAL B 167 6.39 -19.52 -12.34
C VAL B 167 6.59 -19.35 -13.84
N THR B 168 7.45 -20.16 -14.46
CA THR B 168 7.62 -20.04 -15.90
C THR B 168 6.34 -20.41 -16.65
N GLU B 169 5.56 -21.39 -16.14
CA GLU B 169 4.24 -21.64 -16.73
C GLU B 169 3.33 -20.45 -16.54
N ALA B 170 3.31 -19.87 -15.37
CA ALA B 170 2.39 -18.77 -15.07
C ALA B 170 2.76 -17.51 -15.82
N LEU B 171 4.05 -17.31 -16.12
CA LEU B 171 4.53 -16.08 -16.77
C LEU B 171 4.92 -16.29 -18.23
N LYS B 172 4.41 -17.34 -18.85
CA LYS B 172 4.72 -17.63 -20.25
C LYS B 172 4.56 -16.43 -21.18
N PRO B 173 3.57 -15.53 -21.02
CA PRO B 173 3.50 -14.36 -21.92
C PRO B 173 4.69 -13.45 -21.85
N TYR B 174 5.50 -13.55 -20.81
CA TYR B 174 6.63 -12.65 -20.63
C TYR B 174 7.93 -13.24 -21.20
N SER B 175 7.85 -14.37 -21.91
CA SER B 175 9.04 -15.09 -22.34
C SER B 175 9.42 -14.85 -23.79
N SER B 176 8.84 -13.85 -24.44
CA SER B 176 9.28 -13.49 -25.78
C SER B 176 10.77 -13.14 -25.77
N GLY B 177 11.52 -13.73 -26.69
CA GLY B 177 12.93 -13.47 -26.76
C GLY B 177 13.77 -14.31 -25.83
N GLY B 178 13.15 -15.12 -24.97
CA GLY B 178 13.87 -16.01 -24.11
C GLY B 178 13.97 -17.39 -24.72
N PRO B 179 14.95 -18.17 -24.28
CA PRO B 179 15.04 -19.57 -24.72
C PRO B 179 13.88 -20.39 -24.17
N ARG B 180 13.58 -21.50 -24.85
CA ARG B 180 12.64 -22.47 -24.30
C ARG B 180 13.20 -23.01 -22.98
N VAL B 181 12.30 -23.33 -22.03
CA VAL B 181 12.70 -23.92 -20.77
C VAL B 181 12.06 -25.30 -20.66
N TRP B 182 12.83 -26.24 -20.14
CA TRP B 182 12.43 -27.60 -19.88
C TRP B 182 12.76 -27.94 -18.42
N TYR B 183 11.91 -28.76 -17.79
CA TYR B 183 12.10 -29.18 -16.41
C TYR B 183 12.18 -30.70 -16.41
N VAL B 184 13.29 -31.23 -15.90
CA VAL B 184 13.52 -32.66 -15.73
C VAL B 184 13.65 -32.90 -14.24
N SER B 185 12.78 -33.71 -13.69
CA SER B 185 12.79 -33.88 -12.25
C SER B 185 12.72 -35.34 -11.84
N ASN B 186 11.87 -36.14 -12.50
CA ASN B 186 11.71 -37.50 -12.03
C ASN B 186 12.99 -38.30 -12.26
N ILE B 187 13.29 -39.22 -11.35
CA ILE B 187 14.36 -40.18 -11.65
C ILE B 187 13.96 -41.07 -12.80
N ASP B 188 12.65 -41.35 -12.93
CA ASP B 188 12.16 -42.17 -14.03
C ASP B 188 12.81 -41.74 -15.32
N GLY B 189 13.54 -42.68 -15.94
CA GLY B 189 14.33 -42.35 -17.12
C GLY B 189 13.54 -41.79 -18.27
N THR B 190 12.24 -42.06 -18.31
CA THR B 190 11.38 -41.44 -19.29
C THR B 190 11.60 -39.93 -19.32
N HIS B 191 11.78 -39.32 -18.17
CA HIS B 191 11.75 -37.85 -18.11
C HIS B 191 12.92 -37.25 -18.87
N ILE B 192 14.13 -37.65 -18.53
CA ILE B 192 15.29 -37.13 -19.22
C ILE B 192 15.36 -37.65 -20.65
N ALA B 193 15.03 -38.94 -20.87
CA ALA B 193 15.14 -39.51 -22.20
C ALA B 193 14.25 -38.78 -23.20
N LYS B 194 12.98 -38.56 -22.85
CA LYS B 194 12.08 -37.91 -23.82
C LYS B 194 12.46 -36.45 -24.03
N THR B 195 13.10 -35.83 -23.04
CA THR B 195 13.57 -34.45 -23.17
C THR B 195 14.80 -34.36 -24.06
N LEU B 196 15.81 -35.20 -23.78
CA LEU B 196 17.04 -35.14 -24.58
C LEU B 196 16.78 -35.43 -26.05
N ALA B 197 15.77 -36.26 -26.35
CA ALA B 197 15.47 -36.62 -27.73
C ALA B 197 15.02 -35.42 -28.55
N GLN B 198 14.62 -34.33 -27.89
CA GLN B 198 14.12 -33.14 -28.57
C GLN B 198 15.14 -31.99 -28.61
N LEU B 199 16.37 -32.23 -28.18
CA LEU B 199 17.35 -31.18 -27.97
C LEU B 199 18.57 -31.39 -28.86
N ASN B 200 19.22 -30.28 -29.18
CA ASN B 200 20.50 -30.28 -29.88
C ASN B 200 21.58 -29.95 -28.86
N PRO B 201 22.59 -30.82 -28.67
CA PRO B 201 23.66 -30.52 -27.70
C PRO B 201 24.35 -29.18 -27.93
N GLU B 202 24.44 -28.73 -29.18
CA GLU B 202 25.14 -27.50 -29.54
C GLU B 202 24.46 -26.23 -29.01
N SER B 203 23.14 -26.32 -28.68
CA SER B 203 22.40 -25.12 -28.31
C SER B 203 21.61 -25.29 -27.01
N SER B 204 21.98 -26.24 -26.17
CA SER B 204 21.27 -26.53 -24.94
C SER B 204 22.12 -26.23 -23.74
N LEU B 205 21.52 -25.57 -22.74
CA LEU B 205 22.20 -25.24 -21.50
C LEU B 205 21.47 -25.95 -20.37
N PHE B 206 22.22 -26.74 -19.61
CA PHE B 206 21.71 -27.49 -18.47
C PHE B 206 22.01 -26.77 -17.18
N ILE B 207 21.00 -26.68 -16.33
CA ILE B 207 21.09 -26.06 -15.03
C ILE B 207 20.85 -27.18 -14.02
N ILE B 208 21.87 -27.52 -13.24
CA ILE B 208 21.77 -28.59 -12.26
C ILE B 208 21.47 -27.95 -10.90
N ALA B 209 20.25 -28.15 -10.41
CA ALA B 209 19.75 -27.43 -9.23
C ALA B 209 19.58 -28.39 -8.06
N SER B 210 20.39 -28.21 -7.04
CA SER B 210 20.24 -29.02 -5.83
C SER B 210 20.85 -28.33 -4.62
N LYS B 211 20.05 -28.17 -3.57
CA LYS B 211 20.53 -27.45 -2.40
C LYS B 211 21.82 -28.07 -1.85
N THR B 212 21.82 -29.39 -1.60
CA THR B 212 23.04 -30.05 -1.10
C THR B 212 23.91 -30.58 -2.23
N PHE B 213 23.33 -30.75 -3.43
CA PHE B 213 24.03 -31.36 -4.56
C PHE B 213 24.36 -32.82 -4.30
N THR B 214 23.53 -33.48 -3.51
CA THR B 214 23.65 -34.90 -3.31
C THR B 214 22.37 -35.64 -3.61
N THR B 215 21.32 -34.94 -3.97
CA THR B 215 20.06 -35.62 -4.26
C THR B 215 20.32 -36.64 -5.36
N GLN B 216 19.99 -37.89 -5.04
CA GLN B 216 20.30 -38.97 -5.95
C GLN B 216 19.63 -38.74 -7.30
N GLU B 217 18.35 -38.35 -7.29
CA GLU B 217 17.64 -38.20 -8.56
C GLU B 217 18.33 -37.16 -9.43
N THR B 218 18.67 -36.02 -8.83
CA THR B 218 19.20 -34.90 -9.62
C THR B 218 20.59 -35.21 -10.15
N ILE B 219 21.47 -35.77 -9.31
CA ILE B 219 22.81 -36.07 -9.79
C ILE B 219 22.78 -37.18 -10.83
N THR B 220 21.90 -38.16 -10.68
CA THR B 220 21.79 -39.20 -11.71
C THR B 220 21.32 -38.61 -13.03
N ASN B 221 20.25 -37.80 -12.98
CA ASN B 221 19.81 -37.14 -14.20
C ASN B 221 20.91 -36.27 -14.80
N ALA B 222 21.66 -35.55 -13.95
CA ALA B 222 22.72 -34.66 -14.44
C ALA B 222 23.82 -35.44 -15.12
N GLU B 223 24.17 -36.60 -14.55
CA GLU B 223 25.19 -37.46 -15.15
C GLU B 223 24.71 -38.01 -16.48
N THR B 224 23.44 -38.42 -16.57
CA THR B 224 22.91 -38.86 -17.84
C THR B 224 22.96 -37.76 -18.88
N ALA B 225 22.59 -36.53 -18.51
CA ALA B 225 22.67 -35.43 -19.46
C ALA B 225 24.10 -35.15 -19.90
N LYS B 226 25.03 -35.14 -18.95
CA LYS B 226 26.43 -34.91 -19.30
C LYS B 226 26.95 -36.02 -20.22
N GLU B 227 26.59 -37.27 -19.96
CA GLU B 227 27.03 -38.36 -20.85
C GLU B 227 26.50 -38.14 -22.27
N TRP B 228 25.21 -37.75 -22.38
CA TRP B 228 24.63 -37.49 -23.70
C TRP B 228 25.34 -36.34 -24.37
N PHE B 229 25.64 -35.31 -23.60
CA PHE B 229 26.28 -34.14 -24.19
C PHE B 229 27.67 -34.47 -24.68
N LEU B 230 28.45 -35.21 -23.88
CA LEU B 230 29.82 -35.54 -24.29
C LEU B 230 29.87 -36.56 -25.43
N GLN B 231 28.83 -37.36 -25.65
CA GLN B 231 28.81 -38.23 -26.83
C GLN B 231 28.84 -37.41 -28.10
N ALA B 232 28.25 -36.22 -28.08
CA ALA B 232 28.31 -35.30 -29.22
C ALA B 232 29.54 -34.42 -29.19
N ALA B 233 29.88 -33.86 -28.04
CA ALA B 233 30.92 -32.84 -27.95
C ALA B 233 32.32 -33.40 -27.76
N LYS B 234 32.40 -34.57 -27.11
CA LYS B 234 33.60 -35.34 -26.80
C LYS B 234 34.55 -34.65 -25.82
N ASP B 235 34.72 -33.34 -25.95
CA ASP B 235 35.82 -32.66 -25.29
C ASP B 235 35.35 -32.22 -23.91
N PRO B 236 35.95 -32.70 -22.82
CA PRO B 236 35.40 -32.36 -21.50
C PRO B 236 35.37 -30.87 -21.18
N SER B 237 36.18 -30.05 -21.83
CA SER B 237 36.14 -28.62 -21.55
C SER B 237 34.88 -27.95 -22.09
N ALA B 238 34.18 -28.59 -23.02
CA ALA B 238 32.93 -28.02 -23.50
C ALA B 238 31.83 -28.04 -22.45
N VAL B 239 31.98 -28.85 -21.39
CA VAL B 239 30.94 -28.88 -20.36
C VAL B 239 30.76 -27.50 -19.75
N ALA B 240 31.83 -26.71 -19.66
CA ALA B 240 31.74 -25.43 -18.98
C ALA B 240 30.91 -24.43 -19.78
N LYS B 241 30.66 -24.70 -21.04
CA LYS B 241 29.81 -23.84 -21.86
C LYS B 241 28.35 -24.29 -21.86
N HIS B 242 28.03 -25.45 -21.27
CA HIS B 242 26.70 -26.02 -21.34
C HIS B 242 26.11 -26.48 -20.04
N PHE B 243 26.83 -26.38 -18.93
CA PHE B 243 26.33 -26.83 -17.63
C PHE B 243 26.66 -25.79 -16.57
N VAL B 244 25.66 -25.38 -15.78
CA VAL B 244 25.85 -24.52 -14.64
C VAL B 244 25.14 -25.19 -13.45
N ALA B 245 25.49 -24.76 -12.24
CA ALA B 245 24.96 -25.34 -11.03
C ALA B 245 24.33 -24.26 -10.15
N LEU B 246 23.23 -24.65 -9.47
CA LEU B 246 22.63 -23.87 -8.40
C LEU B 246 22.68 -24.69 -7.12
N SER B 247 23.44 -24.26 -6.13
CA SER B 247 23.58 -25.09 -4.95
C SER B 247 24.11 -24.26 -3.79
N THR B 248 24.10 -24.88 -2.60
CA THR B 248 24.86 -24.38 -1.45
C THR B 248 26.21 -25.07 -1.29
N ASN B 249 26.51 -26.12 -2.06
CA ASN B 249 27.66 -26.98 -1.77
C ASN B 249 28.71 -26.79 -2.85
N THR B 250 29.60 -25.81 -2.67
CA THR B 250 30.65 -25.54 -3.63
C THR B 250 31.50 -26.78 -3.91
N THR B 251 31.79 -27.56 -2.86
CA THR B 251 32.67 -28.72 -3.00
C THR B 251 32.04 -29.80 -3.87
N LYS B 252 30.77 -30.14 -3.62
CA LYS B 252 30.14 -31.19 -4.41
C LYS B 252 29.95 -30.75 -5.86
N VAL B 253 29.69 -29.46 -6.10
CA VAL B 253 29.56 -28.97 -7.46
C VAL B 253 30.89 -29.11 -8.20
N LYS B 254 32.00 -28.78 -7.55
CA LYS B 254 33.29 -28.94 -8.21
C LYS B 254 33.61 -30.42 -8.45
N GLU B 255 33.30 -31.29 -7.47
CA GLU B 255 33.47 -32.73 -7.67
C GLU B 255 32.68 -33.24 -8.88
N PHE B 256 31.51 -32.65 -9.16
CA PHE B 256 30.76 -33.04 -10.36
C PHE B 256 31.46 -32.61 -11.65
N GLY B 257 32.34 -31.64 -11.59
CA GLY B 257 33.03 -31.16 -12.76
C GLY B 257 32.45 -29.94 -13.46
N ILE B 258 31.76 -29.05 -12.72
CA ILE B 258 31.26 -27.78 -13.29
C ILE B 258 32.23 -26.67 -12.90
N ASP B 259 32.47 -25.71 -13.81
CA ASP B 259 33.42 -24.61 -13.55
C ASP B 259 32.98 -23.83 -12.31
N PRO B 260 33.88 -23.52 -11.37
CA PRO B 260 33.47 -22.68 -10.22
C PRO B 260 32.79 -21.37 -10.60
N GLN B 261 33.21 -20.73 -11.68
CA GLN B 261 32.51 -19.53 -12.11
C GLN B 261 31.11 -19.82 -12.64
N ASN B 262 30.73 -21.09 -12.78
CA ASN B 262 29.38 -21.44 -13.22
C ASN B 262 28.48 -21.87 -12.06
N MET B 263 28.84 -21.55 -10.83
CA MET B 263 28.01 -21.92 -9.69
C MET B 263 27.29 -20.70 -9.13
N PHE B 264 25.97 -20.81 -9.02
CA PHE B 264 25.15 -19.76 -8.45
C PHE B 264 24.72 -20.22 -7.06
N GLU B 265 25.17 -19.51 -6.04
CA GLU B 265 25.11 -19.97 -4.66
C GLU B 265 23.81 -19.54 -3.98
N PHE B 266 23.38 -20.36 -3.02
CA PHE B 266 22.39 -19.95 -2.04
C PHE B 266 22.84 -20.51 -0.69
N TRP B 267 21.96 -20.45 0.33
CA TRP B 267 22.37 -20.56 1.71
C TRP B 267 21.46 -21.50 2.48
N ASP B 268 21.94 -21.94 3.65
CA ASP B 268 21.21 -22.92 4.45
C ASP B 268 19.85 -22.42 4.88
N TRP B 269 19.68 -21.10 5.05
CA TRP B 269 18.44 -20.52 5.53
C TRP B 269 17.41 -20.29 4.45
N VAL B 270 17.69 -20.78 3.24
CA VAL B 270 16.72 -20.84 2.15
C VAL B 270 16.19 -22.26 2.10
N GLY B 271 14.97 -22.47 2.53
CA GLY B 271 14.39 -23.81 2.40
C GLY B 271 14.08 -24.09 0.95
N GLY B 272 14.20 -25.37 0.55
CA GLY B 272 13.96 -25.69 -0.85
C GLY B 272 12.59 -25.25 -1.34
N ARG B 273 11.56 -25.51 -0.56
CA ARG B 273 10.20 -25.12 -0.91
C ARG B 273 9.95 -23.62 -0.78
N TYR B 274 10.96 -22.83 -0.38
CA TYR B 274 10.95 -21.38 -0.35
C TYR B 274 12.08 -20.80 -1.19
N SER B 275 12.54 -21.53 -2.22
CA SER B 275 13.83 -21.23 -2.84
C SER B 275 13.71 -20.58 -4.22
N LEU B 276 12.53 -20.45 -4.80
CA LEU B 276 12.47 -19.93 -6.16
C LEU B 276 12.98 -18.50 -6.25
N TRP B 277 13.02 -17.79 -5.12
CA TRP B 277 13.45 -16.40 -5.02
C TRP B 277 14.95 -16.27 -5.06
N SER B 278 15.67 -17.40 -4.97
CA SER B 278 17.12 -17.43 -4.89
C SER B 278 17.73 -17.75 -6.26
N ALA B 279 19.00 -18.16 -6.27
CA ALA B 279 19.63 -18.71 -7.46
C ALA B 279 18.80 -19.80 -8.11
N ILE B 280 18.03 -20.55 -7.31
CA ILE B 280 17.15 -21.58 -7.87
C ILE B 280 16.21 -21.01 -8.93
N GLY B 281 15.91 -19.72 -8.87
CA GLY B 281 15.09 -19.09 -9.89
C GLY B 281 15.79 -18.74 -11.17
N LEU B 282 17.03 -19.22 -11.38
CA LEU B 282 17.75 -18.84 -12.59
C LEU B 282 16.97 -19.17 -13.86
N SER B 283 16.30 -20.34 -13.90
CA SER B 283 15.56 -20.65 -15.12
C SER B 283 14.40 -19.68 -15.36
N ILE B 284 13.81 -19.12 -14.30
CA ILE B 284 12.79 -18.07 -14.48
C ILE B 284 13.41 -16.87 -15.16
N ALA B 285 14.54 -16.42 -14.62
CA ALA B 285 15.19 -15.21 -15.16
C ALA B 285 15.65 -15.43 -16.59
N LEU B 286 16.17 -16.61 -16.90
CA LEU B 286 16.56 -16.85 -18.27
C LEU B 286 15.36 -16.81 -19.20
N HIS B 287 14.22 -17.36 -18.77
CA HIS B 287 13.06 -17.47 -19.66
C HIS B 287 12.32 -16.15 -19.83
N VAL B 288 12.11 -15.40 -18.74
CA VAL B 288 11.33 -14.17 -18.86
C VAL B 288 12.19 -12.93 -18.74
N GLY B 289 13.47 -13.07 -18.51
CA GLY B 289 14.39 -11.95 -18.34
C GLY B 289 14.56 -11.58 -16.87
N PHE B 290 15.75 -11.05 -16.56
CA PHE B 290 16.03 -10.72 -15.17
C PHE B 290 15.16 -9.57 -14.70
N ASP B 291 14.80 -8.64 -15.58
CA ASP B 291 13.94 -7.54 -15.13
C ASP B 291 12.60 -8.08 -14.63
N ASN B 292 12.03 -9.07 -15.31
CA ASN B 292 10.78 -9.65 -14.83
C ASN B 292 10.98 -10.46 -13.55
N PHE B 293 12.11 -11.15 -13.42
CA PHE B 293 12.44 -11.82 -12.16
C PHE B 293 12.53 -10.81 -11.03
N GLU B 294 13.16 -9.67 -11.26
CA GLU B 294 13.17 -8.62 -10.23
C GLU B 294 11.79 -8.11 -9.88
N GLN B 295 10.87 -8.05 -10.84
CA GLN B 295 9.48 -7.69 -10.50
C GLN B 295 8.81 -8.74 -9.65
N LEU B 296 9.05 -10.01 -9.95
CA LEU B 296 8.54 -11.10 -9.13
C LEU B 296 9.05 -10.93 -7.69
N LEU B 297 10.35 -10.65 -7.53
CA LEU B 297 10.90 -10.48 -6.19
C LEU B 297 10.25 -9.27 -5.50
N SER B 298 10.01 -8.22 -6.26
CA SER B 298 9.47 -6.99 -5.69
C SER B 298 8.02 -7.19 -5.22
N GLY B 299 7.25 -8.02 -5.95
CA GLY B 299 5.90 -8.36 -5.50
C GLY B 299 5.91 -9.08 -4.17
N ALA B 300 6.78 -10.09 -4.05
CA ALA B 300 6.92 -10.76 -2.78
C ALA B 300 7.32 -9.78 -1.68
N HIS B 301 8.28 -8.89 -1.98
CA HIS B 301 8.73 -7.93 -0.97
C HIS B 301 7.59 -7.03 -0.52
N TRP B 302 6.73 -6.60 -1.43
CA TRP B 302 5.56 -5.83 -1.04
C TRP B 302 4.74 -6.62 -0.04
N MET B 303 4.47 -7.89 -0.35
CA MET B 303 3.59 -8.65 0.51
C MET B 303 4.28 -8.95 1.84
N ASP B 304 5.61 -9.12 1.83
CA ASP B 304 6.33 -9.27 3.08
C ASP B 304 6.09 -8.06 3.97
N GLN B 305 6.14 -6.88 3.38
CA GLN B 305 5.97 -5.66 4.16
C GLN B 305 4.52 -5.49 4.64
N HIS B 306 3.55 -5.84 3.79
CA HIS B 306 2.15 -5.92 4.22
C HIS B 306 2.02 -6.82 5.45
N PHE B 307 2.61 -8.02 5.37
CA PHE B 307 2.51 -8.98 6.47
C PHE B 307 3.16 -8.43 7.74
N ARG B 308 4.29 -7.72 7.58
CA ARG B 308 5.02 -7.22 8.73
C ARG B 308 4.36 -6.01 9.38
N THR B 309 3.66 -5.17 8.63
CA THR B 309 3.25 -3.85 9.12
C THR B 309 1.76 -3.71 9.33
N THR B 310 0.94 -4.73 8.97
CA THR B 310 -0.50 -4.53 9.01
C THR B 310 -1.08 -5.10 10.29
N PRO B 311 -1.95 -4.37 11.00
CA PRO B 311 -2.62 -4.95 12.17
C PRO B 311 -3.28 -6.27 11.82
N LEU B 312 -3.26 -7.21 12.77
CA LEU B 312 -3.68 -8.58 12.46
C LEU B 312 -5.06 -8.65 11.81
N GLU B 313 -5.99 -7.87 12.29
CA GLU B 313 -7.37 -7.98 11.84
C GLU B 313 -7.55 -7.56 10.39
N LYS B 314 -6.54 -6.95 9.76
CA LYS B 314 -6.59 -6.47 8.39
C LYS B 314 -5.46 -7.08 7.57
N ASN B 315 -4.82 -8.15 8.06
CA ASN B 315 -3.58 -8.66 7.49
C ASN B 315 -3.90 -9.92 6.69
N ALA B 316 -3.72 -9.86 5.37
CA ALA B 316 -4.25 -10.91 4.48
C ALA B 316 -3.73 -12.31 4.80
N PRO B 317 -2.43 -12.54 4.94
CA PRO B 317 -1.97 -13.92 5.22
C PRO B 317 -2.42 -14.39 6.58
N VAL B 318 -2.54 -13.48 7.55
CA VAL B 318 -3.02 -13.86 8.88
C VAL B 318 -4.47 -14.30 8.81
N LEU B 319 -5.31 -13.53 8.11
CA LEU B 319 -6.72 -13.93 8.04
C LEU B 319 -6.92 -15.25 7.29
N LEU B 320 -6.22 -15.42 6.18
CA LEU B 320 -6.30 -16.70 5.48
C LEU B 320 -5.86 -17.84 6.40
N ALA B 321 -4.79 -17.64 7.15
CA ALA B 321 -4.31 -18.65 8.07
C ALA B 321 -5.37 -19.01 9.10
N LEU B 322 -6.04 -17.98 9.67
CA LEU B 322 -6.97 -18.19 10.75
C LEU B 322 -8.24 -18.85 10.25
N LEU B 323 -8.69 -18.52 9.05
CA LEU B 323 -9.86 -19.20 8.51
C LEU B 323 -9.54 -20.67 8.36
N GLY B 324 -8.30 -20.98 7.97
CA GLY B 324 -7.89 -22.38 7.82
C GLY B 324 -7.86 -23.10 9.16
N ILE B 325 -7.36 -22.46 10.21
CA ILE B 325 -7.40 -23.03 11.56
C ILE B 325 -8.84 -23.35 11.96
N TRP B 326 -9.73 -22.40 11.71
CA TRP B 326 -11.14 -22.63 12.03
C TRP B 326 -11.66 -23.90 11.35
N TYR B 327 -11.40 -24.05 10.06
CA TYR B 327 -11.91 -25.24 9.35
C TYR B 327 -11.18 -26.52 9.75
N ILE B 328 -9.86 -26.45 10.03
CA ILE B 328 -9.08 -27.64 10.35
C ILE B 328 -9.31 -28.09 11.79
N ASN B 329 -9.24 -27.15 12.75
CA ASN B 329 -9.24 -27.51 14.15
C ASN B 329 -10.61 -27.42 14.82
N CYS B 330 -11.58 -26.79 14.20
CA CYS B 330 -12.94 -26.84 14.71
C CYS B 330 -13.85 -27.69 13.85
N PHE B 331 -13.93 -27.44 12.53
CA PHE B 331 -14.79 -28.25 11.67
C PHE B 331 -14.18 -29.59 11.29
N GLY B 332 -12.86 -29.77 11.39
CA GLY B 332 -12.26 -31.05 11.09
C GLY B 332 -12.04 -31.36 9.63
N CYS B 333 -11.93 -30.34 8.77
CA CYS B 333 -11.78 -30.54 7.33
C CYS B 333 -10.34 -30.97 7.04
N GLU B 334 -10.18 -32.13 6.38
CA GLU B 334 -8.85 -32.65 6.10
C GLU B 334 -8.16 -31.89 4.97
N THR B 335 -8.91 -31.24 4.08
CA THR B 335 -8.33 -30.77 2.83
C THR B 335 -8.61 -29.28 2.63
N HIS B 336 -7.86 -28.74 1.68
CA HIS B 336 -7.99 -27.35 1.27
C HIS B 336 -7.78 -27.33 -0.24
N ALA B 337 -8.78 -26.91 -1.00
CA ALA B 337 -8.69 -26.88 -2.44
C ALA B 337 -8.30 -25.50 -2.93
N MET B 338 -7.37 -25.48 -3.87
CA MET B 338 -6.85 -24.26 -4.48
C MET B 338 -7.24 -24.27 -5.96
N LEU B 339 -8.09 -23.36 -6.37
CA LEU B 339 -8.79 -23.39 -7.66
C LEU B 339 -8.61 -22.08 -8.40
N PRO B 340 -7.42 -21.85 -8.98
CA PRO B 340 -7.23 -20.65 -9.82
C PRO B 340 -7.93 -20.78 -11.16
N TYR B 341 -8.72 -19.77 -11.51
CA TYR B 341 -9.41 -19.71 -12.80
C TYR B 341 -8.48 -19.06 -13.81
N ASP B 342 -7.43 -19.82 -14.14
CA ASP B 342 -6.34 -19.30 -14.93
C ASP B 342 -5.49 -20.48 -15.37
N GLN B 343 -5.50 -20.73 -16.68
CA GLN B 343 -4.75 -21.84 -17.23
C GLN B 343 -3.25 -21.68 -17.01
N TYR B 344 -2.75 -20.44 -17.06
CA TYR B 344 -1.33 -20.22 -16.77
C TYR B 344 -0.95 -20.66 -15.36
N LEU B 345 -1.87 -20.59 -14.39
CA LEU B 345 -1.68 -21.06 -13.03
C LEU B 345 -1.98 -22.55 -12.86
N HIS B 346 -1.85 -23.33 -13.92
CA HIS B 346 -2.21 -24.75 -13.81
C HIS B 346 -1.32 -25.54 -12.86
N ARG B 347 -0.12 -25.06 -12.50
CA ARG B 347 0.72 -25.75 -11.54
C ARG B 347 0.84 -25.04 -10.19
N PHE B 348 -0.07 -24.10 -9.91
CA PHE B 348 -0.06 -23.37 -8.65
C PHE B 348 -0.45 -24.26 -7.47
N ALA B 349 -1.54 -25.04 -7.62
CA ALA B 349 -1.91 -25.92 -6.52
C ALA B 349 -0.83 -26.95 -6.24
N ALA B 350 -0.22 -27.48 -7.29
CA ALA B 350 0.85 -28.46 -7.11
C ALA B 350 2.04 -27.84 -6.40
N TYR B 351 2.33 -26.57 -6.65
CA TYR B 351 3.42 -25.91 -5.93
C TYR B 351 3.11 -25.82 -4.44
N PHE B 352 1.86 -25.52 -4.10
CA PHE B 352 1.55 -25.40 -2.69
C PHE B 352 1.27 -26.73 -2.02
N GLN B 353 1.15 -27.81 -2.77
CA GLN B 353 1.24 -29.13 -2.14
C GLN B 353 2.54 -29.24 -1.40
N GLN B 354 3.66 -28.87 -2.04
CA GLN B 354 4.92 -28.88 -1.31
C GLN B 354 4.95 -27.77 -0.28
N GLY B 355 4.64 -26.54 -0.70
CA GLY B 355 4.85 -25.42 0.20
C GLY B 355 4.07 -25.55 1.49
N ASP B 356 2.83 -25.99 1.39
CA ASP B 356 1.97 -26.19 2.55
C ASP B 356 2.20 -27.55 3.22
N MET B 357 2.12 -28.65 2.48
CA MET B 357 2.08 -29.96 3.16
C MET B 357 3.44 -30.34 3.72
N GLU B 358 4.52 -29.99 3.00
CA GLU B 358 5.85 -30.31 3.55
C GLU B 358 6.22 -29.37 4.70
N SER B 359 5.65 -28.16 4.72
CA SER B 359 5.85 -27.27 5.86
C SER B 359 5.10 -27.75 7.09
N ASN B 360 3.79 -27.96 6.96
CA ASN B 360 2.91 -28.13 8.11
C ASN B 360 2.36 -29.55 8.30
N GLY B 361 2.83 -30.52 7.50
CA GLY B 361 2.53 -31.91 7.75
C GLY B 361 3.43 -32.46 8.80
N LYS B 362 3.17 -32.07 10.05
CA LYS B 362 4.08 -32.26 11.17
C LYS B 362 3.26 -32.71 12.36
N TYR B 363 3.91 -33.33 13.33
CA TYR B 363 3.20 -33.84 14.50
C TYR B 363 3.92 -33.65 15.81
N ILE B 364 5.12 -33.11 15.80
CA ILE B 364 5.86 -32.84 17.03
C ILE B 364 5.98 -31.33 17.21
N THR B 365 5.72 -30.86 18.43
CA THR B 365 5.75 -29.43 18.69
C THR B 365 7.14 -28.95 19.08
N LYS B 366 7.27 -27.64 19.30
CA LYS B 366 8.56 -27.06 19.64
C LYS B 366 9.11 -27.63 20.94
N SER B 367 8.22 -28.02 21.85
CA SER B 367 8.70 -28.57 23.12
C SER B 367 9.00 -30.07 23.03
N GLY B 368 8.79 -30.68 21.87
CA GLY B 368 8.97 -32.11 21.72
C GLY B 368 7.74 -32.93 22.02
N THR B 369 6.64 -32.28 22.36
CA THR B 369 5.40 -33.00 22.65
C THR B 369 4.66 -33.32 21.36
N ARG B 370 4.01 -34.46 21.35
CA ARG B 370 3.15 -34.83 20.23
C ARG B 370 1.90 -33.96 20.22
N VAL B 371 1.53 -33.48 19.04
CA VAL B 371 0.27 -32.75 18.91
C VAL B 371 -0.88 -33.65 19.32
N ASP B 372 -1.92 -33.04 19.88
CA ASP B 372 -3.18 -33.72 20.16
C ASP B 372 -4.30 -33.04 19.39
N HIS B 373 -3.97 -32.58 18.19
CA HIS B 373 -4.88 -31.84 17.32
C HIS B 373 -4.36 -31.98 15.91
N GLN B 374 -5.19 -31.59 14.94
CA GLN B 374 -4.82 -31.64 13.55
C GLN B 374 -3.81 -30.56 13.22
N THR B 375 -2.94 -30.85 12.28
CA THR B 375 -2.07 -29.86 11.67
C THR B 375 -2.44 -29.69 10.21
N GLY B 376 -1.44 -29.56 9.35
CA GLY B 376 -1.65 -29.13 7.99
C GLY B 376 -2.63 -29.96 7.17
N PRO B 377 -3.39 -29.32 6.26
CA PRO B 377 -4.33 -30.04 5.41
C PRO B 377 -3.69 -30.64 4.17
N ILE B 378 -4.43 -31.54 3.53
CA ILE B 378 -4.09 -31.98 2.19
C ILE B 378 -4.55 -30.92 1.20
N VAL B 379 -3.60 -30.37 0.46
CA VAL B 379 -3.87 -29.37 -0.56
C VAL B 379 -3.99 -30.05 -1.92
N TRP B 380 -4.94 -29.62 -2.72
CA TRP B 380 -5.21 -30.20 -4.03
C TRP B 380 -5.96 -29.17 -4.86
N GLY B 381 -6.13 -29.48 -6.13
CA GLY B 381 -6.91 -28.64 -7.02
C GLY B 381 -6.42 -28.70 -8.45
N GLU B 382 -7.26 -28.23 -9.35
CA GLU B 382 -6.94 -28.00 -10.75
C GLU B 382 -7.51 -26.63 -11.09
N PRO B 383 -7.02 -25.99 -12.13
CA PRO B 383 -7.53 -24.66 -12.48
C PRO B 383 -8.94 -24.76 -13.00
N GLY B 384 -9.74 -23.71 -12.72
CA GLY B 384 -11.02 -23.56 -13.40
C GLY B 384 -10.83 -23.08 -14.81
N THR B 385 -11.72 -23.46 -15.72
CA THR B 385 -12.88 -24.30 -15.45
C THR B 385 -12.65 -25.81 -15.54
N ASN B 386 -11.40 -26.24 -15.73
CA ASN B 386 -11.12 -27.68 -15.88
C ASN B 386 -11.61 -28.46 -14.66
N GLY B 387 -11.27 -27.99 -13.45
CA GLY B 387 -11.66 -28.70 -12.25
C GLY B 387 -13.15 -28.75 -12.08
N GLN B 388 -13.81 -27.71 -12.54
CA GLN B 388 -15.25 -27.61 -12.51
C GLN B 388 -15.92 -28.77 -13.25
N HIS B 389 -15.36 -29.24 -14.37
CA HIS B 389 -15.93 -30.35 -15.10
C HIS B 389 -15.35 -31.72 -14.72
N ALA B 390 -14.51 -31.77 -13.70
CA ALA B 390 -13.95 -33.02 -13.22
C ALA B 390 -14.55 -33.41 -11.87
N PHE B 391 -14.46 -32.56 -10.86
CA PHE B 391 -14.72 -32.99 -9.49
C PHE B 391 -15.68 -32.09 -8.71
N TYR B 392 -16.21 -31.04 -9.31
CA TYR B 392 -17.09 -30.18 -8.52
C TYR B 392 -18.38 -30.88 -8.13
N GLN B 393 -18.79 -31.90 -8.87
CA GLN B 393 -19.93 -32.70 -8.44
C GLN B 393 -19.81 -33.04 -6.95
N LEU B 394 -18.61 -33.52 -6.54
CA LEU B 394 -18.41 -33.92 -5.16
C LEU B 394 -18.41 -32.73 -4.22
N ILE B 395 -17.82 -31.61 -4.65
CA ILE B 395 -17.84 -30.42 -3.79
C ILE B 395 -19.29 -29.97 -3.52
N HIS B 396 -20.16 -30.05 -4.54
CA HIS B 396 -21.54 -29.58 -4.40
C HIS B 396 -22.44 -30.59 -3.72
N GLN B 397 -22.29 -31.89 -4.04
CA GLN B 397 -23.29 -32.89 -3.63
C GLN B 397 -22.66 -34.16 -3.04
N GLY B 398 -21.44 -34.11 -2.58
CA GLY B 398 -20.84 -35.19 -1.83
C GLY B 398 -21.10 -35.05 -0.35
N THR B 399 -20.26 -35.73 0.43
CA THR B 399 -20.41 -35.80 1.88
C THR B 399 -19.24 -35.14 2.63
N LYS B 400 -18.44 -34.34 1.93
CA LYS B 400 -17.22 -33.74 2.47
C LYS B 400 -17.35 -32.22 2.48
N MET B 401 -16.96 -31.62 3.60
CA MET B 401 -16.70 -30.19 3.68
C MET B 401 -15.30 -29.86 3.25
N ILE B 402 -15.19 -28.99 2.26
CA ILE B 402 -13.94 -28.70 1.56
C ILE B 402 -13.79 -27.18 1.42
N PRO B 403 -13.07 -26.51 2.31
CA PRO B 403 -12.72 -25.09 2.08
C PRO B 403 -12.02 -24.94 0.75
N CYS B 404 -12.47 -23.98 -0.06
CA CYS B 404 -11.88 -23.72 -1.37
C CYS B 404 -11.46 -22.28 -1.48
N ASP B 405 -10.27 -22.05 -2.04
CA ASP B 405 -9.85 -20.73 -2.51
C ASP B 405 -10.00 -20.66 -4.03
N PHE B 406 -10.83 -19.72 -4.47
CA PHE B 406 -11.06 -19.42 -5.87
C PHE B 406 -10.25 -18.16 -6.18
N LEU B 407 -9.39 -18.23 -7.20
CA LEU B 407 -8.53 -17.10 -7.57
C LEU B 407 -8.76 -16.74 -9.03
N ILE B 408 -8.70 -15.44 -9.35
CA ILE B 408 -8.81 -15.06 -10.76
C ILE B 408 -8.23 -13.68 -11.02
N PRO B 409 -7.59 -13.46 -12.17
CA PRO B 409 -7.27 -12.08 -12.58
C PRO B 409 -8.44 -11.43 -13.31
N VAL B 410 -8.64 -10.14 -13.04
CA VAL B 410 -9.67 -9.39 -13.73
C VAL B 410 -9.33 -9.27 -15.20
N GLN B 411 -8.08 -8.96 -15.50
CA GLN B 411 -7.61 -8.74 -16.86
C GLN B 411 -6.85 -9.97 -17.35
N THR B 412 -7.23 -10.45 -18.52
CA THR B 412 -6.60 -11.61 -19.12
C THR B 412 -5.38 -11.20 -19.94
N GLN B 413 -4.41 -12.11 -20.03
CA GLN B 413 -3.28 -11.95 -20.93
C GLN B 413 -3.69 -12.14 -22.37
N HIS B 414 -4.85 -12.76 -22.61
CA HIS B 414 -5.30 -13.07 -23.97
C HIS B 414 -6.75 -12.65 -24.17
N PRO B 415 -7.01 -11.33 -24.38
CA PRO B 415 -8.40 -10.85 -24.55
C PRO B 415 -9.01 -11.11 -25.90
N ILE B 416 -8.98 -12.38 -26.32
CA ILE B 416 -9.48 -12.79 -27.60
C ILE B 416 -11.00 -12.68 -27.69
N ARG B 417 -11.48 -12.58 -28.92
CA ARG B 417 -12.90 -12.42 -29.21
C ARG B 417 -13.54 -11.32 -28.40
N LYS B 418 -12.83 -10.21 -28.33
CA LYS B 418 -13.33 -9.00 -27.69
C LYS B 418 -13.70 -9.28 -26.25
N GLY B 419 -12.99 -10.19 -25.61
CA GLY B 419 -13.18 -10.50 -24.21
C GLY B 419 -14.21 -11.58 -23.90
N LEU B 420 -14.73 -12.27 -24.91
CA LEU B 420 -15.79 -13.25 -24.68
C LEU B 420 -15.34 -14.40 -23.77
N HIS B 421 -14.17 -14.99 -24.07
CA HIS B 421 -13.74 -16.09 -23.23
C HIS B 421 -13.60 -15.68 -21.77
N HIS B 422 -13.02 -14.50 -21.51
CA HIS B 422 -12.77 -14.11 -20.15
C HIS B 422 -14.08 -13.74 -19.45
N LYS B 423 -15.04 -13.22 -20.22
CA LYS B 423 -16.35 -12.95 -19.64
C LYS B 423 -16.99 -14.25 -19.12
N ILE B 424 -16.92 -15.31 -19.91
CA ILE B 424 -17.47 -16.59 -19.50
C ILE B 424 -16.69 -17.12 -18.31
N LEU B 425 -15.36 -17.01 -18.34
CA LEU B 425 -14.54 -17.53 -17.25
C LEU B 425 -14.89 -16.82 -15.93
N LEU B 426 -15.00 -15.50 -15.98
CA LEU B 426 -15.40 -14.72 -14.80
C LEU B 426 -16.79 -15.12 -14.30
N ALA B 427 -17.74 -15.29 -15.22
CA ALA B 427 -19.07 -15.66 -14.81
C ALA B 427 -19.07 -17.01 -14.09
N ASN B 428 -18.24 -17.94 -14.55
CA ASN B 428 -18.21 -19.23 -13.87
C ASN B 428 -17.54 -19.12 -12.51
N PHE B 429 -16.43 -18.36 -12.43
CA PHE B 429 -15.77 -18.08 -11.15
C PHE B 429 -16.75 -17.56 -10.11
N LEU B 430 -17.58 -16.59 -10.48
CA LEU B 430 -18.54 -15.98 -9.57
C LEU B 430 -19.68 -16.95 -9.25
N ALA B 431 -20.18 -17.63 -10.28
CA ALA B 431 -21.35 -18.47 -10.11
C ALA B 431 -21.04 -19.66 -9.21
N GLN B 432 -19.82 -20.20 -9.31
CA GLN B 432 -19.53 -21.40 -8.54
C GLN B 432 -19.56 -21.12 -7.04
N THR B 433 -18.96 -20.00 -6.62
CA THR B 433 -18.95 -19.72 -5.18
C THR B 433 -20.35 -19.32 -4.72
N GLU B 434 -21.09 -18.65 -5.60
CA GLU B 434 -22.49 -18.33 -5.30
C GLU B 434 -23.32 -19.61 -5.13
N ALA B 435 -23.11 -20.55 -6.04
CA ALA B 435 -23.83 -21.83 -5.95
C ALA B 435 -23.45 -22.60 -4.69
N LEU B 436 -22.14 -22.67 -4.38
CA LEU B 436 -21.71 -23.38 -3.19
C LEU B 436 -22.33 -22.79 -1.95
N MET B 437 -22.46 -21.46 -1.93
N MET B 437 -22.50 -21.47 -1.92
CA MET B 437 -23.05 -20.77 -0.81
CA MET B 437 -23.07 -20.87 -0.71
C MET B 437 -24.56 -21.01 -0.73
C MET B 437 -24.59 -20.97 -0.68
N ARG B 438 -25.27 -20.72 -1.81
CA ARG B 438 -26.73 -20.64 -1.78
C ARG B 438 -27.41 -21.99 -1.82
N GLY B 439 -26.81 -22.94 -2.53
CA GLY B 439 -27.58 -24.16 -2.81
C GLY B 439 -28.91 -23.92 -3.54
N LYS B 440 -29.76 -24.96 -3.45
CA LYS B 440 -31.07 -24.96 -4.12
C LYS B 440 -31.97 -25.85 -3.27
N SER B 441 -32.97 -25.26 -2.67
CA SER B 441 -33.81 -26.02 -1.76
C SER B 441 -34.76 -26.95 -2.50
N THR B 442 -35.30 -27.88 -1.73
CA THR B 442 -36.39 -28.74 -2.23
C THR B 442 -37.49 -27.91 -2.85
N GLU B 443 -37.91 -26.85 -2.16
CA GLU B 443 -39.02 -26.05 -2.70
C GLU B 443 -38.65 -25.44 -4.02
N GLU B 444 -37.42 -24.94 -4.13
CA GLU B 444 -36.97 -24.32 -5.38
C GLU B 444 -36.83 -25.36 -6.48
N ALA B 445 -36.26 -26.52 -6.15
CA ALA B 445 -36.08 -27.58 -7.16
C ALA B 445 -37.43 -28.11 -7.62
N ARG B 446 -38.38 -28.24 -6.69
CA ARG B 446 -39.71 -28.70 -7.08
C ARG B 446 -40.34 -27.73 -8.06
N LYS B 447 -40.21 -26.43 -7.79
CA LYS B 447 -40.78 -25.44 -8.70
C LYS B 447 -40.20 -25.56 -10.10
N GLU B 448 -38.89 -25.78 -10.20
CA GLU B 448 -38.28 -25.92 -11.52
C GLU B 448 -38.82 -27.15 -12.24
N LEU B 449 -38.93 -28.27 -11.52
CA LEU B 449 -39.40 -29.50 -12.15
C LEU B 449 -40.83 -29.34 -12.64
N GLN B 450 -41.67 -28.63 -11.86
CA GLN B 450 -43.05 -28.42 -12.30
C GLN B 450 -43.10 -27.53 -13.54
N ALA B 451 -42.27 -26.49 -13.57
CA ALA B 451 -42.25 -25.58 -14.71
C ALA B 451 -41.75 -26.28 -15.97
N ALA B 452 -40.84 -27.23 -15.81
CA ALA B 452 -40.36 -28.04 -16.92
C ALA B 452 -41.37 -29.10 -17.34
N GLY B 453 -42.50 -29.20 -16.64
CA GLY B 453 -43.59 -30.06 -17.05
C GLY B 453 -43.44 -31.50 -16.65
N LYS B 454 -42.67 -31.79 -15.60
CA LYS B 454 -42.54 -33.17 -15.15
C LYS B 454 -43.86 -33.68 -14.60
N SER B 455 -44.16 -34.95 -14.87
CA SER B 455 -45.31 -35.61 -14.28
C SER B 455 -45.09 -35.77 -12.78
N PRO B 456 -46.15 -35.97 -12.00
CA PRO B 456 -45.97 -36.16 -10.55
C PRO B 456 -45.03 -37.30 -10.18
N GLU B 457 -45.21 -38.48 -10.76
CA GLU B 457 -44.28 -39.58 -10.52
C GLU B 457 -42.84 -39.18 -10.81
N ASP B 458 -42.59 -38.62 -12.00
CA ASP B 458 -41.22 -38.27 -12.38
C ASP B 458 -40.67 -37.16 -11.50
N LEU B 459 -41.50 -36.18 -11.18
CA LEU B 459 -41.05 -35.11 -10.32
C LEU B 459 -40.58 -35.67 -8.99
N GLU B 460 -41.41 -36.50 -8.34
CA GLU B 460 -41.06 -36.97 -7.01
C GLU B 460 -39.84 -37.88 -7.04
N ARG B 461 -39.66 -38.64 -8.12
CA ARG B 461 -38.47 -39.50 -8.23
C ARG B 461 -37.19 -38.69 -8.34
N LEU B 462 -37.21 -37.63 -9.16
CA LEU B 462 -35.99 -36.87 -9.43
C LEU B 462 -35.72 -35.82 -8.35
N LEU B 463 -36.76 -35.31 -7.70
CA LEU B 463 -36.64 -34.14 -6.83
C LEU B 463 -35.46 -34.19 -5.86
N PRO B 464 -35.28 -35.24 -5.04
CA PRO B 464 -34.18 -35.17 -4.05
C PRO B 464 -32.80 -35.09 -4.70
N HIS B 465 -32.65 -35.69 -5.87
CA HIS B 465 -31.36 -35.64 -6.54
C HIS B 465 -30.99 -34.24 -7.02
N LYS B 466 -31.96 -33.37 -7.18
CA LYS B 466 -31.77 -32.01 -7.69
C LYS B 466 -31.56 -30.95 -6.61
N VAL B 467 -31.54 -31.34 -5.37
CA VAL B 467 -31.39 -30.40 -4.26
C VAL B 467 -29.91 -30.22 -3.96
N PHE B 468 -29.54 -28.98 -3.73
CA PHE B 468 -28.18 -28.64 -3.35
C PHE B 468 -28.22 -28.07 -1.94
N GLU B 469 -27.56 -28.72 -0.99
CA GLU B 469 -27.63 -28.24 0.38
C GLU B 469 -26.89 -26.94 0.62
N GLY B 470 -25.90 -26.61 -0.20
CA GLY B 470 -25.22 -25.35 -0.05
C GLY B 470 -24.44 -25.27 1.25
N ASN B 471 -24.27 -24.03 1.74
CA ASN B 471 -23.54 -23.74 2.97
C ASN B 471 -22.10 -24.17 2.88
N ARG B 472 -21.58 -24.16 1.66
CA ARG B 472 -20.22 -24.62 1.42
C ARG B 472 -19.30 -23.42 1.24
N PRO B 473 -18.34 -23.23 2.12
CA PRO B 473 -17.63 -21.94 2.16
C PRO B 473 -16.46 -21.86 1.22
N THR B 474 -16.19 -20.61 0.84
CA THR B 474 -15.14 -20.30 -0.11
C THR B 474 -14.51 -18.97 0.26
N ASN B 475 -13.25 -18.82 -0.16
CA ASN B 475 -12.59 -17.53 -0.36
C ASN B 475 -12.57 -17.23 -1.84
N SER B 476 -12.72 -15.96 -2.21
CA SER B 476 -12.54 -15.48 -3.56
C SER B 476 -11.44 -14.44 -3.51
N ILE B 477 -10.37 -14.69 -4.25
CA ILE B 477 -9.22 -13.80 -4.30
C ILE B 477 -9.12 -13.31 -5.73
N VAL B 478 -9.36 -12.01 -5.93
CA VAL B 478 -9.45 -11.39 -7.24
C VAL B 478 -8.36 -10.33 -7.31
N PHE B 479 -7.57 -10.36 -8.39
CA PHE B 479 -6.50 -9.40 -8.54
C PHE B 479 -6.51 -8.81 -9.96
N THR B 480 -5.90 -7.61 -10.09
CA THR B 480 -6.07 -6.90 -11.34
C THR B 480 -5.58 -7.70 -12.55
N LYS B 481 -4.37 -8.25 -12.49
CA LYS B 481 -3.77 -8.94 -13.62
C LYS B 481 -2.65 -9.80 -13.09
N LEU B 482 -2.43 -10.97 -13.72
CA LEU B 482 -1.33 -11.84 -13.29
C LEU B 482 -0.03 -11.45 -14.00
N THR B 483 0.59 -10.44 -13.45
CA THR B 483 1.91 -9.99 -13.86
C THR B 483 2.97 -10.63 -12.98
N PRO B 484 4.26 -10.46 -13.34
CA PRO B 484 5.32 -10.96 -12.46
C PRO B 484 5.23 -10.46 -11.05
N PHE B 485 5.01 -9.16 -10.90
CA PHE B 485 4.87 -8.59 -9.57
C PHE B 485 3.69 -9.23 -8.84
N MET B 486 2.53 -9.30 -9.49
CA MET B 486 1.36 -9.82 -8.78
C MET B 486 1.53 -11.28 -8.39
N LEU B 487 2.11 -12.10 -9.28
CA LEU B 487 2.39 -13.49 -8.90
C LEU B 487 3.31 -13.57 -7.68
N GLY B 488 4.36 -12.72 -7.63
CA GLY B 488 5.23 -12.71 -6.47
C GLY B 488 4.50 -12.39 -5.18
N ALA B 489 3.57 -11.43 -5.25
CA ALA B 489 2.79 -11.05 -4.08
C ALA B 489 1.90 -12.20 -3.65
N LEU B 490 1.24 -12.88 -4.60
CA LEU B 490 0.30 -13.94 -4.26
C LEU B 490 1.03 -15.15 -3.66
N VAL B 491 2.20 -15.49 -4.19
CA VAL B 491 2.95 -16.62 -3.66
C VAL B 491 3.42 -16.31 -2.25
N ALA B 492 3.96 -15.11 -2.04
CA ALA B 492 4.39 -14.70 -0.71
C ALA B 492 3.22 -14.67 0.29
N MET B 493 2.03 -14.29 -0.18
CA MET B 493 0.87 -14.30 0.70
C MET B 493 0.63 -15.69 1.27
N TYR B 494 0.63 -16.71 0.41
CA TYR B 494 0.46 -18.07 0.89
C TYR B 494 1.64 -18.56 1.72
N GLU B 495 2.88 -18.19 1.37
CA GLU B 495 4.00 -18.51 2.27
C GLU B 495 3.73 -18.03 3.69
N HIS B 496 3.24 -16.79 3.83
CA HIS B 496 3.01 -16.26 5.16
C HIS B 496 1.79 -16.88 5.82
N LYS B 497 0.77 -17.24 5.06
CA LYS B 497 -0.34 -18.00 5.65
C LYS B 497 0.19 -19.27 6.32
N ILE B 498 1.03 -20.02 5.58
CA ILE B 498 1.57 -21.28 6.08
C ILE B 498 2.39 -21.04 7.34
N PHE B 499 3.17 -19.95 7.37
CA PHE B 499 3.97 -19.60 8.55
C PHE B 499 3.08 -19.34 9.76
N VAL B 500 2.02 -18.53 9.58
CA VAL B 500 1.13 -18.24 10.69
C VAL B 500 0.50 -19.50 11.25
N GLN B 501 0.05 -20.39 10.37
CA GLN B 501 -0.59 -21.61 10.85
C GLN B 501 0.38 -22.44 11.66
N GLY B 502 1.63 -22.55 11.18
CA GLY B 502 2.63 -23.32 11.91
C GLY B 502 2.91 -22.75 13.29
N ILE B 503 2.95 -21.41 13.41
CA ILE B 503 3.13 -20.84 14.73
C ILE B 503 1.95 -21.15 15.64
N ILE B 504 0.74 -21.10 15.10
CA ILE B 504 -0.44 -21.41 15.91
C ILE B 504 -0.43 -22.86 16.39
N TRP B 505 0.00 -23.79 15.54
CA TRP B 505 0.10 -25.21 15.88
C TRP B 505 1.34 -25.56 16.68
N ASP B 506 2.30 -24.65 16.80
CA ASP B 506 3.51 -24.83 17.60
C ASP B 506 4.44 -25.85 16.97
N ILE B 507 4.41 -25.94 15.66
CA ILE B 507 5.26 -26.87 14.92
C ILE B 507 6.31 -26.09 14.15
N ASN B 508 7.26 -26.82 13.56
CA ASN B 508 8.32 -26.21 12.77
C ASN B 508 7.95 -26.31 11.30
N SER B 509 7.56 -25.18 10.71
CA SER B 509 7.20 -25.15 9.31
C SER B 509 8.38 -25.33 8.37
N PHE B 510 9.59 -25.35 8.87
CA PHE B 510 10.77 -25.17 8.04
C PHE B 510 11.74 -26.36 7.98
N ASP B 511 11.46 -27.45 8.69
CA ASP B 511 12.21 -28.69 8.60
C ASP B 511 11.43 -29.73 7.76
N GLN B 512 12.00 -30.92 7.65
CA GLN B 512 11.35 -31.97 6.89
C GLN B 512 12.01 -33.31 7.21
N TRP B 513 12.01 -33.67 8.48
CA TRP B 513 12.59 -34.94 8.91
C TRP B 513 11.81 -36.12 8.38
N GLY B 514 10.58 -35.90 7.94
CA GLY B 514 9.75 -36.97 7.42
C GLY B 514 10.18 -37.56 6.09
N VAL B 515 11.18 -36.99 5.43
CA VAL B 515 11.64 -37.58 4.15
C VAL B 515 12.78 -38.57 4.35
N GLU B 516 13.37 -38.63 5.53
CA GLU B 516 14.58 -39.40 5.77
C GLU B 516 14.36 -40.91 5.63
N LEU B 517 13.28 -41.46 6.20
CA LEU B 517 13.15 -42.93 6.30
C LEU B 517 13.03 -43.57 4.92
N GLY B 518 12.22 -42.98 4.04
CA GLY B 518 12.13 -43.53 2.69
C GLY B 518 13.45 -43.51 1.95
N LYS B 519 14.27 -42.46 2.18
CA LYS B 519 15.58 -42.41 1.52
C LYS B 519 16.49 -43.52 2.04
N GLN B 520 16.51 -43.73 3.35
CA GLN B 520 17.34 -44.77 3.93
C GLN B 520 16.94 -46.16 3.43
N LEU B 521 15.64 -46.40 3.34
CA LEU B 521 15.18 -47.74 2.96
C LEU B 521 15.41 -47.99 1.47
N ALA B 522 15.37 -46.95 0.62
CA ALA B 522 15.61 -47.13 -0.80
C ALA B 522 17.08 -47.48 -1.05
N LYS B 523 17.99 -46.83 -0.30
CA LYS B 523 19.41 -47.14 -0.40
C LYS B 523 19.68 -48.61 -0.06
N LYS B 524 18.92 -49.19 0.88
CA LYS B 524 19.11 -50.60 1.18
C LYS B 524 18.55 -51.53 0.10
N ILE B 525 17.46 -51.13 -0.55
CA ILE B 525 16.84 -51.98 -1.55
C ILE B 525 17.58 -51.94 -2.86
N GLU B 526 18.17 -50.78 -3.21
CA GLU B 526 18.81 -50.66 -4.51
C GLU B 526 19.74 -51.82 -4.86
N PRO B 527 20.74 -52.19 -4.05
CA PRO B 527 21.61 -53.31 -4.44
C PRO B 527 20.90 -54.64 -4.47
N GLU B 528 19.83 -54.79 -3.70
CA GLU B 528 19.11 -56.06 -3.71
C GLU B 528 18.38 -56.31 -5.02
N LEU B 529 18.07 -55.28 -5.79
CA LEU B 529 17.41 -55.46 -7.06
C LEU B 529 18.36 -56.01 -8.13
N ASP B 530 19.66 -55.83 -8.00
CA ASP B 530 20.57 -56.38 -8.98
C ASP B 530 20.66 -57.89 -8.82
N GLY B 531 20.80 -58.57 -9.94
CA GLY B 531 20.94 -60.01 -9.94
C GLY B 531 19.61 -60.73 -9.77
N SER B 532 19.67 -62.04 -9.96
CA SER B 532 18.45 -62.84 -10.05
C SER B 532 18.03 -63.47 -8.73
N ALA B 533 18.73 -63.25 -7.64
CA ALA B 533 18.44 -63.96 -6.41
C ALA B 533 17.16 -63.47 -5.75
N GLN B 534 16.42 -64.41 -5.16
CA GLN B 534 15.28 -64.08 -4.31
C GLN B 534 15.73 -63.23 -3.12
N VAL B 535 14.88 -62.28 -2.73
CA VAL B 535 15.14 -61.45 -1.57
C VAL B 535 14.21 -61.88 -0.46
N THR B 536 14.79 -62.04 0.74
CA THR B 536 14.05 -62.54 1.89
C THR B 536 14.28 -61.66 3.12
N SER B 537 14.94 -60.51 2.95
CA SER B 537 15.47 -59.74 4.06
C SER B 537 14.50 -58.71 4.64
N HIS B 538 13.33 -58.51 4.05
CA HIS B 538 12.36 -57.53 4.52
C HIS B 538 11.12 -58.25 5.02
N ASP B 539 10.06 -57.46 5.28
CA ASP B 539 8.75 -58.01 5.52
C ASP B 539 8.30 -58.74 4.27
N ALA B 540 7.24 -59.54 4.43
CA ALA B 540 6.83 -60.44 3.36
C ALA B 540 6.36 -59.69 2.12
N SER B 541 5.77 -58.49 2.29
CA SER B 541 5.27 -57.77 1.15
C SER B 541 6.42 -57.20 0.33
N THR B 542 7.34 -56.50 0.98
CA THR B 542 8.49 -55.97 0.25
C THR B 542 9.23 -57.10 -0.47
N ASN B 543 9.42 -58.24 0.21
CA ASN B 543 10.08 -59.38 -0.44
C ASN B 543 9.29 -59.84 -1.64
N GLY B 544 7.97 -59.97 -1.47
CA GLY B 544 7.15 -60.51 -2.54
C GLY B 544 7.09 -59.59 -3.74
N LEU B 545 7.07 -58.27 -3.48
CA LEU B 545 7.11 -57.31 -4.59
C LEU B 545 8.43 -57.40 -5.32
N ILE B 546 9.54 -57.43 -4.59
CA ILE B 546 10.85 -57.57 -5.22
C ILE B 546 10.92 -58.83 -6.07
N ASN B 547 10.42 -59.94 -5.54
CA ASN B 547 10.54 -61.21 -6.28
C ASN B 547 9.66 -61.23 -7.52
N PHE B 548 8.51 -60.54 -7.49
CA PHE B 548 7.69 -60.42 -8.69
C PHE B 548 8.40 -59.56 -9.74
N ILE B 549 9.00 -58.45 -9.30
CA ILE B 549 9.79 -57.63 -10.20
C ILE B 549 10.87 -58.47 -10.90
N LYS B 550 11.58 -59.30 -10.12
CA LYS B 550 12.64 -60.10 -10.72
C LYS B 550 12.08 -61.12 -11.70
N GLN B 551 10.93 -61.72 -11.37
CA GLN B 551 10.30 -62.66 -12.29
C GLN B 551 9.93 -61.99 -13.59
N GLN B 552 9.33 -60.81 -13.50
CA GLN B 552 8.74 -60.19 -14.67
C GLN B 552 9.72 -59.33 -15.46
N ARG B 553 10.91 -59.09 -14.91
N ARG B 553 10.90 -59.05 -14.91
CA ARG B 553 11.97 -58.36 -15.57
CA ARG B 553 11.92 -58.32 -15.65
C ARG B 553 12.39 -59.04 -16.86
C ARG B 553 12.26 -59.03 -16.95
N GLU B 554 12.22 -60.36 -16.93
CA GLU B 554 12.64 -61.20 -18.03
C GLU B 554 11.54 -61.45 -19.03
N ALA B 555 10.29 -61.13 -18.69
CA ALA B 555 9.14 -61.54 -19.49
C ALA B 555 9.14 -60.81 -20.82
N ARG B 556 8.88 -61.56 -21.89
CA ARG B 556 8.70 -60.97 -23.22
C ARG B 556 7.21 -60.82 -23.47
N VAL B 557 6.73 -59.58 -23.40
CA VAL B 557 5.33 -59.27 -23.73
C VAL B 557 5.12 -59.36 -25.23
N ALA C 2 -16.41 30.35 -17.84
CA ALA C 2 -15.22 29.47 -17.57
C ALA C 2 -15.71 28.04 -17.49
N ALA C 3 -14.80 27.10 -17.70
CA ALA C 3 -15.21 25.69 -17.80
C ALA C 3 -15.88 25.22 -16.51
N LEU C 4 -15.33 25.57 -15.34
CA LEU C 4 -15.90 25.04 -14.10
C LEU C 4 -17.36 25.47 -13.96
N THR C 5 -17.63 26.76 -14.15
CA THR C 5 -18.99 27.25 -13.94
C THR C 5 -20.00 26.64 -14.91
N ARG C 6 -19.54 26.24 -16.10
CA ARG C 6 -20.40 25.62 -17.09
C ARG C 6 -20.58 24.13 -16.86
N ASP C 7 -19.86 23.54 -15.89
CA ASP C 7 -19.92 22.10 -15.70
C ASP C 7 -21.23 21.72 -15.01
N PRO C 8 -21.98 20.74 -15.53
CA PRO C 8 -23.28 20.41 -14.90
C PRO C 8 -23.14 19.81 -13.52
N GLN C 9 -22.06 19.06 -13.26
CA GLN C 9 -21.83 18.52 -11.92
C GLN C 9 -21.49 19.64 -10.93
N PHE C 10 -20.75 20.66 -11.36
CA PHE C 10 -20.54 21.82 -10.50
C PHE C 10 -21.85 22.54 -10.22
N GLN C 11 -22.68 22.74 -11.25
CA GLN C 11 -23.97 23.38 -11.01
C GLN C 11 -24.81 22.57 -10.04
N LYS C 12 -24.77 21.24 -10.12
CA LYS C 12 -25.58 20.42 -9.23
C LYS C 12 -25.11 20.54 -7.78
N LEU C 13 -23.79 20.59 -7.60
CA LEU C 13 -23.21 20.81 -6.29
C LEU C 13 -23.64 22.16 -5.73
N GLN C 14 -23.55 23.23 -6.53
CA GLN C 14 -23.96 24.56 -6.07
C GLN C 14 -25.43 24.61 -5.69
N GLN C 15 -26.29 24.04 -6.53
CA GLN C 15 -27.72 23.94 -6.22
C GLN C 15 -27.96 23.20 -4.93
N TRP C 16 -27.26 22.09 -4.71
CA TRP C 16 -27.49 21.34 -3.50
C TRP C 16 -27.06 22.17 -2.29
N TYR C 17 -25.90 22.83 -2.42
CA TYR C 17 -25.44 23.73 -1.36
C TYR C 17 -26.50 24.76 -1.01
N ARG C 18 -27.05 25.46 -2.00
CA ARG C 18 -28.02 26.50 -1.66
C ARG C 18 -29.25 25.92 -0.98
N GLU C 19 -29.66 24.71 -1.39
CA GLU C 19 -30.87 24.07 -0.89
C GLU C 19 -30.67 23.42 0.47
N HIS C 20 -29.47 22.91 0.79
CA HIS C 20 -29.32 22.11 1.98
C HIS C 20 -28.25 22.59 2.96
N ARG C 21 -27.63 23.74 2.71
CA ARG C 21 -26.59 24.26 3.61
C ARG C 21 -26.96 24.14 5.09
N SER C 22 -28.18 24.50 5.47
CA SER C 22 -28.48 24.59 6.90
C SER C 22 -28.68 23.23 7.56
N GLU C 23 -28.63 22.12 6.80
CA GLU C 23 -28.64 20.79 7.39
C GLU C 23 -27.26 20.31 7.80
N LEU C 24 -26.20 21.06 7.50
CA LEU C 24 -24.86 20.57 7.72
C LEU C 24 -24.44 21.08 9.09
N ASN C 25 -24.78 20.31 10.12
CA ASN C 25 -24.37 20.56 11.48
C ASN C 25 -23.65 19.33 11.98
N LEU C 26 -22.40 19.51 12.41
CA LEU C 26 -21.57 18.35 12.77
C LEU C 26 -22.11 17.58 13.98
N ARG C 27 -22.57 18.27 15.02
CA ARG C 27 -23.11 17.54 16.17
C ARG C 27 -24.22 16.60 15.71
N ARG C 28 -25.14 17.12 14.87
CA ARG C 28 -26.25 16.30 14.42
C ARG C 28 -25.80 15.20 13.49
N LEU C 29 -24.78 15.46 12.66
CA LEU C 29 -24.31 14.44 11.74
C LEU C 29 -23.70 13.27 12.50
N PHE C 30 -22.89 13.56 13.51
CA PHE C 30 -22.27 12.50 14.28
C PHE C 30 -23.30 11.78 15.15
N ASP C 31 -24.21 12.53 15.77
CA ASP C 31 -25.26 11.89 16.58
C ASP C 31 -26.12 10.95 15.75
N ALA C 32 -26.28 11.21 14.45
CA ALA C 32 -27.16 10.40 13.61
C ALA C 32 -26.45 9.24 12.92
N ASN C 33 -25.13 9.16 12.98
CA ASN C 33 -24.39 8.16 12.21
C ASN C 33 -23.21 7.65 13.02
N LYS C 34 -23.37 6.47 13.62
CA LYS C 34 -22.33 5.94 14.48
C LYS C 34 -21.11 5.55 13.66
N ASP C 35 -21.29 5.35 12.35
CA ASP C 35 -20.23 4.96 11.46
C ASP C 35 -19.61 6.12 10.71
N ARG C 36 -19.86 7.36 11.16
CA ARG C 36 -19.38 8.50 10.39
C ARG C 36 -17.86 8.50 10.27
N PHE C 37 -17.15 8.19 11.35
CA PHE C 37 -15.70 8.19 11.24
C PHE C 37 -15.24 7.14 10.26
N ASN C 38 -15.83 5.93 10.34
CA ASN C 38 -15.38 4.89 9.44
C ASN C 38 -15.66 5.23 7.97
N HIS C 39 -16.77 5.89 7.69
CA HIS C 39 -17.14 6.13 6.31
C HIS C 39 -16.47 7.38 5.74
N PHE C 40 -15.93 8.26 6.59
CA PHE C 40 -15.33 9.50 6.11
C PHE C 40 -13.90 9.60 6.60
N SER C 41 -13.16 8.52 6.43
CA SER C 41 -11.73 8.50 6.72
C SER C 41 -11.04 7.51 5.80
N LEU C 42 -9.76 7.73 5.56
CA LEU C 42 -8.94 6.81 4.80
C LEU C 42 -7.75 6.41 5.65
N THR C 43 -7.40 5.13 5.60
CA THR C 43 -6.18 4.65 6.20
C THR C 43 -5.27 4.13 5.11
N LEU C 44 -4.10 4.73 5.01
CA LEU C 44 -3.06 4.34 4.06
C LEU C 44 -1.94 3.63 4.79
N ASN C 45 -1.54 2.47 4.27
CA ASN C 45 -0.37 1.78 4.78
C ASN C 45 0.73 1.90 3.73
N THR C 46 1.71 2.73 4.02
CA THR C 46 2.80 2.96 3.08
C THR C 46 3.85 1.87 3.14
N ASN C 47 3.72 0.94 4.09
CA ASN C 47 4.76 -0.01 4.49
C ASN C 47 5.92 0.64 5.24
N HIS C 48 5.94 1.97 5.38
CA HIS C 48 6.93 2.71 6.16
C HIS C 48 6.22 3.67 7.10
N GLY C 49 5.04 3.26 7.54
CA GLY C 49 4.19 4.04 8.41
C GLY C 49 2.80 4.16 7.83
N HIS C 50 1.82 4.33 8.72
CA HIS C 50 0.45 4.53 8.34
C HIS C 50 0.08 6.01 8.36
N ILE C 51 -0.85 6.37 7.48
CA ILE C 51 -1.44 7.71 7.44
C ILE C 51 -2.94 7.57 7.57
N LEU C 52 -3.51 8.21 8.58
CA LEU C 52 -4.95 8.33 8.74
C LEU C 52 -5.34 9.73 8.31
N VAL C 53 -6.13 9.80 7.25
CA VAL C 53 -6.75 11.04 6.77
C VAL C 53 -8.21 10.99 7.22
N ASP C 54 -8.50 11.69 8.33
CA ASP C 54 -9.81 11.71 8.95
C ASP C 54 -10.48 12.98 8.48
N TYR C 55 -11.44 12.86 7.55
CA TYR C 55 -12.15 14.02 7.01
C TYR C 55 -13.59 14.03 7.50
N SER C 56 -13.85 13.33 8.61
CA SER C 56 -15.23 13.20 9.07
C SER C 56 -15.74 14.44 9.77
N LYS C 57 -14.87 15.34 10.25
CA LYS C 57 -15.33 16.59 10.85
C LYS C 57 -15.49 17.68 9.80
N ASN C 58 -15.83 17.30 8.58
CA ASN C 58 -16.15 18.25 7.54
C ASN C 58 -17.65 18.32 7.29
N LEU C 59 -18.07 19.46 6.71
CA LEU C 59 -19.48 19.76 6.47
C LEU C 59 -19.94 19.07 5.20
N VAL C 60 -19.90 17.72 5.26
CA VAL C 60 -20.22 16.88 4.13
C VAL C 60 -21.08 15.69 4.56
N THR C 61 -21.82 15.18 3.58
CA THR C 61 -22.58 13.94 3.68
C THR C 61 -22.12 13.02 2.54
N GLU C 62 -22.61 11.79 2.56
CA GLU C 62 -22.30 10.88 1.47
C GLU C 62 -22.71 11.49 0.12
N ASP C 63 -23.87 12.14 0.05
CA ASP C 63 -24.31 12.72 -1.22
C ASP C 63 -23.33 13.81 -1.68
N VAL C 64 -22.87 14.64 -0.74
CA VAL C 64 -21.89 15.67 -1.10
C VAL C 64 -20.63 15.02 -1.65
N MET C 65 -20.16 14.00 -0.96
CA MET C 65 -18.91 13.37 -1.39
C MET C 65 -19.08 12.76 -2.78
N ARG C 66 -20.25 12.17 -3.05
CA ARG C 66 -20.50 11.59 -4.36
C ARG C 66 -20.50 12.67 -5.45
N MET C 67 -21.13 13.80 -5.14
CA MET C 67 -21.24 14.87 -6.12
C MET C 67 -19.86 15.47 -6.38
N LEU C 68 -19.02 15.53 -5.33
CA LEU C 68 -17.65 16.00 -5.48
C LEU C 68 -16.82 15.05 -6.34
N VAL C 69 -16.93 13.73 -6.10
CA VAL C 69 -16.20 12.80 -6.95
C VAL C 69 -16.70 12.88 -8.39
N ASP C 70 -18.02 13.03 -8.56
CA ASP C 70 -18.56 13.18 -9.91
C ASP C 70 -18.01 14.43 -10.61
N LEU C 71 -17.76 15.51 -9.83
CA LEU C 71 -17.12 16.70 -10.38
C LEU C 71 -15.70 16.40 -10.85
N ALA C 72 -14.89 15.69 -10.06
CA ALA C 72 -13.55 15.34 -10.51
C ALA C 72 -13.60 14.56 -11.82
N LYS C 73 -14.57 13.64 -11.95
CA LYS C 73 -14.67 12.88 -13.18
C LYS C 73 -15.07 13.78 -14.34
N SER C 74 -16.07 14.61 -14.13
CA SER C 74 -16.53 15.50 -15.20
C SER C 74 -15.44 16.47 -15.64
N ARG C 75 -14.58 16.90 -14.72
CA ARG C 75 -13.50 17.83 -15.05
C ARG C 75 -12.23 17.14 -15.55
N GLY C 76 -12.25 15.80 -15.72
CA GLY C 76 -11.13 15.13 -16.36
C GLY C 76 -9.86 15.06 -15.54
N VAL C 77 -9.99 14.93 -14.22
CA VAL C 77 -8.83 14.83 -13.35
C VAL C 77 -7.96 13.62 -13.71
N GLU C 78 -8.56 12.44 -13.89
CA GLU C 78 -7.73 11.27 -14.17
C GLU C 78 -6.94 11.42 -15.46
N ALA C 79 -7.58 11.90 -16.52
CA ALA C 79 -6.87 12.06 -17.79
C ALA C 79 -5.74 13.09 -17.67
N ALA C 80 -5.98 14.18 -16.95
CA ALA C 80 -4.94 15.20 -16.74
C ALA C 80 -3.76 14.62 -15.95
N ARG C 81 -4.07 13.83 -14.91
CA ARG C 81 -3.01 13.14 -14.18
C ARG C 81 -2.14 12.32 -15.11
N GLU C 82 -2.77 11.54 -15.98
CA GLU C 82 -1.98 10.71 -16.90
C GLU C 82 -1.09 11.56 -17.80
N ARG C 83 -1.59 12.73 -18.25
CA ARG C 83 -0.76 13.59 -19.09
C ARG C 83 0.47 14.08 -18.33
N MET C 84 0.30 14.42 -17.04
CA MET C 84 1.46 14.82 -16.25
C MET C 84 2.48 13.67 -16.18
N PHE C 85 2.03 12.48 -15.76
CA PHE C 85 2.93 11.36 -15.49
C PHE C 85 3.57 10.85 -16.79
N ASN C 86 2.91 11.05 -17.92
CA ASN C 86 3.43 10.59 -19.20
C ASN C 86 4.34 11.60 -19.89
N GLY C 87 4.55 12.78 -19.31
CA GLY C 87 5.50 13.72 -19.87
C GLY C 87 4.91 14.67 -20.89
N GLU C 88 3.59 14.75 -20.97
CA GLU C 88 2.97 15.69 -21.92
C GLU C 88 3.17 17.12 -21.42
N LYS C 89 3.07 18.06 -22.35
CA LYS C 89 3.44 19.45 -22.04
C LYS C 89 2.25 20.19 -21.42
N ILE C 90 1.89 19.75 -20.21
CA ILE C 90 0.70 20.29 -19.54
C ILE C 90 0.90 21.70 -18.99
N ASN C 91 2.14 22.16 -18.87
CA ASN C 91 2.40 23.57 -18.53
C ASN C 91 2.27 24.33 -19.84
N TYR C 92 1.02 24.61 -20.21
CA TYR C 92 0.71 24.98 -21.58
C TYR C 92 1.12 26.38 -21.92
N THR C 93 1.22 27.29 -20.94
CA THR C 93 1.59 28.65 -21.31
C THR C 93 3.09 28.72 -21.60
N GLU C 94 3.87 27.85 -20.98
CA GLU C 94 5.31 27.81 -21.22
C GLU C 94 5.74 26.71 -22.18
N GLY C 95 4.84 25.82 -22.59
CA GLY C 95 5.23 24.72 -23.46
C GLY C 95 6.18 23.74 -22.81
N ARG C 96 5.96 23.43 -21.53
CA ARG C 96 6.84 22.54 -20.80
C ARG C 96 6.09 21.35 -20.22
N ALA C 97 6.82 20.24 -20.08
CA ALA C 97 6.37 19.14 -19.27
C ALA C 97 6.41 19.54 -17.78
N VAL C 98 5.78 18.70 -16.94
CA VAL C 98 5.69 18.92 -15.50
C VAL C 98 6.06 17.58 -14.87
N LEU C 99 7.30 17.44 -14.43
CA LEU C 99 7.86 16.11 -14.15
C LEU C 99 8.65 16.07 -12.84
N HIS C 100 8.20 16.81 -11.81
CA HIS C 100 8.71 16.49 -10.47
C HIS C 100 8.51 15.02 -10.10
N VAL C 101 7.48 14.33 -10.62
CA VAL C 101 7.32 12.91 -10.31
C VAL C 101 8.47 12.06 -10.89
N ALA C 102 9.11 12.52 -11.97
CA ALA C 102 10.27 11.82 -12.50
C ALA C 102 11.49 11.92 -11.58
N LEU C 103 11.63 13.03 -10.84
CA LEU C 103 12.77 13.20 -9.97
C LEU C 103 12.85 12.12 -8.91
N ARG C 104 11.70 11.62 -8.47
CA ARG C 104 11.59 10.64 -7.41
C ARG C 104 11.08 9.30 -7.93
N ASN C 105 11.24 9.04 -9.24
CA ASN C 105 10.70 7.81 -9.85
C ASN C 105 11.69 6.68 -9.59
N ARG C 106 11.61 6.13 -8.38
CA ARG C 106 12.56 5.09 -7.95
C ARG C 106 12.41 3.82 -8.77
N SER C 107 11.24 3.64 -9.39
CA SER C 107 10.99 2.45 -10.20
C SER C 107 11.70 2.52 -11.52
N ASN C 108 12.11 3.71 -11.94
CA ASN C 108 12.88 3.95 -13.16
C ASN C 108 12.12 3.59 -14.42
N THR C 109 10.81 3.44 -14.35
CA THR C 109 10.05 3.27 -15.58
C THR C 109 10.34 4.47 -16.48
N PRO C 110 10.57 4.25 -17.78
CA PRO C 110 10.83 5.39 -18.67
C PRO C 110 9.70 6.42 -18.66
N ILE C 111 10.10 7.68 -18.66
CA ILE C 111 9.18 8.80 -18.83
C ILE C 111 9.75 9.65 -19.97
N LEU C 112 9.00 9.77 -21.05
CA LEU C 112 9.53 10.39 -22.25
C LEU C 112 9.16 11.86 -22.33
N VAL C 113 10.13 12.68 -22.72
CA VAL C 113 9.92 14.08 -23.08
C VAL C 113 10.57 14.24 -24.44
N ASP C 114 9.80 14.66 -25.43
CA ASP C 114 10.30 14.79 -26.80
C ASP C 114 10.85 13.45 -27.30
N GLY C 115 10.20 12.36 -26.91
CA GLY C 115 10.60 11.03 -27.33
C GLY C 115 11.83 10.47 -26.66
N LYS C 116 12.32 11.08 -25.58
CA LYS C 116 13.55 10.64 -24.93
C LYS C 116 13.30 10.46 -23.43
N ASP C 117 13.74 9.32 -22.90
CA ASP C 117 13.59 9.00 -21.49
C ASP C 117 14.42 9.97 -20.64
N VAL C 118 13.78 10.59 -19.64
CA VAL C 118 14.50 11.50 -18.75
C VAL C 118 15.21 10.79 -17.62
N MET C 119 14.91 9.51 -17.36
CA MET C 119 15.41 8.91 -16.15
C MET C 119 16.93 8.78 -16.13
N PRO C 120 17.60 8.47 -17.25
CA PRO C 120 19.08 8.40 -17.17
C PRO C 120 19.72 9.67 -16.67
N GLU C 121 19.24 10.84 -17.10
CA GLU C 121 19.81 12.10 -16.63
C GLU C 121 19.43 12.40 -15.17
N VAL C 122 18.18 12.11 -14.77
CA VAL C 122 17.81 12.23 -13.36
C VAL C 122 18.77 11.42 -12.49
N ASN C 123 19.01 10.16 -12.89
CA ASN C 123 19.85 9.30 -12.07
C ASN C 123 21.31 9.68 -12.13
N LYS C 124 21.76 10.23 -13.25
CA LYS C 124 23.15 10.69 -13.34
C LYS C 124 23.39 11.81 -12.33
N VAL C 125 22.43 12.72 -12.17
CA VAL C 125 22.64 13.79 -11.21
C VAL C 125 22.53 13.26 -9.79
N LEU C 126 21.57 12.35 -9.55
CA LEU C 126 21.48 11.74 -8.23
C LEU C 126 22.77 11.06 -7.85
N ASP C 127 23.40 10.33 -8.78
CA ASP C 127 24.67 9.68 -8.48
C ASP C 127 25.75 10.70 -8.16
N LYS C 128 25.76 11.84 -8.86
CA LYS C 128 26.75 12.88 -8.60
C LYS C 128 26.52 13.50 -7.22
N MET C 129 25.25 13.73 -6.87
CA MET C 129 24.89 14.18 -5.53
C MET C 129 25.36 13.20 -4.47
N LYS C 130 25.15 11.90 -4.70
CA LYS C 130 25.52 10.91 -3.70
C LYS C 130 27.03 10.91 -3.47
N SER C 131 27.80 10.95 -4.54
CA SER C 131 29.25 10.93 -4.39
C SER C 131 29.74 12.18 -3.70
N PHE C 132 29.18 13.33 -4.07
CA PHE C 132 29.59 14.60 -3.46
C PHE C 132 29.25 14.63 -1.98
N CYS C 133 28.04 14.18 -1.62
CA CYS C 133 27.68 14.17 -0.20
C CYS C 133 28.56 13.24 0.61
N GLN C 134 28.89 12.08 0.05
CA GLN C 134 29.79 11.18 0.78
C GLN C 134 31.11 11.87 1.06
N ARG C 135 31.66 12.53 0.05
CA ARG C 135 32.98 13.15 0.18
C ARG C 135 32.95 14.29 1.19
N VAL C 136 31.92 15.13 1.14
CA VAL C 136 31.85 16.23 2.08
C VAL C 136 31.61 15.75 3.50
N ARG C 137 30.64 14.84 3.67
CA ARG C 137 30.28 14.46 5.03
C ARG C 137 31.36 13.66 5.72
N SER C 138 32.12 12.86 4.96
CA SER C 138 33.16 12.04 5.54
C SER C 138 34.42 12.82 5.87
N GLY C 139 34.53 14.05 5.39
CA GLY C 139 35.74 14.82 5.57
C GLY C 139 36.78 14.62 4.49
N ASP C 140 36.48 13.82 3.46
CA ASP C 140 37.44 13.64 2.36
C ASP C 140 37.57 14.92 1.53
N TRP C 141 36.47 15.66 1.34
CA TRP C 141 36.50 16.94 0.63
C TRP C 141 37.04 18.02 1.55
N LYS C 142 38.17 18.60 1.19
CA LYS C 142 38.85 19.55 2.06
C LYS C 142 38.78 20.95 1.49
N GLY C 143 38.75 21.91 2.39
CA GLY C 143 38.83 23.31 2.03
C GLY C 143 40.25 23.71 1.66
N TYR C 144 40.41 25.02 1.43
CA TYR C 144 41.64 25.58 0.86
C TYR C 144 42.83 25.55 1.82
N THR C 145 42.62 25.26 3.10
CA THR C 145 43.69 25.04 4.06
C THR C 145 43.70 23.62 4.62
N GLY C 146 43.00 22.69 3.98
CA GLY C 146 43.04 21.30 4.39
C GLY C 146 42.04 20.87 5.44
N LYS C 147 41.04 21.70 5.73
CA LYS C 147 40.07 21.45 6.77
C LYS C 147 38.83 20.79 6.20
N THR C 148 38.15 20.03 7.03
CA THR C 148 36.87 19.49 6.61
C THR C 148 35.79 20.58 6.65
N ILE C 149 34.74 20.36 5.87
CA ILE C 149 33.62 21.30 5.77
C ILE C 149 32.71 21.11 6.99
N THR C 150 32.48 22.20 7.72
CA THR C 150 31.64 22.19 8.91
C THR C 150 30.33 22.92 8.70
N ASP C 151 30.21 23.71 7.64
CA ASP C 151 29.08 24.60 7.41
C ASP C 151 28.76 24.63 5.93
N VAL C 152 27.51 24.41 5.59
CA VAL C 152 27.01 24.45 4.23
C VAL C 152 25.99 25.59 4.16
N ILE C 153 26.15 26.47 3.19
CA ILE C 153 25.32 27.67 3.09
C ILE C 153 24.60 27.64 1.75
N ASN C 154 23.30 27.45 1.79
CA ASN C 154 22.47 27.51 0.59
C ASN C 154 22.07 28.96 0.32
N ILE C 155 22.40 29.44 -0.87
CA ILE C 155 22.05 30.79 -1.32
C ILE C 155 21.04 30.65 -2.45
N GLY C 156 19.82 31.08 -2.20
CA GLY C 156 18.72 30.87 -3.14
C GLY C 156 17.47 31.49 -2.54
N ILE C 157 16.50 31.72 -3.38
CA ILE C 157 15.25 32.32 -2.94
C ILE C 157 14.09 31.55 -3.55
N GLY C 158 12.93 31.66 -2.91
CA GLY C 158 11.75 31.04 -3.47
C GLY C 158 11.90 29.53 -3.49
N GLY C 159 11.69 28.94 -4.68
CA GLY C 159 11.74 27.50 -4.79
C GLY C 159 13.12 26.94 -4.51
N SER C 160 14.14 27.79 -4.55
CA SER C 160 15.51 27.37 -4.30
C SER C 160 15.87 27.46 -2.82
N ASP C 161 14.92 27.85 -1.98
CA ASP C 161 15.15 28.09 -0.56
C ASP C 161 14.13 27.30 0.27
N LEU C 162 12.83 27.47 -0.02
CA LEU C 162 11.81 27.11 0.97
C LEU C 162 11.75 25.62 1.23
N GLY C 163 11.83 24.82 0.18
CA GLY C 163 11.80 23.38 0.31
C GLY C 163 12.95 22.82 1.12
N PRO C 164 14.18 23.08 0.69
CA PRO C 164 15.33 22.59 1.47
C PRO C 164 15.32 23.04 2.91
N LEU C 165 14.96 24.32 3.16
CA LEU C 165 14.89 24.80 4.54
C LEU C 165 13.82 24.03 5.31
N MET C 166 12.62 23.87 4.74
CA MET C 166 11.57 23.20 5.48
C MET C 166 11.94 21.77 5.81
N VAL C 167 12.61 21.10 4.86
CA VAL C 167 12.95 19.68 5.02
C VAL C 167 14.08 19.52 6.01
N THR C 168 15.11 20.36 5.93
CA THR C 168 16.19 20.23 6.91
C THR C 168 15.72 20.59 8.30
N GLU C 169 14.79 21.55 8.42
CA GLU C 169 14.18 21.80 9.72
C GLU C 169 13.41 20.59 10.21
N ALA C 170 12.62 19.97 9.33
CA ALA C 170 11.74 18.88 9.74
C ALA C 170 12.52 17.63 10.06
N LEU C 171 13.68 17.45 9.44
CA LEU C 171 14.48 16.23 9.60
C LEU C 171 15.73 16.44 10.43
N LYS C 172 15.76 17.50 11.24
CA LYS C 172 16.90 17.80 12.09
C LYS C 172 17.40 16.60 12.88
N PRO C 173 16.57 15.70 13.42
CA PRO C 173 17.10 14.54 14.16
C PRO C 173 17.95 13.61 13.34
N TYR C 174 17.90 13.70 12.01
CA TYR C 174 18.60 12.83 11.09
C TYR C 174 19.94 13.42 10.62
N SER C 175 20.37 14.54 11.20
CA SER C 175 21.53 15.27 10.73
C SER C 175 22.77 15.03 11.56
N SER C 176 22.75 14.06 12.47
CA SER C 176 23.97 13.70 13.20
C SER C 176 25.08 13.32 12.23
N GLY C 177 26.25 13.91 12.42
CA GLY C 177 27.35 13.64 11.53
C GLY C 177 27.38 14.50 10.30
N GLY C 178 26.37 15.35 10.10
CA GLY C 178 26.33 16.21 8.96
C GLY C 178 26.82 17.58 9.34
N PRO C 179 27.20 18.37 8.35
CA PRO C 179 27.57 19.76 8.61
C PRO C 179 26.33 20.56 8.91
N ARG C 180 26.54 21.64 9.65
CA ARG C 180 25.48 22.62 9.85
C ARG C 180 25.05 23.18 8.51
N VAL C 181 23.78 23.50 8.39
CA VAL C 181 23.25 24.09 7.18
C VAL C 181 22.61 25.46 7.49
N TRP C 182 22.86 26.41 6.59
CA TRP C 182 22.39 27.80 6.69
C TRP C 182 21.69 28.13 5.39
N TYR C 183 20.68 28.99 5.46
CA TYR C 183 19.88 29.41 4.31
C TYR C 183 19.92 30.92 4.24
N VAL C 184 20.50 31.44 3.16
CA VAL C 184 20.51 32.88 2.86
C VAL C 184 19.64 33.08 1.64
N SER C 185 18.60 33.92 1.76
CA SER C 185 17.62 34.06 0.70
C SER C 185 17.32 35.52 0.39
N ASN C 186 17.06 36.29 1.44
CA ASN C 186 16.65 37.68 1.23
C ASN C 186 17.77 38.46 0.58
N ILE C 187 17.39 39.41 -0.26
CA ILE C 187 18.39 40.37 -0.74
C ILE C 187 18.83 41.29 0.39
N ASP C 188 17.93 41.57 1.34
CA ASP C 188 18.29 42.38 2.49
C ASP C 188 19.62 41.93 3.05
N GLY C 189 20.60 42.84 3.03
CA GLY C 189 21.97 42.50 3.35
C GLY C 189 22.15 41.96 4.76
N THR C 190 21.20 42.22 5.64
CA THR C 190 21.24 41.59 6.94
C THR C 190 21.43 40.09 6.82
N HIS C 191 20.76 39.47 5.86
CA HIS C 191 20.71 38.00 5.84
C HIS C 191 22.09 37.41 5.58
N ILE C 192 22.75 37.85 4.53
CA ILE C 192 24.09 37.33 4.25
C ILE C 192 25.07 37.83 5.30
N ALA C 193 24.95 39.09 5.71
CA ALA C 193 25.94 39.67 6.62
C ALA C 193 25.96 38.95 7.97
N LYS C 194 24.80 38.71 8.55
CA LYS C 194 24.79 38.08 9.88
C LYS C 194 25.15 36.61 9.79
N THR C 195 25.00 36.00 8.60
CA THR C 195 25.43 34.63 8.37
C THR C 195 26.95 34.55 8.23
N LEU C 196 27.53 35.38 7.36
CA LEU C 196 28.98 35.30 7.14
C LEU C 196 29.75 35.62 8.40
N ALA C 197 29.18 36.46 9.27
CA ALA C 197 29.85 36.81 10.52
C ALA C 197 30.05 35.60 11.43
N GLN C 198 29.33 34.51 11.19
CA GLN C 198 29.43 33.32 12.03
C GLN C 198 30.17 32.17 11.34
N LEU C 199 30.85 32.42 10.23
CA LEU C 199 31.47 31.39 9.43
C LEU C 199 32.97 31.61 9.27
N ASN C 200 33.67 30.50 9.05
CA ASN C 200 35.08 30.50 8.73
C ASN C 200 35.19 30.17 7.26
N PRO C 201 35.78 31.02 6.43
CA PRO C 201 35.92 30.70 5.02
C PRO C 201 36.61 29.36 4.77
N GLU C 202 37.49 28.93 5.67
CA GLU C 202 38.26 27.72 5.44
C GLU C 202 37.43 26.44 5.52
N SER C 203 36.25 26.49 6.14
CA SER C 203 35.47 25.29 6.38
C SER C 203 34.02 25.47 5.96
N SER C 204 33.73 26.44 5.10
CA SER C 204 32.38 26.76 4.66
C SER C 204 32.22 26.44 3.18
N LEU C 205 31.10 25.79 2.84
CA LEU C 205 30.79 25.42 1.48
C LEU C 205 29.50 26.13 1.08
N PHE C 206 29.57 26.87 -0.01
CA PHE C 206 28.45 27.64 -0.51
C PHE C 206 27.82 26.93 -1.69
N ILE C 207 26.49 26.85 -1.67
CA ILE C 207 25.68 26.27 -2.71
C ILE C 207 24.84 27.39 -3.28
N ILE C 208 25.07 27.71 -4.55
CA ILE C 208 24.34 28.77 -5.25
C ILE C 208 23.23 28.10 -6.04
N ALA C 209 21.97 28.35 -5.65
CA ALA C 209 20.83 27.58 -6.13
C ALA C 209 19.92 28.52 -6.89
N SER C 210 19.83 28.37 -8.21
CA SER C 210 18.91 29.18 -9.00
C SER C 210 18.59 28.50 -10.33
N LYS C 211 17.29 28.34 -10.63
CA LYS C 211 16.90 27.62 -11.84
C LYS C 211 17.51 28.24 -13.10
N THR C 212 17.31 29.55 -13.31
CA THR C 212 17.92 30.23 -14.46
C THR C 212 19.33 30.77 -14.19
N PHE C 213 19.73 30.87 -12.92
CA PHE C 213 21.00 31.51 -12.55
C PHE C 213 21.04 32.99 -12.93
N THR C 214 19.86 33.63 -13.00
CA THR C 214 19.81 35.09 -13.18
C THR C 214 18.97 35.82 -12.14
N THR C 215 18.43 35.14 -11.14
CA THR C 215 17.65 35.82 -10.11
C THR C 215 18.51 36.85 -9.41
N GLN C 216 18.01 38.09 -9.32
CA GLN C 216 18.88 39.17 -8.86
C GLN C 216 19.31 38.96 -7.42
N GLU C 217 18.38 38.55 -6.54
CA GLU C 217 18.76 38.39 -5.14
C GLU C 217 19.86 37.33 -4.98
N THR C 218 19.74 36.21 -5.69
CA THR C 218 20.65 35.10 -5.45
C THR C 218 22.03 35.39 -5.99
N ILE C 219 22.12 35.97 -7.18
CA ILE C 219 23.42 36.27 -7.76
C ILE C 219 24.12 37.37 -6.97
N THR C 220 23.35 38.34 -6.47
CA THR C 220 23.98 39.39 -5.66
C THR C 220 24.50 38.81 -4.35
N ASN C 221 23.67 38.00 -3.67
CA ASN C 221 24.16 37.32 -2.48
C ASN C 221 25.38 36.47 -2.79
N ALA C 222 25.36 35.74 -3.93
CA ALA C 222 26.47 34.86 -4.29
C ALA C 222 27.73 35.65 -4.53
N GLU C 223 27.59 36.81 -5.16
CA GLU C 223 28.77 37.65 -5.40
C GLU C 223 29.32 38.20 -4.09
N THR C 224 28.43 38.61 -3.16
CA THR C 224 28.88 39.04 -1.86
C THR C 224 29.62 37.94 -1.10
N ALA C 225 29.10 36.69 -1.14
CA ALA C 225 29.81 35.58 -0.51
C ALA C 225 31.15 35.31 -1.17
N LYS C 226 31.20 35.36 -2.50
CA LYS C 226 32.47 35.09 -3.21
C LYS C 226 33.50 36.17 -2.91
N GLU C 227 33.06 37.42 -2.78
CA GLU C 227 34.00 38.49 -2.43
C GLU C 227 34.53 38.30 -1.02
N TRP C 228 33.66 37.88 -0.08
CA TRP C 228 34.11 37.61 1.29
C TRP C 228 35.10 36.46 1.30
N PHE C 229 34.79 35.43 0.53
CA PHE C 229 35.65 34.25 0.49
C PHE C 229 37.01 34.60 -0.07
N LEU C 230 37.05 35.31 -1.20
CA LEU C 230 38.32 35.64 -1.85
C LEU C 230 39.14 36.59 -1.02
N GLN C 231 38.50 37.46 -0.26
CA GLN C 231 39.27 38.31 0.64
C GLN C 231 40.09 37.49 1.61
N ALA C 232 39.59 36.30 1.98
CA ALA C 232 40.32 35.41 2.87
C ALA C 232 41.31 34.54 2.10
N ALA C 233 40.86 33.89 1.02
CA ALA C 233 41.67 32.86 0.36
C ALA C 233 42.73 33.45 -0.55
N LYS C 234 42.42 34.57 -1.19
CA LYS C 234 43.36 35.26 -2.10
C LYS C 234 43.89 34.28 -3.14
N ASP C 235 43.00 33.42 -3.63
CA ASP C 235 43.36 32.39 -4.60
C ASP C 235 42.11 32.08 -5.40
N PRO C 236 41.98 32.61 -6.62
CA PRO C 236 40.81 32.26 -7.43
C PRO C 236 40.59 30.76 -7.63
N SER C 237 41.65 29.94 -7.59
CA SER C 237 41.45 28.51 -7.76
C SER C 237 40.77 27.86 -6.55
N ALA C 238 40.78 28.50 -5.38
CA ALA C 238 40.14 27.92 -4.20
C ALA C 238 38.62 27.97 -4.28
N VAL C 239 38.06 28.78 -5.20
CA VAL C 239 36.61 28.84 -5.31
C VAL C 239 36.04 27.47 -5.63
N ALA C 240 36.78 26.66 -6.39
CA ALA C 240 36.31 25.34 -6.79
C ALA C 240 36.20 24.37 -5.62
N LYS C 241 36.81 24.67 -4.47
CA LYS C 241 36.66 23.85 -3.28
C LYS C 241 35.54 24.33 -2.36
N HIS C 242 35.02 25.52 -2.60
CA HIS C 242 34.07 26.12 -1.68
C HIS C 242 32.78 26.60 -2.31
N PHE C 243 32.59 26.47 -3.62
CA PHE C 243 31.37 26.93 -4.27
C PHE C 243 30.92 25.90 -5.30
N VAL C 244 29.64 25.48 -5.20
CA VAL C 244 28.97 24.64 -6.18
C VAL C 244 27.69 25.35 -6.60
N ALA C 245 27.12 24.91 -7.71
CA ALA C 245 25.90 25.50 -8.25
C ALA C 245 24.85 24.43 -8.54
N LEU C 246 23.57 24.80 -8.31
CA LEU C 246 22.42 24.00 -8.67
C LEU C 246 21.59 24.82 -9.66
N SER C 247 21.49 24.37 -10.91
CA SER C 247 20.85 25.21 -11.90
C SER C 247 20.52 24.42 -13.16
N THR C 248 19.80 25.08 -14.08
CA THR C 248 19.61 24.55 -15.44
C THR C 248 20.49 25.28 -16.45
N ASN C 249 21.15 26.36 -16.04
CA ASN C 249 21.82 27.25 -16.99
C ASN C 249 23.33 27.08 -16.87
N THR C 250 23.88 26.14 -17.65
CA THR C 250 25.31 25.88 -17.61
C THR C 250 26.12 27.13 -17.97
N THR C 251 25.69 27.87 -18.99
CA THR C 251 26.42 29.06 -19.43
C THR C 251 26.58 30.07 -18.30
N LYS C 252 25.48 30.46 -17.67
CA LYS C 252 25.56 31.47 -16.62
C LYS C 252 26.34 30.97 -15.40
N VAL C 253 26.24 29.69 -15.08
CA VAL C 253 27.06 29.17 -13.98
C VAL C 253 28.54 29.32 -14.30
N LYS C 254 28.92 29.06 -15.55
CA LYS C 254 30.32 29.22 -15.95
C LYS C 254 30.75 30.68 -15.91
N GLU C 255 29.88 31.60 -16.36
CA GLU C 255 30.27 33.02 -16.29
C GLU C 255 30.41 33.52 -14.86
N PHE C 256 29.64 32.96 -13.92
CA PHE C 256 29.81 33.36 -12.54
C PHE C 256 31.14 32.91 -11.97
N GLY C 257 31.81 31.96 -12.63
CA GLY C 257 33.07 31.45 -12.14
C GLY C 257 33.03 30.10 -11.43
N ILE C 258 31.96 29.31 -11.61
CA ILE C 258 31.87 27.99 -11.00
C ILE C 258 32.44 26.95 -11.95
N ASP C 259 33.28 26.06 -11.43
CA ASP C 259 33.80 24.92 -12.19
C ASP C 259 32.64 24.08 -12.72
N PRO C 260 32.65 23.68 -14.00
CA PRO C 260 31.49 22.95 -14.52
C PRO C 260 31.31 21.55 -13.92
N GLN C 261 32.36 20.94 -13.37
CA GLN C 261 32.20 19.77 -12.52
C GLN C 261 31.52 20.08 -11.21
N ASN C 262 31.37 21.35 -10.85
CA ASN C 262 30.69 21.72 -9.62
C ASN C 262 29.27 22.15 -9.86
N MET C 263 28.70 21.79 -11.00
CA MET C 263 27.30 22.11 -11.26
C MET C 263 26.44 20.86 -11.21
N PHE C 264 25.40 20.91 -10.40
CA PHE C 264 24.39 19.87 -10.28
C PHE C 264 23.15 20.33 -11.05
N GLU C 265 22.83 19.63 -12.11
CA GLU C 265 21.89 20.09 -13.12
C GLU C 265 20.48 19.63 -12.78
N PHE C 266 19.49 20.45 -13.15
CA PHE C 266 18.09 20.03 -13.24
C PHE C 266 17.53 20.59 -14.56
N TRP C 267 16.21 20.49 -14.75
CA TRP C 267 15.60 20.61 -16.06
C TRP C 267 14.41 21.55 -16.03
N ASP C 268 14.00 21.98 -17.23
CA ASP C 268 12.96 22.99 -17.37
C ASP C 268 11.63 22.51 -16.83
N TRP C 269 11.40 21.20 -16.84
CA TRP C 269 10.15 20.61 -16.35
C TRP C 269 10.13 20.39 -14.84
N VAL C 270 11.12 20.91 -14.12
CA VAL C 270 11.15 20.96 -12.67
C VAL C 270 10.75 22.39 -12.28
N GLY C 271 9.52 22.60 -11.85
CA GLY C 271 9.17 23.91 -11.34
C GLY C 271 9.90 24.20 -10.04
N GLY C 272 10.22 25.48 -9.83
CA GLY C 272 10.99 25.81 -8.66
C GLY C 272 10.30 25.38 -7.37
N ARG C 273 9.00 25.60 -7.29
CA ARG C 273 8.24 25.23 -6.10
C ARG C 273 7.95 23.74 -6.03
N TYR C 274 8.47 22.96 -6.99
CA TYR C 274 8.40 21.51 -7.00
C TYR C 274 9.81 20.93 -7.12
N SER C 275 10.84 21.65 -6.67
CA SER C 275 12.20 21.30 -7.03
C SER C 275 13.05 20.71 -5.92
N LEU C 276 12.55 20.63 -4.68
CA LEU C 276 13.39 20.09 -3.61
C LEU C 276 13.83 18.65 -3.91
N TRP C 277 13.13 17.97 -4.79
CA TRP C 277 13.39 16.56 -5.11
C TRP C 277 14.54 16.43 -6.09
N SER C 278 14.99 17.53 -6.67
CA SER C 278 16.05 17.57 -7.67
C SER C 278 17.38 17.93 -7.03
N ALA C 279 18.35 18.31 -7.86
CA ALA C 279 19.62 18.88 -7.40
C ALA C 279 19.43 19.99 -6.36
N ILE C 280 18.31 20.70 -6.41
CA ILE C 280 18.02 21.73 -5.43
C ILE C 280 18.04 21.17 -4.00
N GLY C 281 17.81 19.88 -3.86
CA GLY C 281 17.84 19.27 -2.56
C GLY C 281 19.21 18.90 -2.07
N LEU C 282 20.26 19.36 -2.74
CA LEU C 282 21.60 19.00 -2.29
C LEU C 282 21.84 19.34 -0.83
N SER C 283 21.39 20.51 -0.36
CA SER C 283 21.61 20.83 1.05
C SER C 283 20.89 19.85 2.00
N ILE C 284 19.74 19.31 1.60
CA ILE C 284 19.10 18.24 2.39
C ILE C 284 20.02 17.04 2.48
N ALA C 285 20.50 16.58 1.34
CA ALA C 285 21.36 15.40 1.32
C ALA C 285 22.67 15.63 2.08
N LEU C 286 23.25 16.83 2.00
CA LEU C 286 24.46 17.09 2.77
C LEU C 286 24.18 17.03 4.27
N HIS C 287 23.02 17.54 4.72
CA HIS C 287 22.75 17.66 6.14
C HIS C 287 22.35 16.33 6.79
N VAL C 288 21.48 15.56 6.15
CA VAL C 288 20.94 14.30 6.71
C VAL C 288 21.48 13.08 6.00
N GLY C 289 22.29 13.26 4.98
CA GLY C 289 22.83 12.12 4.25
C GLY C 289 22.02 11.78 3.01
N PHE C 290 22.71 11.31 1.99
CA PHE C 290 22.03 10.94 0.78
C PHE C 290 21.09 9.75 0.99
N ASP C 291 21.42 8.82 1.89
CA ASP C 291 20.49 7.72 2.17
C ASP C 291 19.13 8.26 2.65
N ASN C 292 19.13 9.26 3.53
CA ASN C 292 17.86 9.81 3.99
C ASN C 292 17.18 10.62 2.88
N PHE C 293 17.97 11.28 2.02
CA PHE C 293 17.36 11.94 0.87
C PHE C 293 16.65 10.94 -0.03
N GLU C 294 17.26 9.78 -0.27
CA GLU C 294 16.60 8.74 -1.05
C GLU C 294 15.31 8.28 -0.41
N GLN C 295 15.28 8.20 0.92
CA GLN C 295 14.05 7.79 1.61
C GLN C 295 12.98 8.86 1.42
N LEU C 296 13.36 10.15 1.50
CA LEU C 296 12.43 11.24 1.19
C LEU C 296 11.87 11.11 -0.24
N LEU C 297 12.72 10.84 -1.22
CA LEU C 297 12.22 10.62 -2.58
C LEU C 297 11.28 9.42 -2.65
N SER C 298 11.62 8.35 -1.93
CA SER C 298 10.85 7.12 -1.97
C SER C 298 9.47 7.32 -1.40
N GLY C 299 9.36 8.12 -0.33
CA GLY C 299 8.05 8.43 0.21
C GLY C 299 7.18 9.17 -0.77
N ALA C 300 7.76 10.17 -1.44
CA ALA C 300 7.04 10.86 -2.50
C ALA C 300 6.60 9.90 -3.60
N HIS C 301 7.52 9.02 -4.00
CA HIS C 301 7.21 8.03 -5.04
C HIS C 301 6.02 7.17 -4.64
N TRP C 302 5.99 6.73 -3.38
CA TRP C 302 4.85 5.94 -2.89
C TRP C 302 3.55 6.71 -3.05
N MET C 303 3.55 7.97 -2.63
CA MET C 303 2.34 8.76 -2.74
C MET C 303 1.97 9.05 -4.19
N ASP C 304 2.96 9.20 -5.07
CA ASP C 304 2.67 9.37 -6.48
C ASP C 304 1.92 8.16 -7.00
N GLN C 305 2.38 6.95 -6.60
CA GLN C 305 1.69 5.73 -7.03
C GLN C 305 0.31 5.59 -6.41
N HIS C 306 0.15 5.96 -5.14
CA HIS C 306 -1.19 5.99 -4.56
C HIS C 306 -2.10 6.89 -5.37
N PHE C 307 -1.60 8.07 -5.72
CA PHE C 307 -2.42 9.03 -6.46
C PHE C 307 -2.76 8.48 -7.83
N ARG C 308 -1.80 7.75 -8.45
CA ARG C 308 -2.00 7.27 -9.80
C ARG C 308 -2.95 6.06 -9.88
N THR C 309 -3.01 5.24 -8.85
CA THR C 309 -3.64 3.93 -8.97
C THR C 309 -4.89 3.77 -8.14
N THR C 310 -5.25 4.76 -7.33
CA THR C 310 -6.34 4.57 -6.41
C THR C 310 -7.62 5.14 -7.01
N PRO C 311 -8.74 4.40 -6.93
CA PRO C 311 -10.04 4.97 -7.32
C PRO C 311 -10.27 6.31 -6.63
N LEU C 312 -10.89 7.24 -7.33
CA LEU C 312 -10.98 8.61 -6.83
C LEU C 312 -11.60 8.70 -5.44
N GLU C 313 -12.63 7.89 -5.18
CA GLU C 313 -13.37 8.02 -3.94
C GLU C 313 -12.54 7.59 -2.73
N LYS C 314 -11.37 6.97 -2.95
CA LYS C 314 -10.51 6.56 -1.86
C LYS C 314 -9.10 7.14 -2.00
N ASN C 315 -8.97 8.20 -2.78
CA ASN C 315 -7.67 8.70 -3.22
C ASN C 315 -7.38 9.97 -2.41
N ALA C 316 -6.38 9.90 -1.53
CA ALA C 316 -6.19 10.95 -0.52
C ALA C 316 -6.02 12.35 -1.10
N PRO C 317 -5.08 12.59 -2.02
CA PRO C 317 -4.97 13.95 -2.56
C PRO C 317 -6.22 14.44 -3.25
N VAL C 318 -6.95 13.53 -3.92
CA VAL C 318 -8.18 13.93 -4.60
C VAL C 318 -9.23 14.36 -3.59
N LEU C 319 -9.40 13.57 -2.52
CA LEU C 319 -10.40 13.94 -1.52
C LEU C 319 -10.04 15.26 -0.84
N LEU C 320 -8.78 15.45 -0.48
CA LEU C 320 -8.40 16.73 0.11
C LEU C 320 -8.66 17.89 -0.85
N ALA C 321 -8.37 17.69 -2.13
CA ALA C 321 -8.62 18.71 -3.14
C ALA C 321 -10.10 19.05 -3.20
N LEU C 322 -10.94 18.02 -3.27
CA LEU C 322 -12.37 18.21 -3.43
C LEU C 322 -12.99 18.89 -2.21
N LEU C 323 -12.56 18.53 -1.01
CA LEU C 323 -13.04 19.23 0.17
C LEU C 323 -12.70 20.71 0.08
N GLY C 324 -11.49 21.03 -0.41
CA GLY C 324 -11.13 22.46 -0.58
C GLY C 324 -12.02 23.14 -1.61
N ILE C 325 -12.35 22.43 -2.71
CA ILE C 325 -13.26 23.02 -3.71
C ILE C 325 -14.59 23.35 -3.07
N TRP C 326 -15.12 22.41 -2.28
CA TRP C 326 -16.37 22.65 -1.57
C TRP C 326 -16.30 23.93 -0.74
N TYR C 327 -15.23 24.09 0.03
CA TYR C 327 -15.15 25.24 0.91
C TYR C 327 -14.85 26.53 0.17
N ILE C 328 -14.13 26.46 -0.94
CA ILE C 328 -13.75 27.64 -1.70
C ILE C 328 -14.89 28.10 -2.61
N ASN C 329 -15.42 27.18 -3.40
CA ASN C 329 -16.36 27.53 -4.45
C ASN C 329 -17.82 27.40 -4.04
N CYS C 330 -18.13 26.74 -2.93
CA CYS C 330 -19.48 26.78 -2.37
C CYS C 330 -19.56 27.68 -1.16
N PHE C 331 -18.82 27.39 -0.09
CA PHE C 331 -18.88 28.21 1.12
C PHE C 331 -18.16 29.55 0.99
N GLY C 332 -17.26 29.71 0.03
CA GLY C 332 -16.59 30.99 -0.17
C GLY C 332 -15.48 31.34 0.81
N CYS C 333 -14.83 30.35 1.39
CA CYS C 333 -13.75 30.59 2.33
C CYS C 333 -12.49 31.01 1.60
N GLU C 334 -11.92 32.16 2.00
CA GLU C 334 -10.73 32.66 1.34
C GLU C 334 -9.45 31.94 1.72
N THR C 335 -9.40 31.29 2.89
CA THR C 335 -8.16 30.81 3.44
C THR C 335 -8.22 29.33 3.77
N HIS C 336 -7.03 28.79 3.97
CA HIS C 336 -6.85 27.40 4.36
C HIS C 336 -5.71 27.37 5.36
N ALA C 337 -5.98 26.95 6.58
CA ALA C 337 -4.96 26.93 7.63
C ALA C 337 -4.30 25.56 7.70
N MET C 338 -2.99 25.57 7.78
CA MET C 338 -2.20 24.35 7.93
C MET C 338 -1.52 24.36 9.29
N LEU C 339 -1.91 23.44 10.16
CA LEU C 339 -1.57 23.45 11.58
C LEU C 339 -0.91 22.14 11.99
N PRO C 340 0.37 21.98 11.71
CA PRO C 340 1.09 20.77 12.18
C PRO C 340 1.44 20.87 13.64
N TYR C 341 1.10 19.84 14.42
CA TYR C 341 1.40 19.82 15.84
C TYR C 341 2.76 19.19 15.99
N ASP C 342 3.76 19.95 15.51
CA ASP C 342 5.12 19.43 15.44
C ASP C 342 6.05 20.61 15.22
N GLN C 343 6.90 20.86 16.20
CA GLN C 343 7.84 21.98 16.10
C GLN C 343 8.83 21.81 14.96
N TYR C 344 9.21 20.56 14.64
CA TYR C 344 10.12 20.38 13.51
C TYR C 344 9.49 20.81 12.19
N LEU C 345 8.14 20.74 12.11
CA LEU C 345 7.40 21.20 10.94
C LEU C 345 7.04 22.67 11.00
N HIS C 346 7.83 23.49 11.72
CA HIS C 346 7.45 24.89 11.87
C HIS C 346 7.47 25.68 10.57
N ARG C 347 8.15 25.21 9.52
CA ARG C 347 8.17 25.88 8.22
C ARG C 347 7.35 25.19 7.14
N PHE C 348 6.48 24.25 7.54
CA PHE C 348 5.67 23.49 6.58
C PHE C 348 4.59 24.36 5.94
N ALA C 349 3.83 25.11 6.74
CA ALA C 349 2.81 25.99 6.16
C ALA C 349 3.43 27.03 5.24
N ALA C 350 4.58 27.60 5.65
CA ALA C 350 5.24 28.59 4.80
C ALA C 350 5.66 27.98 3.46
N TYR C 351 6.09 26.72 3.48
CA TYR C 351 6.42 26.05 2.24
C TYR C 351 5.22 25.95 1.32
N PHE C 352 4.05 25.60 1.87
CA PHE C 352 2.86 25.48 1.05
C PHE C 352 2.25 26.83 0.70
N GLN C 353 2.64 27.91 1.36
CA GLN C 353 2.28 29.21 0.82
C GLN C 353 2.77 29.33 -0.62
N GLN C 354 4.04 28.98 -0.88
CA GLN C 354 4.50 28.98 -2.27
C GLN C 354 3.83 27.86 -3.05
N GLY C 355 3.84 26.65 -2.51
CA GLY C 355 3.45 25.52 -3.32
C GLY C 355 2.02 25.65 -3.80
N ASP C 356 1.14 26.09 -2.91
CA ASP C 356 -0.27 26.25 -3.21
C ASP C 356 -0.52 27.60 -3.86
N MET C 357 -0.12 28.71 -3.22
CA MET C 357 -0.58 30.04 -3.71
C MET C 357 0.07 30.40 -5.04
N GLU C 358 1.35 30.09 -5.22
CA GLU C 358 1.97 30.43 -6.50
C GLU C 358 1.46 29.49 -7.60
N SER C 359 1.05 28.26 -7.23
CA SER C 359 0.47 27.36 -8.22
C SER C 359 -0.92 27.82 -8.65
N ASN C 360 -1.82 28.04 -7.69
CA ASN C 360 -3.24 28.20 -8.00
C ASN C 360 -3.78 29.61 -7.79
N GLY C 361 -2.91 30.58 -7.46
CA GLY C 361 -3.25 31.99 -7.44
C GLY C 361 -3.29 32.52 -8.85
N LYS C 362 -4.33 32.12 -9.59
CA LYS C 362 -4.42 32.31 -11.02
C LYS C 362 -5.85 32.76 -11.37
N TYR C 363 -5.99 33.37 -12.53
CA TYR C 363 -7.30 33.85 -12.92
C TYR C 363 -7.62 33.68 -14.42
N ILE C 364 -6.71 33.16 -15.22
CA ILE C 364 -6.94 32.88 -16.62
C ILE C 364 -6.96 31.37 -16.83
N THR C 365 -7.97 30.89 -17.54
CA THR C 365 -8.12 29.46 -17.75
C THR C 365 -7.34 28.98 -18.99
N LYS C 366 -7.38 27.66 -19.21
CA LYS C 366 -6.65 27.08 -20.34
C LYS C 366 -7.14 27.66 -21.66
N SER C 367 -8.41 28.04 -21.74
CA SER C 367 -8.93 28.59 -22.99
C SER C 367 -8.63 30.07 -23.14
N GLY C 368 -7.92 30.68 -22.20
CA GLY C 368 -7.69 32.09 -22.25
C GLY C 368 -8.80 32.92 -21.65
N THR C 369 -9.84 32.28 -21.10
CA THR C 369 -11.00 32.96 -20.54
C THR C 369 -10.74 33.34 -19.09
N ARG C 370 -11.23 34.50 -18.67
CA ARG C 370 -11.12 34.87 -17.27
C ARG C 370 -12.03 34.00 -16.40
N VAL C 371 -11.51 33.53 -15.26
CA VAL C 371 -12.35 32.77 -14.34
C VAL C 371 -13.50 33.66 -13.87
N ASP C 372 -14.64 33.06 -13.61
CA ASP C 372 -15.76 33.75 -12.98
C ASP C 372 -16.10 33.06 -11.66
N HIS C 373 -15.07 32.57 -10.98
CA HIS C 373 -15.20 31.87 -9.71
C HIS C 373 -13.88 32.05 -8.97
N GLN C 374 -13.85 31.71 -7.69
CA GLN C 374 -12.60 31.70 -6.93
C GLN C 374 -11.66 30.59 -7.37
N THR C 375 -10.37 30.87 -7.26
CA THR C 375 -9.31 29.87 -7.37
C THR C 375 -8.58 29.74 -6.04
N GLY C 376 -7.25 29.62 -6.05
CA GLY C 376 -6.56 29.16 -4.88
C GLY C 376 -6.75 30.01 -3.65
N PRO C 377 -6.70 29.37 -2.47
CA PRO C 377 -6.86 30.12 -1.22
C PRO C 377 -5.57 30.71 -0.69
N ILE C 378 -5.73 31.58 0.31
CA ILE C 378 -4.60 32.04 1.10
C ILE C 378 -4.28 30.97 2.13
N VAL C 379 -3.04 30.46 2.10
CA VAL C 379 -2.57 29.40 3.01
C VAL C 379 -1.77 30.09 4.11
N TRP C 380 -1.96 29.66 5.34
CA TRP C 380 -1.33 30.28 6.48
C TRP C 380 -1.30 29.26 7.61
N GLY C 381 -0.58 29.61 8.68
CA GLY C 381 -0.60 28.74 9.84
C GLY C 381 0.69 28.82 10.62
N GLU C 382 0.62 28.31 11.84
CA GLU C 382 1.79 28.04 12.66
C GLU C 382 1.62 26.67 13.32
N PRO C 383 2.71 26.05 13.75
CA PRO C 383 2.59 24.75 14.40
C PRO C 383 1.87 24.85 15.75
N GLY C 384 1.12 23.80 16.06
CA GLY C 384 0.59 23.64 17.37
C GLY C 384 1.67 23.16 18.30
N THR C 385 1.57 23.52 19.59
CA THR C 385 0.50 24.34 20.17
C THR C 385 0.69 25.87 20.07
N ASN C 386 1.77 26.32 19.43
CA ASN C 386 2.05 27.77 19.34
C ASN C 386 0.86 28.53 18.76
N GLY C 387 0.35 28.11 17.60
CA GLY C 387 -0.77 28.79 16.99
C GLY C 387 -1.97 28.84 17.90
N GLN C 388 -2.13 27.80 18.71
CA GLN C 388 -3.26 27.70 19.62
C GLN C 388 -3.29 28.88 20.59
N HIS C 389 -2.12 29.37 21.00
CA HIS C 389 -2.02 30.49 21.92
C HIS C 389 -1.83 31.82 21.23
N ALA C 390 -1.95 31.86 19.92
CA ALA C 390 -1.83 33.10 19.16
C ALA C 390 -3.12 33.48 18.49
N PHE C 391 -3.75 32.60 17.71
CA PHE C 391 -4.85 33.01 16.86
C PHE C 391 -6.09 32.11 16.91
N TYR C 392 -6.08 31.05 17.71
CA TYR C 392 -7.24 30.18 17.71
C TYR C 392 -8.47 30.87 18.27
N GLN C 393 -8.30 31.91 19.11
CA GLN C 393 -9.44 32.70 19.55
C GLN C 393 -10.33 33.07 18.36
N LEU C 394 -9.72 33.51 17.27
CA LEU C 394 -10.47 33.92 16.10
C LEU C 394 -11.07 32.72 15.37
N ILE C 395 -10.35 31.61 15.30
CA ILE C 395 -10.93 30.42 14.68
C ILE C 395 -12.19 29.98 15.44
N HIS C 396 -12.13 30.02 16.77
CA HIS C 396 -13.26 29.57 17.59
C HIS C 396 -14.39 30.59 17.67
N GLN C 397 -14.10 31.88 17.81
CA GLN C 397 -15.12 32.86 18.18
C GLN C 397 -15.12 34.12 17.31
N GLY C 398 -14.45 34.10 16.18
CA GLY C 398 -14.51 35.19 15.21
C GLY C 398 -15.68 35.06 14.27
N THR C 399 -15.55 35.71 13.11
CA THR C 399 -16.63 35.77 12.13
C THR C 399 -16.23 35.15 10.79
N LYS C 400 -15.19 34.30 10.80
CA LYS C 400 -14.63 33.74 9.57
C LYS C 400 -14.76 32.23 9.63
N MET C 401 -15.06 31.63 8.50
CA MET C 401 -15.02 30.18 8.37
C MET C 401 -13.67 29.84 7.77
N ILE C 402 -12.95 28.94 8.44
CA ILE C 402 -11.53 28.70 8.13
C ILE C 402 -11.35 27.18 8.13
N PRO C 403 -11.37 26.52 6.98
CA PRO C 403 -10.96 25.11 6.93
C PRO C 403 -9.55 24.97 7.45
N CYS C 404 -9.34 24.00 8.36
CA CYS C 404 -8.04 23.74 8.95
C CYS C 404 -7.63 22.29 8.74
N ASP C 405 -6.38 22.08 8.37
CA ASP C 405 -5.75 20.77 8.40
C ASP C 405 -4.86 20.70 9.63
N PHE C 406 -5.20 19.80 10.56
CA PHE C 406 -4.40 19.49 11.73
C PHE C 406 -3.59 18.23 11.40
N LEU C 407 -2.28 18.29 11.60
CA LEU C 407 -1.39 17.16 11.34
C LEU C 407 -0.57 16.82 12.57
N ILE C 408 -0.29 15.52 12.79
CA ILE C 408 0.58 15.15 13.91
C ILE C 408 1.16 13.76 13.71
N PRO C 409 2.42 13.53 14.12
CA PRO C 409 2.95 12.16 14.24
C PRO C 409 2.56 11.52 15.56
N VAL C 410 2.20 10.24 15.49
CA VAL C 410 1.92 9.49 16.69
C VAL C 410 3.15 9.40 17.58
N GLN C 411 4.30 9.07 16.97
CA GLN C 411 5.54 8.85 17.67
C GLN C 411 6.41 10.09 17.53
N THR C 412 6.85 10.61 18.67
CA THR C 412 7.75 11.75 18.70
C THR C 412 9.21 11.34 18.56
N GLN C 413 9.99 12.23 17.95
CA GLN C 413 11.44 12.10 17.90
C GLN C 413 12.10 12.33 19.27
N HIS C 414 11.38 12.91 20.23
CA HIS C 414 11.94 13.22 21.54
C HIS C 414 10.99 12.81 22.65
N PRO C 415 10.93 11.54 22.97
CA PRO C 415 9.99 11.05 23.99
C PRO C 415 10.42 11.32 25.43
N ILE C 416 10.69 12.59 25.73
CA ILE C 416 11.19 12.97 27.04
C ILE C 416 10.10 12.83 28.09
N ARG C 417 10.53 12.82 29.37
CA ARG C 417 9.61 12.74 30.50
C ARG C 417 8.67 11.55 30.33
N LYS C 418 9.21 10.43 29.84
CA LYS C 418 8.45 9.19 29.67
C LYS C 418 7.20 9.40 28.82
N GLY C 419 7.27 10.34 27.87
CA GLY C 419 6.20 10.60 26.94
C GLY C 419 5.24 11.69 27.34
N LEU C 420 5.49 12.37 28.46
CA LEU C 420 4.52 13.30 28.99
C LEU C 420 4.24 14.43 28.01
N HIS C 421 5.28 15.02 27.46
CA HIS C 421 5.07 16.15 26.59
C HIS C 421 4.27 15.76 25.35
N HIS C 422 4.53 14.57 24.79
CA HIS C 422 3.81 14.19 23.60
C HIS C 422 2.38 13.78 23.91
N LYS C 423 2.13 13.25 25.10
CA LYS C 423 0.76 12.99 25.52
C LYS C 423 -0.03 14.30 25.54
N ILE C 424 0.53 15.34 26.15
CA ILE C 424 -0.16 16.63 26.20
C ILE C 424 -0.36 17.19 24.81
N LEU C 425 0.65 17.09 23.95
CA LEU C 425 0.52 17.59 22.60
C LEU C 425 -0.61 16.87 21.85
N LEU C 426 -0.64 15.54 21.96
CA LEU C 426 -1.70 14.75 21.34
C LEU C 426 -3.07 15.13 21.88
N ALA C 427 -3.17 15.32 23.19
CA ALA C 427 -4.46 15.68 23.77
C ALA C 427 -4.94 17.01 23.21
N ASN C 428 -4.03 17.98 23.04
CA ASN C 428 -4.42 19.24 22.45
C ASN C 428 -4.81 19.12 20.99
N PHE C 429 -4.04 18.37 20.21
CA PHE C 429 -4.41 18.13 18.81
C PHE C 429 -5.83 17.60 18.70
N LEU C 430 -6.17 16.62 19.55
CA LEU C 430 -7.47 15.97 19.50
C LEU C 430 -8.57 16.91 20.03
N ALA C 431 -8.30 17.62 21.15
CA ALA C 431 -9.28 18.48 21.77
C ALA C 431 -9.67 19.64 20.90
N GLN C 432 -8.69 20.20 20.14
CA GLN C 432 -9.00 21.41 19.37
C GLN C 432 -9.97 21.13 18.24
N THR C 433 -9.80 19.99 17.54
CA THR C 433 -10.77 19.69 16.50
C THR C 433 -12.11 19.29 17.10
N GLU C 434 -12.08 18.60 18.24
CA GLU C 434 -13.32 18.26 18.96
C GLU C 434 -14.07 19.53 19.34
N ALA C 435 -13.34 20.54 19.87
CA ALA C 435 -13.96 21.80 20.30
C ALA C 435 -14.49 22.56 19.12
N LEU C 436 -13.71 22.63 18.03
CA LEU C 436 -14.16 23.36 16.85
C LEU C 436 -15.46 22.76 16.30
N MET C 437 -15.59 21.44 16.33
N MET C 437 -15.59 21.43 16.35
CA MET C 437 -16.82 20.81 15.88
CA MET C 437 -16.81 20.79 15.89
C MET C 437 -17.96 21.02 16.87
C MET C 437 -17.96 21.00 16.88
N ARG C 438 -17.71 20.77 18.17
CA ARG C 438 -18.81 20.65 19.12
C ARG C 438 -19.31 22.00 19.62
N GLY C 439 -18.43 22.96 19.81
CA GLY C 439 -18.83 24.21 20.47
C GLY C 439 -19.32 23.95 21.90
N LYS C 440 -20.03 24.95 22.39
CA LYS C 440 -20.59 24.95 23.76
C LYS C 440 -21.78 25.88 23.74
N SER C 441 -22.96 25.33 24.04
CA SER C 441 -24.19 26.10 23.93
C SER C 441 -24.36 27.00 25.12
N THR C 442 -25.33 27.93 24.99
CA THR C 442 -25.73 28.76 26.13
C THR C 442 -26.10 27.90 27.34
N GLU C 443 -26.86 26.82 27.11
CA GLU C 443 -27.28 25.99 28.23
C GLU C 443 -26.09 25.37 28.92
N GLU C 444 -25.13 24.87 28.14
CA GLU C 444 -23.95 24.23 28.72
C GLU C 444 -23.09 25.24 29.46
N ALA C 445 -22.94 26.43 28.89
CA ALA C 445 -22.16 27.46 29.54
C ALA C 445 -22.82 27.94 30.83
N ARG C 446 -24.15 28.12 30.81
CA ARG C 446 -24.84 28.51 32.04
C ARG C 446 -24.62 27.47 33.13
N LYS C 447 -24.68 26.18 32.77
CA LYS C 447 -24.50 25.13 33.76
C LYS C 447 -23.12 25.24 34.41
N GLU C 448 -22.08 25.50 33.60
CA GLU C 448 -20.73 25.60 34.14
C GLU C 448 -20.60 26.79 35.07
N LEU C 449 -21.15 27.93 34.66
CA LEU C 449 -21.01 29.14 35.47
C LEU C 449 -21.73 28.97 36.80
N GLN C 450 -22.93 28.37 36.76
CA GLN C 450 -23.68 28.15 37.99
C GLN C 450 -22.93 27.18 38.89
N ALA C 451 -22.34 26.14 38.30
CA ALA C 451 -21.61 25.14 39.09
C ALA C 451 -20.35 25.72 39.70
N ALA C 452 -19.75 26.72 39.04
CA ALA C 452 -18.58 27.40 39.54
C ALA C 452 -18.91 28.43 40.62
N GLY C 453 -20.19 28.62 40.95
CA GLY C 453 -20.59 29.50 42.03
C GLY C 453 -20.80 30.93 41.63
N LYS C 454 -21.00 31.23 40.36
CA LYS C 454 -21.12 32.61 39.93
C LYS C 454 -22.44 33.22 40.42
N SER C 455 -22.32 34.42 40.97
CA SER C 455 -23.41 35.37 41.21
C SER C 455 -24.33 35.43 40.00
N PRO C 456 -25.63 35.70 40.17
CA PRO C 456 -26.47 35.98 38.99
C PRO C 456 -25.94 37.14 38.16
N GLU C 457 -25.43 38.19 38.81
CA GLU C 457 -24.89 39.33 38.06
C GLU C 457 -23.70 38.91 37.19
N ASP C 458 -22.73 38.24 37.80
CA ASP C 458 -21.57 37.78 37.04
C ASP C 458 -22.00 36.76 35.99
N LEU C 459 -22.91 35.85 36.35
CA LEU C 459 -23.39 34.89 35.37
C LEU C 459 -23.99 35.60 34.16
N GLU C 460 -24.88 36.56 34.40
CA GLU C 460 -25.60 37.20 33.30
C GLU C 460 -24.65 37.95 32.38
N ARG C 461 -23.62 38.63 32.93
CA ARG C 461 -22.70 39.40 32.10
C ARG C 461 -21.71 38.51 31.33
N LEU C 462 -21.24 37.42 31.95
CA LEU C 462 -20.26 36.56 31.30
C LEU C 462 -20.89 35.60 30.29
N LEU C 463 -22.12 35.16 30.56
CA LEU C 463 -22.66 34.00 29.83
C LEU C 463 -22.57 34.14 28.32
N PRO C 464 -23.02 35.23 27.71
CA PRO C 464 -23.03 35.27 26.25
C PRO C 464 -21.61 35.14 25.66
N HIS C 465 -20.59 35.57 26.40
CA HIS C 465 -19.21 35.55 25.90
C HIS C 465 -18.59 34.17 25.97
N LYS C 466 -19.18 33.27 26.73
CA LYS C 466 -18.67 31.94 26.95
C LYS C 466 -19.23 30.92 25.97
N VAL C 467 -20.05 31.34 25.03
CA VAL C 467 -20.70 30.43 24.10
C VAL C 467 -19.82 30.25 22.87
N PHE C 468 -19.72 28.99 22.43
CA PHE C 468 -18.98 28.64 21.22
C PHE C 468 -20.00 28.08 20.22
N GLU C 469 -20.12 28.70 19.06
CA GLU C 469 -21.07 28.21 18.07
C GLU C 469 -20.64 26.89 17.44
N GLY C 470 -19.37 26.61 17.41
CA GLY C 470 -18.97 25.34 16.87
C GLY C 470 -19.22 25.22 15.38
N ASN C 471 -19.35 23.96 14.94
CA ASN C 471 -19.64 23.64 13.55
C ASN C 471 -18.53 24.11 12.62
N ARG C 472 -17.30 24.11 13.15
CA ARG C 472 -16.14 24.56 12.39
C ARG C 472 -15.36 23.35 11.92
N PRO C 473 -15.23 23.14 10.62
CA PRO C 473 -14.73 21.88 10.09
C PRO C 473 -13.22 21.81 10.02
N THR C 474 -12.73 20.58 10.20
CA THR C 474 -11.31 20.29 10.20
C THR C 474 -11.03 18.95 9.52
N ASN C 475 -9.83 18.82 8.98
CA ASN C 475 -9.24 17.53 8.66
C ASN C 475 -8.22 17.24 9.74
N SER C 476 -8.09 15.96 10.10
CA SER C 476 -7.02 15.49 10.96
C SER C 476 -6.22 14.45 10.20
N ILE C 477 -4.93 14.70 10.08
CA ILE C 477 -4.01 13.83 9.36
C ILE C 477 -2.99 13.36 10.37
N VAL C 478 -3.05 12.06 10.69
CA VAL C 478 -2.22 11.46 11.72
C VAL C 478 -1.37 10.39 11.05
N PHE C 479 -0.07 10.43 11.31
CA PHE C 479 0.84 9.47 10.69
C PHE C 479 1.76 8.89 11.74
N THR C 480 2.34 7.71 11.46
CA THR C 480 3.05 7.00 12.52
C THR C 480 4.19 7.83 13.09
N LYS C 481 5.07 8.36 12.23
CA LYS C 481 6.28 9.03 12.70
C LYS C 481 6.77 9.91 11.55
N LEU C 482 7.31 11.08 11.91
CA LEU C 482 7.84 11.98 10.89
C LEU C 482 9.28 11.60 10.55
N THR C 483 9.39 10.58 9.72
CA THR C 483 10.64 10.12 9.15
C THR C 483 10.86 10.76 7.79
N PRO C 484 12.06 10.62 7.21
CA PRO C 484 12.26 11.14 5.86
C PRO C 484 11.23 10.61 4.86
N PHE C 485 10.96 9.31 4.88
CA PHE C 485 10.00 8.76 3.96
C PHE C 485 8.63 9.36 4.18
N MET C 486 8.19 9.44 5.45
CA MET C 486 6.85 9.94 5.68
C MET C 486 6.72 11.41 5.28
N LEU C 487 7.75 12.21 5.54
CA LEU C 487 7.70 13.59 5.07
C LEU C 487 7.56 13.66 3.55
N GLY C 488 8.33 12.85 2.81
CA GLY C 488 8.17 12.84 1.37
C GLY C 488 6.77 12.51 0.91
N ALA C 489 6.14 11.51 1.56
CA ALA C 489 4.77 11.15 1.22
C ALA C 489 3.79 12.29 1.49
N LEU C 490 3.95 12.97 2.63
CA LEU C 490 3.05 14.07 2.98
C LEU C 490 3.20 15.26 2.06
N VAL C 491 4.44 15.64 1.72
CA VAL C 491 4.63 16.74 0.78
C VAL C 491 4.04 16.42 -0.58
N ALA C 492 4.27 15.20 -1.09
CA ALA C 492 3.71 14.84 -2.39
C ALA C 492 2.19 14.78 -2.35
N MET C 493 1.61 14.41 -1.20
CA MET C 493 0.16 14.38 -1.09
C MET C 493 -0.42 15.77 -1.34
N TYR C 494 0.17 16.77 -0.75
CA TYR C 494 -0.29 18.14 -0.96
C TYR C 494 0.03 18.64 -2.37
N GLU C 495 1.19 18.28 -2.93
CA GLU C 495 1.46 18.61 -4.33
C GLU C 495 0.33 18.13 -5.22
N HIS C 496 -0.12 16.88 -5.00
CA HIS C 496 -1.17 16.35 -5.85
C HIS C 496 -2.55 16.94 -5.53
N LYS C 497 -2.81 17.28 -4.27
CA LYS C 497 -4.01 18.04 -3.95
C LYS C 497 -4.05 19.30 -4.81
N ILE C 498 -2.94 20.04 -4.82
CA ILE C 498 -2.88 21.30 -5.55
C ILE C 498 -3.11 21.07 -7.05
N PHE C 499 -2.49 20.01 -7.60
CA PHE C 499 -2.70 19.66 -9.00
C PHE C 499 -4.18 19.41 -9.29
N VAL C 500 -4.85 18.62 -8.46
CA VAL C 500 -6.25 18.30 -8.74
C VAL C 500 -7.12 19.54 -8.73
N GLN C 501 -6.90 20.44 -7.75
CA GLN C 501 -7.66 21.68 -7.70
C GLN C 501 -7.44 22.51 -8.95
N GLY C 502 -6.21 22.63 -9.43
CA GLY C 502 -5.97 23.40 -10.62
C GLY C 502 -6.68 22.83 -11.84
N ILE C 503 -6.71 21.50 -11.97
CA ILE C 503 -7.43 20.91 -13.09
C ILE C 503 -8.91 21.21 -12.98
N ILE C 504 -9.46 21.09 -11.79
CA ILE C 504 -10.88 21.42 -11.64
C ILE C 504 -11.16 22.88 -12.02
N TRP C 505 -10.28 23.81 -11.63
CA TRP C 505 -10.49 25.23 -11.93
C TRP C 505 -10.13 25.58 -13.37
N ASP C 506 -9.46 24.68 -14.08
CA ASP C 506 -9.07 24.85 -15.46
C ASP C 506 -7.93 25.88 -15.60
N ILE C 507 -7.07 25.94 -14.59
CA ILE C 507 -5.95 26.88 -14.57
C ILE C 507 -4.63 26.12 -14.71
N ASN C 508 -3.55 26.86 -14.95
CA ASN C 508 -2.20 26.28 -15.04
C ASN C 508 -1.54 26.41 -13.69
N SER C 509 -1.41 25.28 -12.98
CA SER C 509 -0.77 25.26 -11.68
C SER C 509 0.73 25.43 -11.78
N PHE C 510 1.32 25.47 -12.99
CA PHE C 510 2.75 25.25 -13.16
C PHE C 510 3.48 26.43 -13.74
N ASP C 511 2.80 27.51 -14.08
CA ASP C 511 3.45 28.74 -14.50
C ASP C 511 3.39 29.79 -13.38
N GLN C 512 3.97 30.97 -13.61
CA GLN C 512 3.94 32.04 -12.62
C GLN C 512 4.20 33.40 -13.27
N TRP C 513 3.37 33.76 -14.24
CA TRP C 513 3.54 35.04 -14.93
C TRP C 513 3.32 36.20 -14.00
N GLY C 514 2.73 35.98 -12.83
CA GLY C 514 2.38 37.07 -11.92
C GLY C 514 3.55 37.68 -11.19
N VAL C 515 4.75 37.12 -11.32
CA VAL C 515 5.92 37.72 -10.68
C VAL C 515 6.67 38.68 -11.59
N GLU C 516 6.29 38.78 -12.87
CA GLU C 516 7.09 39.53 -13.82
C GLU C 516 6.98 41.06 -13.67
N LEU C 517 5.78 41.59 -13.40
CA LEU C 517 5.63 43.05 -13.38
C LEU C 517 6.48 43.69 -12.29
N GLY C 518 6.49 43.12 -11.08
CA GLY C 518 7.27 43.70 -10.01
C GLY C 518 8.76 43.67 -10.32
N LYS C 519 9.22 42.62 -11.02
CA LYS C 519 10.62 42.58 -11.43
C LYS C 519 10.92 43.68 -12.43
N GLN C 520 10.03 43.89 -13.39
CA GLN C 520 10.25 44.94 -14.39
C GLN C 520 10.29 46.32 -13.76
N LEU C 521 9.39 46.58 -12.82
CA LEU C 521 9.32 47.92 -12.22
C LEU C 521 10.49 48.16 -11.27
N ALA C 522 10.99 47.12 -10.60
CA ALA C 522 12.13 47.32 -9.70
C ALA C 522 13.39 47.65 -10.49
N LYS C 523 13.55 47.03 -11.67
CA LYS C 523 14.70 47.36 -12.51
C LYS C 523 14.70 48.82 -12.93
N LYS C 524 13.50 49.43 -13.11
CA LYS C 524 13.47 50.84 -13.49
C LYS C 524 13.77 51.78 -12.31
N ILE C 525 13.34 51.42 -11.10
CA ILE C 525 13.54 52.28 -9.94
C ILE C 525 14.98 52.23 -9.45
N GLU C 526 15.64 51.07 -9.56
CA GLU C 526 16.99 50.90 -9.03
C GLU C 526 17.90 52.09 -9.35
N PRO C 527 18.06 52.45 -10.63
CA PRO C 527 18.97 53.57 -10.94
C PRO C 527 18.48 54.92 -10.48
N GLU C 528 17.17 55.07 -10.30
CA GLU C 528 16.65 56.35 -9.85
C GLU C 528 16.93 56.60 -8.38
N LEU C 529 17.31 55.57 -7.63
CA LEU C 529 17.62 55.76 -6.22
C LEU C 529 19.00 56.37 -6.02
N ASP C 530 19.88 56.28 -7.03
CA ASP C 530 21.19 56.88 -6.93
C ASP C 530 21.09 58.40 -7.04
N GLY C 531 21.91 59.10 -6.28
CA GLY C 531 21.96 60.54 -6.35
C GLY C 531 20.80 61.20 -5.61
N SER C 532 20.91 62.52 -5.45
CA SER C 532 20.03 63.26 -4.57
C SER C 532 18.80 63.84 -5.25
N ALA C 533 18.70 63.72 -6.56
CA ALA C 533 17.64 64.40 -7.29
C ALA C 533 16.27 63.84 -6.93
N GLN C 534 15.30 64.74 -6.86
CA GLN C 534 13.92 64.34 -6.69
C GLN C 534 13.50 63.50 -7.89
N VAL C 535 12.67 62.52 -7.65
CA VAL C 535 12.14 61.68 -8.70
C VAL C 535 10.70 62.07 -8.98
N THR C 536 10.36 62.21 -10.26
CA THR C 536 9.07 62.71 -10.69
C THR C 536 8.46 61.82 -11.77
N SER C 537 9.06 60.67 -12.05
CA SER C 537 8.74 59.89 -13.24
C SER C 537 7.65 58.85 -13.01
N HIS C 538 7.18 58.64 -11.79
CA HIS C 538 6.13 57.66 -11.50
C HIS C 538 4.87 58.38 -11.04
N ASP C 539 3.93 57.59 -10.54
CA ASP C 539 2.78 58.12 -9.83
C ASP C 539 3.24 58.87 -8.57
N ALA C 540 2.35 59.67 -8.02
CA ALA C 540 2.72 60.55 -6.93
C ALA C 540 3.17 59.80 -5.69
N SER C 541 2.62 58.60 -5.47
CA SER C 541 2.99 57.83 -4.29
C SER C 541 4.42 57.30 -4.42
N THR C 542 4.71 56.60 -5.53
CA THR C 542 6.08 56.10 -5.74
C THR C 542 7.07 57.24 -5.67
N ASN C 543 6.76 58.38 -6.32
CA ASN C 543 7.65 59.53 -6.26
C ASN C 543 7.85 60.01 -4.82
N GLY C 544 6.75 60.17 -4.06
CA GLY C 544 6.86 60.68 -2.69
C GLY C 544 7.62 59.74 -1.77
N LEU C 545 7.39 58.42 -1.92
CA LEU C 545 8.16 57.45 -1.17
C LEU C 545 9.66 57.56 -1.51
N ILE C 546 9.99 57.59 -2.80
CA ILE C 546 11.40 57.75 -3.19
C ILE C 546 11.99 59.00 -2.58
N ASN C 547 11.26 60.11 -2.65
CA ASN C 547 11.81 61.37 -2.15
C ASN C 547 11.98 61.37 -0.63
N PHE C 548 11.09 60.68 0.11
CA PHE C 548 11.30 60.55 1.54
C PHE C 548 12.54 59.70 1.83
N ILE C 549 12.70 58.59 1.09
CA ILE C 549 13.92 57.78 1.22
C ILE C 549 15.16 58.65 1.01
N LYS C 550 15.17 59.44 -0.06
CA LYS C 550 16.33 60.30 -0.31
C LYS C 550 16.55 61.30 0.82
N GLN C 551 15.47 61.84 1.37
CA GLN C 551 15.64 62.82 2.44
C GLN C 551 16.24 62.16 3.66
N GLN C 552 15.76 60.98 3.96
CA GLN C 552 16.09 60.33 5.22
C GLN C 552 17.34 59.46 5.13
N ARG C 553 17.83 59.19 3.93
CA ARG C 553 19.09 58.49 3.74
C ARG C 553 20.22 59.12 4.53
N GLU C 554 20.19 60.44 4.67
CA GLU C 554 21.25 61.23 5.26
C GLU C 554 20.97 61.62 6.70
N ALA C 555 19.83 61.19 7.25
CA ALA C 555 19.46 61.60 8.59
C ALA C 555 20.34 60.89 9.61
N ARG C 556 20.90 61.66 10.53
CA ARG C 556 21.69 61.12 11.64
C ARG C 556 20.73 60.89 12.81
N VAL C 557 20.17 59.68 12.90
CA VAL C 557 19.34 59.32 14.05
C VAL C 557 20.18 59.43 15.31
N ALA D 2 -26.59 44.92 16.32
CA ALA D 2 -25.24 45.30 16.77
C ALA D 2 -25.04 46.79 16.57
N ALA D 3 -24.28 47.38 17.48
CA ALA D 3 -24.09 48.83 17.46
C ALA D 3 -23.60 49.33 16.10
N LEU D 4 -22.63 48.63 15.48
CA LEU D 4 -22.04 49.18 14.26
C LEU D 4 -23.06 49.25 13.13
N THR D 5 -23.84 48.19 12.93
CA THR D 5 -24.76 48.17 11.81
C THR D 5 -25.88 49.20 11.98
N ARG D 6 -26.22 49.53 13.24
CA ARG D 6 -27.22 50.55 13.52
C ARG D 6 -26.66 51.97 13.46
N ASP D 7 -25.36 52.14 13.30
CA ASP D 7 -24.75 53.47 13.37
C ASP D 7 -25.01 54.23 12.06
N PRO D 8 -25.49 55.47 12.13
CA PRO D 8 -25.86 56.14 10.88
C PRO D 8 -24.67 56.47 10.01
N GLN D 9 -23.51 56.69 10.59
CA GLN D 9 -22.34 56.99 9.75
C GLN D 9 -21.88 55.74 9.02
N PHE D 10 -22.01 54.58 9.67
CA PHE D 10 -21.71 53.32 9.00
C PHE D 10 -22.69 53.08 7.87
N GLN D 11 -23.97 53.40 8.07
CA GLN D 11 -24.94 53.22 6.99
C GLN D 11 -24.63 54.14 5.81
N LYS D 12 -24.17 55.36 6.09
CA LYS D 12 -23.82 56.28 5.01
C LYS D 12 -22.62 55.74 4.23
N LEU D 13 -21.62 55.20 4.95
CA LEU D 13 -20.48 54.57 4.30
C LEU D 13 -20.94 53.42 3.39
N GLN D 14 -21.87 52.60 3.88
CA GLN D 14 -22.30 51.46 3.09
C GLN D 14 -23.03 51.92 1.83
N GLN D 15 -23.88 52.94 1.98
CA GLN D 15 -24.60 53.50 0.84
C GLN D 15 -23.64 54.07 -0.17
N TRP D 16 -22.63 54.83 0.28
CA TRP D 16 -21.67 55.37 -0.66
C TRP D 16 -20.97 54.24 -1.40
N TYR D 17 -20.61 53.18 -0.67
CA TYR D 17 -19.95 52.04 -1.30
C TYR D 17 -20.83 51.43 -2.39
N ARG D 18 -22.12 51.24 -2.10
CA ARG D 18 -23.00 50.66 -3.10
C ARG D 18 -23.10 51.53 -4.35
N GLU D 19 -23.12 52.85 -4.17
CA GLU D 19 -23.34 53.74 -5.31
C GLU D 19 -22.06 54.10 -6.06
N HIS D 20 -20.91 54.16 -5.39
CA HIS D 20 -19.72 54.73 -6.02
C HIS D 20 -18.51 53.81 -6.12
N ARG D 21 -18.58 52.56 -5.65
CA ARG D 21 -17.48 51.59 -5.72
C ARG D 21 -16.72 51.68 -7.03
N SER D 22 -17.44 51.83 -8.15
CA SER D 22 -16.78 51.69 -9.45
C SER D 22 -15.88 52.87 -9.78
N GLU D 23 -16.01 53.99 -9.08
CA GLU D 23 -15.07 55.09 -9.28
C GLU D 23 -13.73 54.88 -8.59
N LEU D 24 -13.54 53.80 -7.84
CA LEU D 24 -12.31 53.59 -7.09
C LEU D 24 -11.38 52.72 -7.94
N ASN D 25 -10.74 53.35 -8.93
CA ASN D 25 -9.66 52.73 -9.68
C ASN D 25 -8.41 53.56 -9.45
N LEU D 26 -7.36 52.92 -8.94
CA LEU D 26 -6.18 53.66 -8.47
C LEU D 26 -5.46 54.36 -9.60
N ARG D 27 -5.31 53.71 -10.76
CA ARG D 27 -4.72 54.39 -11.90
C ARG D 27 -5.46 55.68 -12.18
N ARG D 28 -6.79 55.58 -12.28
CA ARG D 28 -7.61 56.75 -12.59
C ARG D 28 -7.41 57.83 -11.55
N LEU D 29 -7.36 57.46 -10.27
CA LEU D 29 -7.27 58.46 -9.21
C LEU D 29 -5.93 59.18 -9.24
N PHE D 30 -4.83 58.44 -9.38
CA PHE D 30 -3.52 59.09 -9.44
C PHE D 30 -3.37 59.95 -10.70
N ASP D 31 -3.94 59.52 -11.83
CA ASP D 31 -3.83 60.30 -13.06
C ASP D 31 -4.55 61.63 -12.92
N ALA D 32 -5.66 61.65 -12.19
CA ALA D 32 -6.50 62.83 -12.06
C ALA D 32 -6.08 63.77 -10.94
N ASN D 33 -5.23 63.32 -10.02
CA ASN D 33 -4.82 64.12 -8.84
C ASN D 33 -3.32 63.92 -8.62
N LYS D 34 -2.52 64.80 -9.23
CA LYS D 34 -1.07 64.78 -9.06
C LYS D 34 -0.65 65.04 -7.61
N ASP D 35 -1.55 65.53 -6.78
CA ASP D 35 -1.25 65.79 -5.38
C ASP D 35 -1.78 64.68 -4.47
N ARG D 36 -2.08 63.51 -5.01
CA ARG D 36 -2.75 62.51 -4.19
C ARG D 36 -1.85 62.02 -3.05
N PHE D 37 -0.54 61.90 -3.28
CA PHE D 37 0.33 61.45 -2.19
C PHE D 37 0.32 62.45 -1.04
N ASN D 38 0.39 63.74 -1.36
CA ASN D 38 0.38 64.75 -0.31
C ASN D 38 -0.91 64.70 0.50
N HIS D 39 -2.04 64.44 -0.16
CA HIS D 39 -3.31 64.45 0.53
C HIS D 39 -3.56 63.20 1.36
N PHE D 40 -2.91 62.10 1.04
CA PHE D 40 -3.20 60.83 1.68
C PHE D 40 -1.92 60.21 2.25
N SER D 41 -1.14 61.00 2.97
CA SER D 41 0.02 60.52 3.69
C SER D 41 0.26 61.39 4.92
N LEU D 42 0.94 60.79 5.90
CA LEU D 42 1.34 61.42 7.14
C LEU D 42 2.85 61.28 7.30
N THR D 43 3.51 62.35 7.72
CA THR D 43 4.91 62.28 8.15
C THR D 43 4.98 62.65 9.62
N LEU D 44 5.62 61.82 10.40
CA LEU D 44 5.76 61.99 11.83
C LEU D 44 7.23 62.13 12.16
N ASN D 45 7.59 63.16 12.86
CA ASN D 45 8.93 63.34 13.35
C ASN D 45 8.90 63.02 14.84
N THR D 46 9.53 61.91 15.22
CA THR D 46 9.59 61.47 16.60
C THR D 46 10.75 62.08 17.38
N ASN D 47 11.64 62.81 16.71
CA ASN D 47 12.91 63.32 17.19
C ASN D 47 13.95 62.21 17.23
N HIS D 48 13.56 60.96 16.96
CA HIS D 48 14.45 59.79 16.93
C HIS D 48 14.22 59.01 15.65
N GLY D 49 13.89 59.73 14.59
CA GLY D 49 13.52 59.16 13.32
C GLY D 49 12.17 59.65 12.85
N HIS D 50 12.01 59.65 11.55
CA HIS D 50 10.72 59.94 10.93
C HIS D 50 9.99 58.67 10.49
N ILE D 51 8.67 58.76 10.48
CA ILE D 51 7.78 57.73 9.95
C ILE D 51 6.92 58.37 8.87
N LEU D 52 6.93 57.80 7.68
CA LEU D 52 6.00 58.17 6.63
C LEU D 52 4.97 57.06 6.57
N VAL D 53 3.71 57.40 6.80
CA VAL D 53 2.59 56.50 6.60
C VAL D 53 1.89 56.96 5.34
N ASP D 54 2.15 56.26 4.23
CA ASP D 54 1.61 56.62 2.93
C ASP D 54 0.44 55.70 2.68
N TYR D 55 -0.78 56.24 2.80
CA TYR D 55 -1.99 55.47 2.55
C TYR D 55 -2.66 55.85 1.23
N SER D 56 -1.90 56.46 0.31
CA SER D 56 -2.50 56.98 -0.91
C SER D 56 -2.82 55.91 -1.95
N LYS D 57 -2.20 54.73 -1.86
CA LYS D 57 -2.53 53.63 -2.77
C LYS D 57 -3.70 52.80 -2.23
N ASN D 58 -4.64 53.43 -1.57
CA ASN D 58 -5.82 52.75 -1.08
C ASN D 58 -7.03 53.19 -1.89
N LEU D 59 -8.08 52.38 -1.82
CA LEU D 59 -9.31 52.64 -2.58
C LEU D 59 -10.21 53.64 -1.86
N VAL D 60 -9.66 54.84 -1.70
CA VAL D 60 -10.33 55.94 -1.01
C VAL D 60 -10.25 57.24 -1.80
N THR D 61 -11.21 58.09 -1.55
CA THR D 61 -11.22 59.50 -1.95
C THR D 61 -11.36 60.36 -0.71
N GLU D 62 -11.32 61.69 -0.88
CA GLU D 62 -11.48 62.55 0.30
C GLU D 62 -12.82 62.34 0.97
N ASP D 63 -13.87 62.11 0.19
CA ASP D 63 -15.18 61.88 0.78
C ASP D 63 -15.19 60.59 1.60
N VAL D 64 -14.59 59.52 1.08
CA VAL D 64 -14.50 58.28 1.87
C VAL D 64 -13.80 58.54 3.19
N MET D 65 -12.65 59.23 3.14
CA MET D 65 -11.89 59.42 4.38
C MET D 65 -12.67 60.27 5.37
N ARG D 66 -13.42 61.24 4.88
CA ARG D 66 -14.23 62.07 5.78
C ARG D 66 -15.34 61.23 6.43
N MET D 67 -16.02 60.39 5.64
CA MET D 67 -17.03 59.50 6.21
C MET D 67 -16.45 58.50 7.21
N LEU D 68 -15.24 57.99 6.95
CA LEU D 68 -14.59 57.08 7.89
C LEU D 68 -14.26 57.79 9.20
N VAL D 69 -13.71 59.01 9.13
CA VAL D 69 -13.45 59.78 10.35
C VAL D 69 -14.75 60.04 11.10
N ASP D 70 -15.82 60.37 10.36
CA ASP D 70 -17.12 60.58 10.99
C ASP D 70 -17.60 59.32 11.69
N LEU D 71 -17.29 58.15 11.12
CA LEU D 71 -17.60 56.90 11.81
C LEU D 71 -16.84 56.76 13.12
N ALA D 72 -15.52 57.03 13.12
CA ALA D 72 -14.79 57.00 14.37
C ALA D 72 -15.42 57.92 15.42
N LYS D 73 -15.89 59.10 15.01
CA LYS D 73 -16.49 60.02 15.97
C LYS D 73 -17.79 59.45 16.50
N SER D 74 -18.62 58.94 15.59
CA SER D 74 -19.93 58.41 15.97
C SER D 74 -19.80 57.19 16.87
N ARG D 75 -18.77 56.37 16.66
CA ARG D 75 -18.56 55.18 17.49
C ARG D 75 -17.81 55.50 18.78
N GLY D 76 -17.49 56.76 19.04
CA GLY D 76 -16.92 57.12 20.33
C GLY D 76 -15.47 56.72 20.54
N VAL D 77 -14.68 56.78 19.49
CA VAL D 77 -13.28 56.36 19.59
C VAL D 77 -12.52 57.23 20.60
N GLU D 78 -12.67 58.57 20.54
CA GLU D 78 -11.90 59.43 21.44
C GLU D 78 -12.27 59.17 22.90
N ALA D 79 -13.56 59.09 23.19
CA ALA D 79 -13.95 58.85 24.57
C ALA D 79 -13.45 57.49 25.06
N ALA D 80 -13.47 56.47 24.20
CA ALA D 80 -12.96 55.16 24.60
C ALA D 80 -11.46 55.22 24.85
N ARG D 81 -10.72 55.94 23.99
CA ARG D 81 -9.30 56.14 24.23
C ARG D 81 -9.07 56.77 25.59
N GLU D 82 -9.84 57.78 25.91
CA GLU D 82 -9.64 58.46 27.19
C GLU D 82 -9.94 57.53 28.35
N ARG D 83 -10.96 56.68 28.22
N ARG D 83 -10.97 56.70 28.22
CA ARG D 83 -11.25 55.68 29.24
CA ARG D 83 -11.23 55.69 29.27
C ARG D 83 -10.06 54.73 29.46
C ARG D 83 -10.01 54.78 29.47
N MET D 84 -9.43 54.28 28.38
CA MET D 84 -8.23 53.45 28.50
C MET D 84 -7.14 54.16 29.29
N PHE D 85 -6.73 55.35 28.80
CA PHE D 85 -5.59 56.03 29.38
C PHE D 85 -5.87 56.48 30.80
N ASN D 86 -7.14 56.64 31.18
CA ASN D 86 -7.49 57.09 32.52
C ASN D 86 -7.66 55.94 33.49
N GLY D 87 -7.44 54.71 33.06
CA GLY D 87 -7.48 53.59 33.99
C GLY D 87 -8.87 53.04 34.26
N GLU D 88 -9.85 53.37 33.44
CA GLU D 88 -11.19 52.82 33.60
C GLU D 88 -11.20 51.35 33.18
N LYS D 89 -12.18 50.61 33.68
CA LYS D 89 -12.19 49.16 33.52
C LYS D 89 -12.86 48.79 32.20
N ILE D 90 -12.17 49.12 31.11
CA ILE D 90 -12.75 48.93 29.78
C ILE D 90 -12.69 47.49 29.31
N ASN D 91 -11.92 46.62 29.97
CA ASN D 91 -12.03 45.18 29.74
C ASN D 91 -13.25 44.71 30.54
N TYR D 92 -14.42 44.89 29.93
CA TYR D 92 -15.66 44.83 30.69
C TYR D 92 -16.09 43.40 31.03
N THR D 93 -15.70 42.39 30.25
CA THR D 93 -16.13 41.04 30.63
C THR D 93 -15.33 40.51 31.82
N GLU D 94 -14.06 40.91 31.96
CA GLU D 94 -13.25 40.54 33.11
C GLU D 94 -13.23 41.59 34.23
N GLY D 95 -13.78 42.78 34.00
CA GLY D 95 -13.79 43.81 35.02
C GLY D 95 -12.41 44.39 35.33
N ARG D 96 -11.61 44.64 34.30
CA ARG D 96 -10.23 45.05 34.45
C ARG D 96 -9.96 46.31 33.65
N ALA D 97 -9.03 47.09 34.16
CA ALA D 97 -8.40 48.16 33.41
C ALA D 97 -7.51 47.56 32.30
N VAL D 98 -7.10 48.43 31.38
CA VAL D 98 -6.27 48.04 30.22
C VAL D 98 -5.17 49.09 30.11
N LEU D 99 -4.01 48.78 30.66
CA LEU D 99 -3.01 49.80 30.93
C LEU D 99 -1.61 49.39 30.49
N HIS D 100 -1.48 48.74 29.32
CA HIS D 100 -0.15 48.63 28.73
C HIS D 100 0.47 50.02 28.50
N VAL D 101 -0.36 51.07 28.34
CA VAL D 101 0.23 52.39 28.17
C VAL D 101 0.95 52.84 29.44
N ALA D 102 0.51 52.37 30.61
CA ALA D 102 1.16 52.75 31.85
C ALA D 102 2.55 52.16 31.93
N LEU D 103 2.74 50.97 31.32
CA LEU D 103 4.01 50.26 31.44
C LEU D 103 5.13 51.07 30.82
N ARG D 104 4.81 51.87 29.81
CA ARG D 104 5.79 52.68 29.10
C ARG D 104 5.60 54.18 29.31
N ASN D 105 4.95 54.58 30.40
CA ASN D 105 4.60 55.97 30.67
C ASN D 105 5.84 56.65 31.23
N ARG D 106 6.75 57.02 30.32
CA ARG D 106 8.03 57.57 30.73
C ARG D 106 7.88 58.92 31.43
N SER D 107 6.80 59.63 31.13
CA SER D 107 6.56 60.93 31.76
C SER D 107 6.18 60.81 33.24
N ASN D 108 5.72 59.65 33.66
CA ASN D 108 5.34 59.37 35.04
C ASN D 108 4.14 60.19 35.50
N THR D 109 3.39 60.78 34.57
CA THR D 109 2.10 61.37 34.93
C THR D 109 1.27 60.32 35.63
N PRO D 110 0.63 60.62 36.74
CA PRO D 110 -0.13 59.57 37.44
C PRO D 110 -1.20 59.00 36.55
N ILE D 111 -1.36 57.69 36.65
CA ILE D 111 -2.47 56.97 36.03
C ILE D 111 -3.15 56.20 37.14
N LEU D 112 -4.42 56.48 37.38
CA LEU D 112 -5.11 55.98 38.57
C LEU D 112 -6.00 54.79 38.24
N VAL D 113 -5.91 53.75 39.06
CA VAL D 113 -6.84 52.63 39.02
C VAL D 113 -7.46 52.55 40.41
N ASP D 114 -8.77 52.58 40.48
CA ASP D 114 -9.46 52.61 41.77
C ASP D 114 -8.90 53.74 42.63
N GLY D 115 -8.55 54.86 41.99
CA GLY D 115 -8.10 56.04 42.71
C GLY D 115 -6.64 56.05 43.08
N LYS D 116 -5.88 54.99 42.76
CA LYS D 116 -4.48 54.85 43.15
C LYS D 116 -3.55 54.83 41.94
N ASP D 117 -2.52 55.68 41.97
CA ASP D 117 -1.55 55.76 40.88
C ASP D 117 -0.80 54.45 40.75
N VAL D 118 -0.77 53.90 39.52
CA VAL D 118 -0.06 52.65 39.25
C VAL D 118 1.43 52.86 38.96
N MET D 119 1.85 54.09 38.75
CA MET D 119 3.21 54.28 38.26
C MET D 119 4.27 53.89 39.27
N PRO D 120 4.07 54.11 40.58
CA PRO D 120 5.14 53.66 41.49
C PRO D 120 5.40 52.16 41.43
N GLU D 121 4.35 51.35 41.25
CA GLU D 121 4.58 49.90 41.12
C GLU D 121 5.21 49.55 39.78
N VAL D 122 4.77 50.21 38.71
CA VAL D 122 5.42 50.00 37.41
C VAL D 122 6.91 50.24 37.55
N ASN D 123 7.28 51.38 38.12
CA ASN D 123 8.68 51.76 38.19
C ASN D 123 9.47 50.92 39.17
N LYS D 124 8.85 50.47 40.27
CA LYS D 124 9.49 49.53 41.17
C LYS D 124 9.95 48.30 40.40
N VAL D 125 9.08 47.76 39.54
CA VAL D 125 9.44 46.55 38.80
C VAL D 125 10.50 46.87 37.75
N LEU D 126 10.40 48.03 37.08
CA LEU D 126 11.42 48.39 36.11
C LEU D 126 12.80 48.54 36.77
N ASP D 127 12.84 49.13 37.97
CA ASP D 127 14.11 49.24 38.67
C ASP D 127 14.66 47.87 39.05
N LYS D 128 13.78 46.94 39.45
CA LYS D 128 14.23 45.58 39.78
C LYS D 128 14.77 44.89 38.54
N MET D 129 14.09 45.08 37.41
CA MET D 129 14.53 44.55 36.13
C MET D 129 15.90 45.13 35.77
N LYS D 130 16.08 46.44 35.94
CA LYS D 130 17.35 47.07 35.58
C LYS D 130 18.50 46.51 36.41
N SER D 131 18.29 46.37 37.72
CA SER D 131 19.37 45.85 38.56
C SER D 131 19.74 44.43 38.15
N PHE D 132 18.72 43.61 37.93
CA PHE D 132 18.96 42.20 37.58
C PHE D 132 19.69 42.11 36.24
N CYS D 133 19.28 42.91 35.26
CA CYS D 133 19.93 42.88 33.96
C CYS D 133 21.38 43.29 34.09
N GLN D 134 21.66 44.36 34.86
CA GLN D 134 23.04 44.75 35.02
C GLN D 134 23.86 43.60 35.59
N ARG D 135 23.33 42.93 36.63
CA ARG D 135 24.10 41.88 37.28
C ARG D 135 24.31 40.68 36.39
N VAL D 136 23.29 40.27 35.62
CA VAL D 136 23.48 39.12 34.75
C VAL D 136 24.43 39.46 33.61
N ARG D 137 24.24 40.61 32.97
CA ARG D 137 25.05 40.94 31.81
C ARG D 137 26.51 41.20 32.15
N SER D 138 26.79 41.71 33.35
CA SER D 138 28.16 42.04 33.73
C SER D 138 28.93 40.83 34.23
N GLY D 139 28.24 39.75 34.61
CA GLY D 139 28.87 38.58 35.21
C GLY D 139 28.86 38.58 36.73
N ASP D 140 28.25 39.59 37.34
CA ASP D 140 28.09 39.61 38.79
C ASP D 140 27.22 38.46 39.27
N TRP D 141 26.13 38.18 38.54
CA TRP D 141 25.25 37.05 38.85
C TRP D 141 25.92 35.76 38.37
N LYS D 142 26.24 34.88 39.32
CA LYS D 142 26.92 33.63 38.99
C LYS D 142 26.03 32.41 39.22
N GLY D 143 26.27 31.41 38.40
CA GLY D 143 25.63 30.11 38.55
C GLY D 143 26.13 29.38 39.79
N TYR D 144 25.59 28.16 39.97
CA TYR D 144 25.81 27.43 41.22
C TYR D 144 27.25 26.95 41.37
N THR D 145 28.04 26.93 40.29
CA THR D 145 29.46 26.61 40.38
C THR D 145 30.35 27.86 40.22
N GLY D 146 29.75 29.04 40.17
CA GLY D 146 30.50 30.28 40.11
C GLY D 146 30.76 30.82 38.72
N LYS D 147 30.10 30.31 37.70
CA LYS D 147 30.33 30.77 36.33
C LYS D 147 29.34 31.86 35.97
N THR D 148 29.73 32.69 34.99
CA THR D 148 28.80 33.72 34.53
C THR D 148 27.77 33.12 33.58
N ILE D 149 26.68 33.83 33.42
CA ILE D 149 25.54 33.39 32.61
C ILE D 149 25.82 33.71 31.15
N THR D 150 25.77 32.69 30.28
CA THR D 150 26.00 32.85 28.85
C THR D 150 24.73 32.66 28.01
N ASP D 151 23.67 32.08 28.58
CA ASP D 151 22.45 31.72 27.87
C ASP D 151 21.28 32.00 28.78
N VAL D 152 20.28 32.68 28.23
CA VAL D 152 19.03 33.00 28.89
C VAL D 152 17.95 32.32 28.09
N ILE D 153 17.11 31.53 28.77
CA ILE D 153 16.08 30.74 28.14
C ILE D 153 14.74 31.20 28.66
N ASN D 154 13.94 31.81 27.80
CA ASN D 154 12.60 32.23 28.15
C ASN D 154 11.64 31.06 27.90
N ILE D 155 10.90 30.67 28.92
CA ILE D 155 9.89 29.62 28.80
C ILE D 155 8.55 30.27 29.02
N GLY D 156 7.72 30.22 27.99
CA GLY D 156 6.40 30.83 28.03
C GLY D 156 5.70 30.58 26.72
N ILE D 157 4.40 30.83 26.73
CA ILE D 157 3.49 30.59 25.63
C ILE D 157 2.78 31.88 25.28
N GLY D 158 2.39 32.01 24.01
CA GLY D 158 1.52 33.10 23.61
C GLY D 158 2.18 34.43 23.87
N GLY D 159 1.49 35.28 24.63
CA GLY D 159 2.01 36.60 24.91
C GLY D 159 3.30 36.59 25.70
N SER D 160 3.58 35.51 26.43
CA SER D 160 4.82 35.44 27.19
C SER D 160 6.00 35.05 26.33
N ASP D 161 5.76 34.78 25.04
CA ASP D 161 6.77 34.31 24.11
C ASP D 161 6.89 35.20 22.87
N LEU D 162 5.77 35.51 22.19
CA LEU D 162 5.89 36.02 20.83
C LEU D 162 6.48 37.41 20.81
N GLY D 163 6.11 38.25 21.78
CA GLY D 163 6.63 39.60 21.83
C GLY D 163 8.13 39.64 22.09
N PRO D 164 8.58 39.05 23.21
CA PRO D 164 10.03 39.03 23.47
C PRO D 164 10.84 38.43 22.34
N LEU D 165 10.37 37.35 21.74
CA LEU D 165 11.08 36.75 20.61
C LEU D 165 11.11 37.70 19.41
N MET D 166 9.95 38.27 19.05
CA MET D 166 9.93 39.20 17.92
C MET D 166 10.90 40.35 18.13
N VAL D 167 10.92 40.93 19.35
CA VAL D 167 11.74 42.11 19.60
C VAL D 167 13.20 41.75 19.61
N THR D 168 13.58 40.61 20.24
CA THR D 168 14.99 40.27 20.28
C THR D 168 15.49 39.91 18.90
N GLU D 169 14.63 39.31 18.07
CA GLU D 169 15.05 39.05 16.70
C GLU D 169 15.24 40.36 15.93
N ALA D 170 14.32 41.32 16.13
CA ALA D 170 14.37 42.58 15.40
C ALA D 170 15.53 43.46 15.85
N LEU D 171 15.96 43.32 17.11
CA LEU D 171 17.00 44.19 17.69
C LEU D 171 18.31 43.45 17.87
N LYS D 172 18.53 42.37 17.13
CA LYS D 172 19.78 41.61 17.25
C LYS D 172 21.03 42.47 17.17
N PRO D 173 21.13 43.50 16.32
CA PRO D 173 22.35 44.34 16.31
C PRO D 173 22.64 45.04 17.61
N TYR D 174 21.68 45.12 18.52
CA TYR D 174 21.81 45.84 19.79
C TYR D 174 22.20 44.93 20.94
N SER D 175 22.56 43.67 20.65
CA SER D 175 22.79 42.64 21.65
C SER D 175 24.27 42.37 21.94
N SER D 176 25.21 43.20 21.48
CA SER D 176 26.59 42.91 21.81
C SER D 176 26.76 43.01 23.33
N GLY D 177 27.51 42.08 23.91
CA GLY D 177 27.64 42.06 25.35
C GLY D 177 26.48 41.47 26.12
N GLY D 178 25.44 41.02 25.44
CA GLY D 178 24.35 40.34 26.11
C GLY D 178 24.48 38.83 25.99
N PRO D 179 23.83 38.09 26.87
CA PRO D 179 23.81 36.62 26.73
C PRO D 179 22.96 36.23 25.53
N ARG D 180 23.22 35.01 25.03
CA ARG D 180 22.34 34.46 24.00
C ARG D 180 20.97 34.26 24.62
N VAL D 181 19.91 34.47 23.83
CA VAL D 181 18.56 34.21 24.28
C VAL D 181 17.94 33.09 23.45
N TRP D 182 17.17 32.26 24.14
CA TRP D 182 16.44 31.19 23.53
C TRP D 182 15.00 31.26 24.01
N TYR D 183 14.09 30.87 23.14
CA TYR D 183 12.67 30.89 23.43
C TYR D 183 12.13 29.47 23.30
N VAL D 184 11.50 28.97 24.36
CA VAL D 184 10.88 27.64 24.38
C VAL D 184 9.41 27.88 24.65
N SER D 185 8.58 27.43 23.77
CA SER D 185 7.16 27.73 23.89
C SER D 185 6.29 26.51 23.66
N ASN D 186 6.58 25.72 22.64
CA ASN D 186 5.72 24.58 22.33
C ASN D 186 5.76 23.55 23.45
N ILE D 187 4.61 22.93 23.75
CA ILE D 187 4.64 21.76 24.63
C ILE D 187 5.34 20.59 23.96
N ASP D 188 5.27 20.51 22.63
CA ASP D 188 5.99 19.47 21.88
C ASP D 188 7.40 19.37 22.44
N GLY D 189 7.75 18.19 22.98
CA GLY D 189 9.00 18.06 23.70
C GLY D 189 10.23 18.29 22.85
N THR D 190 10.08 18.22 21.52
CA THR D 190 11.14 18.66 20.62
C THR D 190 11.69 20.03 21.00
N HIS D 191 10.83 20.94 21.40
CA HIS D 191 11.29 22.31 21.57
C HIS D 191 12.26 22.43 22.72
N ILE D 192 11.88 21.95 23.91
CA ILE D 192 12.79 22.01 25.04
C ILE D 192 13.97 21.07 24.84
N ALA D 193 13.73 19.87 24.27
CA ALA D 193 14.82 18.90 24.20
C ALA D 193 15.94 19.40 23.32
N LYS D 194 15.61 19.93 22.15
CA LYS D 194 16.68 20.37 21.25
C LYS D 194 17.35 21.64 21.74
N THR D 195 16.66 22.41 22.58
CA THR D 195 17.26 23.58 23.22
C THR D 195 18.23 23.14 24.31
N LEU D 196 17.78 22.29 25.23
CA LEU D 196 18.63 21.88 26.34
C LEU D 196 19.89 21.20 25.85
N ALA D 197 19.82 20.51 24.72
CA ALA D 197 20.97 19.78 24.20
C ALA D 197 22.12 20.69 23.81
N GLN D 198 21.85 21.99 23.67
CA GLN D 198 22.83 22.98 23.30
C GLN D 198 23.33 23.81 24.48
N LEU D 199 22.93 23.47 25.72
CA LEU D 199 23.20 24.31 26.88
C LEU D 199 23.97 23.56 27.97
N ASN D 200 24.56 24.33 28.88
CA ASN D 200 25.19 23.84 30.10
C ASN D 200 24.45 24.32 31.33
N PRO D 201 24.07 23.43 32.25
CA PRO D 201 23.33 23.91 33.44
C PRO D 201 24.08 25.00 34.21
N GLU D 202 25.40 24.98 34.20
CA GLU D 202 26.20 25.88 35.03
C GLU D 202 26.14 27.32 34.58
N SER D 203 25.73 27.57 33.34
CA SER D 203 25.81 28.89 32.73
C SER D 203 24.51 29.31 32.07
N SER D 204 23.42 28.64 32.41
CA SER D 204 22.13 28.91 31.81
C SER D 204 21.16 29.45 32.86
N LEU D 205 20.43 30.48 32.48
CA LEU D 205 19.43 31.10 33.34
C LEU D 205 18.08 30.97 32.65
N PHE D 206 17.11 30.42 33.37
CA PHE D 206 15.78 30.19 32.86
C PHE D 206 14.83 31.23 33.43
N ILE D 207 14.01 31.80 32.55
CA ILE D 207 12.97 32.77 32.87
C ILE D 207 11.64 32.08 32.63
N ILE D 208 10.89 31.84 33.69
CA ILE D 208 9.61 31.17 33.61
C ILE D 208 8.52 32.25 33.64
N ALA D 209 7.87 32.42 32.50
CA ALA D 209 6.93 33.54 32.29
C ALA D 209 5.50 33.01 32.30
N SER D 210 4.75 33.34 33.36
CA SER D 210 3.34 32.94 33.52
C SER D 210 2.73 33.69 34.72
N LYS D 211 1.68 34.50 34.49
CA LYS D 211 1.14 35.32 35.58
C LYS D 211 0.63 34.46 36.72
N THR D 212 -0.13 33.41 36.39
CA THR D 212 -0.69 32.51 37.39
C THR D 212 0.29 31.49 37.91
N PHE D 213 1.36 31.22 37.15
CA PHE D 213 2.33 30.16 37.43
C PHE D 213 1.68 28.76 37.48
N THR D 214 0.62 28.57 36.73
CA THR D 214 -0.03 27.26 36.61
C THR D 214 -0.35 26.89 35.17
N THR D 215 0.02 27.72 34.21
CA THR D 215 -0.13 27.42 32.79
C THR D 215 0.51 26.08 32.42
N GLN D 216 -0.28 25.15 31.84
CA GLN D 216 0.21 23.78 31.73
C GLN D 216 1.48 23.68 30.89
N GLU D 217 1.48 24.31 29.70
N GLU D 217 1.51 24.31 29.72
CA GLU D 217 2.60 24.12 28.78
CA GLU D 217 2.64 24.04 28.84
C GLU D 217 3.87 24.68 29.41
C GLU D 217 3.91 24.71 29.34
N THR D 218 3.77 25.91 29.92
CA THR D 218 4.93 26.59 30.47
C THR D 218 5.45 25.89 31.70
N ILE D 219 4.56 25.47 32.59
CA ILE D 219 5.05 24.80 33.80
C ILE D 219 5.62 23.43 33.48
N THR D 220 5.03 22.71 32.53
CA THR D 220 5.61 21.42 32.13
C THR D 220 7.02 21.61 31.58
N ASN D 221 7.20 22.57 30.66
CA ASN D 221 8.54 22.87 30.12
C ASN D 221 9.49 23.32 31.22
N ALA D 222 8.99 24.14 32.16
CA ALA D 222 9.80 24.59 33.29
C ALA D 222 10.25 23.42 34.14
N GLU D 223 9.33 22.48 34.40
CA GLU D 223 9.67 21.31 35.21
C GLU D 223 10.68 20.41 34.52
N THR D 224 10.59 20.29 33.18
CA THR D 224 11.58 19.53 32.42
C THR D 224 12.95 20.20 32.49
N ALA D 225 12.99 21.53 32.37
CA ALA D 225 14.25 22.25 32.51
C ALA D 225 14.83 22.10 33.92
N LYS D 226 13.97 22.19 34.96
CA LYS D 226 14.46 22.01 36.33
C LYS D 226 15.03 20.61 36.55
N GLU D 227 14.38 19.59 36.00
CA GLU D 227 14.86 18.22 36.16
C GLU D 227 16.22 18.06 35.50
N TRP D 228 16.36 18.58 34.28
CA TRP D 228 17.66 18.58 33.60
C TRP D 228 18.71 19.36 34.38
N PHE D 229 18.34 20.52 34.92
CA PHE D 229 19.29 21.29 35.69
C PHE D 229 19.75 20.52 36.92
N LEU D 230 18.78 19.89 37.63
CA LEU D 230 19.11 19.21 38.87
C LEU D 230 19.84 17.90 38.64
N GLN D 231 19.72 17.30 37.46
CA GLN D 231 20.56 16.14 37.13
C GLN D 231 22.03 16.49 37.21
N ALA D 232 22.39 17.73 36.92
CA ALA D 232 23.77 18.20 37.04
C ALA D 232 24.07 18.77 38.42
N ALA D 233 23.18 19.59 38.96
CA ALA D 233 23.50 20.35 40.17
C ALA D 233 23.23 19.56 41.44
N LYS D 234 22.27 18.64 41.41
CA LYS D 234 22.05 17.71 42.50
C LYS D 234 21.93 18.43 43.84
N ASP D 235 21.49 19.69 43.80
CA ASP D 235 21.26 20.48 45.00
C ASP D 235 20.07 21.39 44.76
N PRO D 236 18.92 21.12 45.39
CA PRO D 236 17.73 21.95 45.10
C PRO D 236 17.90 23.42 45.41
N SER D 237 18.78 23.75 46.36
CA SER D 237 19.07 25.15 46.68
C SER D 237 19.70 25.87 45.49
N ALA D 238 20.30 25.14 44.55
CA ALA D 238 20.90 25.78 43.40
C ALA D 238 19.87 26.30 42.39
N VAL D 239 18.62 25.83 42.46
CA VAL D 239 17.60 26.29 41.51
C VAL D 239 17.48 27.81 41.55
N ALA D 240 17.61 28.39 42.75
CA ALA D 240 17.40 29.82 42.92
C ALA D 240 18.45 30.67 42.18
N LYS D 241 19.59 30.08 41.77
CA LYS D 241 20.58 30.80 41.00
C LYS D 241 20.36 30.73 39.49
N HIS D 242 19.45 29.87 39.04
CA HIS D 242 19.27 29.57 37.62
C HIS D 242 17.85 29.73 37.11
N PHE D 243 16.88 30.03 37.97
CA PHE D 243 15.49 30.14 37.57
C PHE D 243 14.89 31.41 38.19
N VAL D 244 14.28 32.24 37.36
CA VAL D 244 13.51 33.37 37.86
C VAL D 244 12.11 33.28 37.28
N ALA D 245 11.17 34.04 37.87
CA ALA D 245 9.78 34.01 37.45
C ALA D 245 9.25 35.38 37.09
N LEU D 246 8.43 35.43 36.05
CA LEU D 246 7.65 36.63 35.70
C LEU D 246 6.21 36.22 36.02
N SER D 247 5.68 36.71 37.15
CA SER D 247 4.49 36.16 37.82
C SER D 247 4.09 37.01 39.04
N THR D 248 2.89 36.74 39.59
CA THR D 248 2.50 37.28 40.89
C THR D 248 2.13 36.19 41.89
N ASN D 249 2.20 34.93 41.51
CA ASN D 249 1.85 33.86 42.42
C ASN D 249 3.05 33.50 43.30
N THR D 250 3.26 34.31 44.33
CA THR D 250 4.34 34.09 45.27
C THR D 250 4.42 32.64 45.71
N THR D 251 3.27 32.07 46.09
CA THR D 251 3.31 30.76 46.73
C THR D 251 3.76 29.69 45.75
N LYS D 252 3.20 29.72 44.54
CA LYS D 252 3.56 28.73 43.54
C LYS D 252 5.00 28.94 43.08
N VAL D 253 5.45 30.19 42.98
CA VAL D 253 6.82 30.43 42.57
C VAL D 253 7.80 29.89 43.62
N LYS D 254 7.52 30.16 44.91
CA LYS D 254 8.32 29.61 46.00
C LYS D 254 8.39 28.08 45.94
N GLU D 255 7.25 27.46 45.72
CA GLU D 255 7.19 26.01 45.82
C GLU D 255 7.98 25.39 44.70
N PHE D 256 8.08 26.09 43.56
CA PHE D 256 8.87 25.62 42.44
C PHE D 256 10.36 25.62 42.77
N GLY D 257 10.82 26.46 43.69
CA GLY D 257 12.23 26.55 44.04
C GLY D 257 12.85 27.90 43.74
N ILE D 258 12.07 28.83 43.26
CA ILE D 258 12.55 30.14 42.89
C ILE D 258 12.54 31.02 44.12
N ASP D 259 13.57 31.81 44.30
CA ASP D 259 13.59 32.76 45.42
C ASP D 259 12.58 33.87 45.10
N PRO D 260 11.58 34.12 45.94
CA PRO D 260 10.55 35.10 45.60
C PRO D 260 11.06 36.50 45.38
N GLN D 261 12.24 36.85 45.89
CA GLN D 261 12.77 38.16 45.54
C GLN D 261 13.15 38.24 44.06
N ASN D 262 13.09 37.13 43.34
CA ASN D 262 13.27 37.13 41.88
C ASN D 262 11.99 36.75 41.16
N MET D 263 10.88 37.18 41.71
CA MET D 263 9.60 37.17 41.02
C MET D 263 9.40 38.59 40.53
N PHE D 264 9.39 38.77 39.21
CA PHE D 264 9.18 40.05 38.58
C PHE D 264 7.71 40.17 38.24
N GLU D 265 7.03 41.11 38.89
CA GLU D 265 5.57 41.14 38.91
C GLU D 265 4.99 41.99 37.78
N PHE D 266 3.75 41.69 37.46
CA PHE D 266 2.91 42.53 36.62
C PHE D 266 1.49 42.40 37.14
N TRP D 267 0.53 42.99 36.43
CA TRP D 267 -0.78 43.30 36.98
C TRP D 267 -1.84 42.79 36.03
N ASP D 268 -3.07 42.65 36.56
CA ASP D 268 -4.16 42.09 35.78
C ASP D 268 -4.56 42.99 34.62
N TRP D 269 -4.18 44.28 34.64
CA TRP D 269 -4.46 45.19 33.55
C TRP D 269 -3.37 45.17 32.47
N VAL D 270 -2.45 44.21 32.55
CA VAL D 270 -1.49 43.92 31.50
C VAL D 270 -1.97 42.65 30.81
N GLY D 271 -2.56 42.77 29.63
CA GLY D 271 -2.93 41.59 28.89
C GLY D 271 -1.70 40.91 28.31
N GLY D 272 -1.77 39.59 28.16
CA GLY D 272 -0.60 38.87 27.68
C GLY D 272 -0.08 39.37 26.35
N ARG D 273 -0.97 39.63 25.40
CA ARG D 273 -0.56 40.03 24.08
C ARG D 273 -0.18 41.49 24.02
N TYR D 274 -0.20 42.16 25.17
CA TYR D 274 0.24 43.54 25.32
C TYR D 274 1.29 43.65 26.41
N SER D 275 2.03 42.57 26.67
CA SER D 275 2.81 42.47 27.88
C SER D 275 4.31 42.63 27.69
N LEU D 276 4.82 42.75 26.46
CA LEU D 276 6.27 42.77 26.32
C LEU D 276 6.90 43.99 26.99
N TRP D 277 6.09 45.01 27.25
CA TRP D 277 6.52 46.28 27.86
C TRP D 277 6.69 46.13 29.37
N SER D 278 6.23 45.01 29.94
CA SER D 278 6.21 44.77 31.37
C SER D 278 7.40 43.89 31.74
N ALA D 279 7.35 43.33 32.95
CA ALA D 279 8.31 42.32 33.35
C ALA D 279 8.47 41.21 32.31
N ILE D 280 7.42 40.91 31.54
CA ILE D 280 7.49 39.89 30.51
C ILE D 280 8.61 40.18 29.55
N GLY D 281 8.99 41.45 29.41
CA GLY D 281 10.08 41.82 28.55
C GLY D 281 11.45 41.60 29.13
N LEU D 282 11.57 40.93 30.29
CA LEU D 282 12.88 40.78 30.92
C LEU D 282 13.91 40.20 29.94
N SER D 283 13.53 39.19 29.13
CA SER D 283 14.52 38.62 28.19
C SER D 283 15.00 39.63 27.13
N ILE D 284 14.17 40.60 26.75
CA ILE D 284 14.59 41.69 25.87
C ILE D 284 15.70 42.48 26.54
N ALA D 285 15.43 42.94 27.78
CA ALA D 285 16.37 43.78 28.48
C ALA D 285 17.67 43.05 28.81
N LEU D 286 17.60 41.74 29.07
CA LEU D 286 18.83 40.99 29.26
C LEU D 286 19.64 40.94 27.97
N HIS D 287 18.99 40.79 26.82
CA HIS D 287 19.72 40.57 25.56
C HIS D 287 20.30 41.87 25.00
N VAL D 288 19.52 42.96 24.97
CA VAL D 288 20.00 44.22 24.40
C VAL D 288 20.33 45.27 25.45
N GLY D 289 20.12 44.96 26.72
CA GLY D 289 20.42 45.87 27.82
C GLY D 289 19.23 46.71 28.20
N PHE D 290 19.22 47.13 29.46
CA PHE D 290 18.09 47.89 29.96
C PHE D 290 17.96 49.25 29.28
N ASP D 291 19.08 49.88 28.91
CA ASP D 291 18.99 51.17 28.25
C ASP D 291 18.22 51.06 26.93
N ASN D 292 18.53 50.03 26.13
CA ASN D 292 17.78 49.82 24.90
C ASN D 292 16.33 49.42 25.17
N PHE D 293 16.07 48.69 26.25
CA PHE D 293 14.69 48.42 26.65
C PHE D 293 13.95 49.73 26.97
N GLU D 294 14.63 50.64 27.66
CA GLU D 294 13.97 51.92 27.93
C GLU D 294 13.69 52.70 26.65
N GLN D 295 14.59 52.63 25.67
CA GLN D 295 14.31 53.26 24.39
C GLN D 295 13.08 52.66 23.72
N LEU D 296 12.94 51.32 23.79
CA LEU D 296 11.76 50.66 23.25
C LEU D 296 10.50 51.20 23.90
N LEU D 297 10.50 51.30 25.22
CA LEU D 297 9.36 51.85 25.92
C LEU D 297 9.12 53.30 25.53
N SER D 298 10.20 54.07 25.37
CA SER D 298 10.06 55.48 25.01
C SER D 298 9.43 55.65 23.64
N GLY D 299 9.74 54.78 22.69
CA GLY D 299 9.13 54.88 21.37
C GLY D 299 7.66 54.59 21.41
N ALA D 300 7.25 53.56 22.17
CA ALA D 300 5.84 53.32 22.37
C ALA D 300 5.16 54.52 23.02
N HIS D 301 5.80 55.11 24.04
CA HIS D 301 5.24 56.27 24.71
C HIS D 301 5.04 57.44 23.74
N TRP D 302 5.99 57.65 22.82
CA TRP D 302 5.85 58.69 21.80
C TRP D 302 4.58 58.45 20.99
N MET D 303 4.38 57.21 20.55
CA MET D 303 3.21 56.89 19.75
C MET D 303 1.94 57.00 20.56
N ASP D 304 2.00 56.62 21.83
CA ASP D 304 0.84 56.81 22.72
C ASP D 304 0.41 58.27 22.73
N GLN D 305 1.37 59.18 22.84
CA GLN D 305 1.00 60.61 22.79
C GLN D 305 0.47 61.06 21.44
N HIS D 306 1.09 60.61 20.34
CA HIS D 306 0.52 60.89 19.02
C HIS D 306 -0.95 60.46 18.96
N PHE D 307 -1.24 59.23 19.40
CA PHE D 307 -2.59 58.71 19.37
C PHE D 307 -3.51 59.57 20.23
N ARG D 308 -3.02 60.04 21.36
CA ARG D 308 -3.85 60.82 22.30
C ARG D 308 -4.14 62.24 21.83
N THR D 309 -3.20 62.91 21.15
CA THR D 309 -3.32 64.35 20.92
C THR D 309 -3.61 64.74 19.48
N THR D 310 -3.55 63.85 18.55
CA THR D 310 -3.69 64.15 17.14
C THR D 310 -5.14 64.06 16.69
N PRO D 311 -5.64 65.07 15.96
CA PRO D 311 -7.00 65.00 15.41
C PRO D 311 -7.18 63.72 14.63
N LEU D 312 -8.36 63.12 14.75
CA LEU D 312 -8.58 61.82 14.15
C LEU D 312 -8.14 61.74 12.68
N GLU D 313 -8.43 62.79 11.90
CA GLU D 313 -8.21 62.80 10.47
C GLU D 313 -6.74 62.75 10.09
N LYS D 314 -5.84 62.93 11.04
CA LYS D 314 -4.39 62.90 10.84
C LYS D 314 -3.70 61.91 11.77
N ASN D 315 -4.47 61.03 12.41
CA ASN D 315 -4.00 60.20 13.53
C ASN D 315 -3.65 58.82 12.96
N ALA D 316 -2.36 58.45 13.01
CA ALA D 316 -1.90 57.26 12.28
C ALA D 316 -2.64 55.98 12.64
N PRO D 317 -2.72 55.56 13.91
CA PRO D 317 -3.45 54.32 14.21
C PRO D 317 -4.93 54.39 13.87
N VAL D 318 -5.55 55.56 13.99
CA VAL D 318 -6.95 55.71 13.63
C VAL D 318 -7.15 55.50 12.14
N LEU D 319 -6.32 56.13 11.30
CA LEU D 319 -6.48 56.01 9.86
C LEU D 319 -6.22 54.56 9.43
N LEU D 320 -5.21 53.93 9.99
CA LEU D 320 -4.96 52.53 9.63
C LEU D 320 -6.16 51.67 10.00
N ALA D 321 -6.71 51.91 11.19
CA ALA D 321 -7.88 51.16 11.64
C ALA D 321 -9.03 51.38 10.69
N LEU D 322 -9.28 52.66 10.32
CA LEU D 322 -10.43 52.97 9.49
C LEU D 322 -10.31 52.36 8.10
N LEU D 323 -9.10 52.37 7.52
CA LEU D 323 -8.89 51.76 6.22
C LEU D 323 -9.20 50.27 6.31
N GLY D 324 -8.80 49.66 7.42
CA GLY D 324 -9.13 48.26 7.64
C GLY D 324 -10.62 48.00 7.76
N ILE D 325 -11.35 48.88 8.48
CA ILE D 325 -12.81 48.76 8.54
C ILE D 325 -13.43 48.84 7.14
N TRP D 326 -12.95 49.79 6.33
CA TRP D 326 -13.42 49.94 4.95
C TRP D 326 -13.27 48.62 4.17
N TYR D 327 -12.10 47.99 4.25
CA TYR D 327 -11.89 46.75 3.51
C TYR D 327 -12.66 45.59 4.12
N ILE D 328 -12.79 45.53 5.45
CA ILE D 328 -13.43 44.38 6.10
C ILE D 328 -14.93 44.45 5.96
N ASN D 329 -15.52 45.58 6.34
CA ASN D 329 -16.96 45.70 6.47
C ASN D 329 -17.67 46.21 5.23
N CYS D 330 -16.96 46.82 4.29
CA CYS D 330 -17.54 47.16 3.00
C CYS D 330 -17.05 46.26 1.86
N PHE D 331 -15.73 46.11 1.65
CA PHE D 331 -15.25 45.24 0.59
C PHE D 331 -15.34 43.74 0.95
N GLY D 332 -15.40 43.39 2.23
CA GLY D 332 -15.50 42.00 2.64
C GLY D 332 -14.19 41.20 2.65
N CYS D 333 -13.06 41.86 2.73
CA CYS D 333 -11.78 41.15 2.66
C CYS D 333 -11.53 40.43 3.98
N GLU D 334 -11.26 39.12 3.90
CA GLU D 334 -11.06 38.34 5.11
C GLU D 334 -9.71 38.56 5.76
N THR D 335 -8.71 38.98 5.02
CA THR D 335 -7.33 38.92 5.50
C THR D 335 -6.64 40.27 5.39
N HIS D 336 -5.55 40.36 6.11
CA HIS D 336 -4.68 41.54 6.05
C HIS D 336 -3.25 41.04 6.08
N ALA D 337 -2.47 41.41 5.07
CA ALA D 337 -1.09 40.96 5.00
C ALA D 337 -0.14 42.02 5.53
N MET D 338 0.84 41.56 6.31
CA MET D 338 1.90 42.39 6.84
C MET D 338 3.23 41.93 6.29
N LEU D 339 3.89 42.83 5.53
CA LEU D 339 5.01 42.50 4.65
C LEU D 339 6.19 43.43 4.93
N PRO D 340 6.93 43.15 5.99
CA PRO D 340 8.10 43.99 6.31
C PRO D 340 9.27 43.60 5.44
N TYR D 341 9.89 44.58 4.78
CA TYR D 341 11.07 44.38 3.94
C TYR D 341 12.30 44.51 4.82
N ASP D 342 12.40 43.53 5.74
CA ASP D 342 13.42 43.53 6.77
C ASP D 342 13.51 42.16 7.40
N GLN D 343 14.66 41.53 7.23
CA GLN D 343 14.86 40.17 7.74
C GLN D 343 14.83 40.15 9.27
N TYR D 344 15.30 41.21 9.93
CA TYR D 344 15.20 41.26 11.39
C TYR D 344 13.74 41.23 11.86
N LEU D 345 12.81 41.73 11.07
CA LEU D 345 11.39 41.70 11.39
C LEU D 345 10.69 40.42 10.92
N HIS D 346 11.44 39.33 10.78
CA HIS D 346 10.84 38.11 10.26
C HIS D 346 9.73 37.54 11.15
N ARG D 347 9.63 37.95 12.43
CA ARG D 347 8.56 37.46 13.29
C ARG D 347 7.52 38.53 13.60
N PHE D 348 7.57 39.66 12.90
CA PHE D 348 6.64 40.77 13.17
C PHE D 348 5.21 40.42 12.76
N ALA D 349 5.00 39.83 11.59
CA ALA D 349 3.65 39.44 11.23
C ALA D 349 3.09 38.39 12.17
N ALA D 350 3.92 37.42 12.57
CA ALA D 350 3.50 36.40 13.51
C ALA D 350 3.07 37.00 14.86
N TYR D 351 3.80 38.01 15.35
CA TYR D 351 3.41 38.69 16.57
C TYR D 351 2.02 39.31 16.43
N PHE D 352 1.77 39.99 15.30
CA PHE D 352 0.46 40.63 15.15
C PHE D 352 -0.64 39.67 14.78
N GLN D 353 -0.31 38.44 14.41
CA GLN D 353 -1.34 37.42 14.37
C GLN D 353 -2.00 37.29 15.72
N GLN D 354 -1.21 37.18 16.80
CA GLN D 354 -1.79 37.17 18.13
C GLN D 354 -2.40 38.52 18.46
N GLY D 355 -1.63 39.57 18.31
CA GLY D 355 -2.11 40.84 18.79
C GLY D 355 -3.44 41.23 18.18
N ASP D 356 -3.56 41.03 16.86
CA ASP D 356 -4.78 41.42 16.16
C ASP D 356 -5.85 40.33 16.32
N MET D 357 -5.53 39.10 15.95
CA MET D 357 -6.56 38.05 15.91
C MET D 357 -7.09 37.64 17.27
N GLU D 358 -6.23 37.54 18.28
CA GLU D 358 -6.75 37.21 19.61
C GLU D 358 -7.51 38.38 20.20
N SER D 359 -7.12 39.60 19.85
CA SER D 359 -7.88 40.77 20.32
C SER D 359 -9.25 40.85 19.68
N ASN D 360 -9.33 40.80 18.34
CA ASN D 360 -10.55 41.19 17.62
C ASN D 360 -11.25 40.05 16.88
N GLY D 361 -10.78 38.82 17.09
CA GLY D 361 -11.50 37.64 16.64
C GLY D 361 -12.61 37.32 17.63
N LYS D 362 -13.67 38.13 17.58
CA LYS D 362 -14.72 38.16 18.58
C LYS D 362 -16.06 38.27 17.87
N TYR D 363 -17.11 37.91 18.57
CA TYR D 363 -18.43 37.92 17.97
C TYR D 363 -19.54 38.39 18.89
N ILE D 364 -19.25 38.68 20.15
CA ILE D 364 -20.25 39.17 21.11
C ILE D 364 -19.89 40.61 21.45
N THR D 365 -20.89 41.51 21.40
CA THR D 365 -20.64 42.92 21.68
C THR D 365 -20.79 43.24 23.16
N LYS D 366 -20.51 44.50 23.49
CA LYS D 366 -20.52 44.95 24.87
C LYS D 366 -21.89 44.77 25.49
N SER D 367 -22.94 44.85 24.69
CA SER D 367 -24.27 44.65 25.23
C SER D 367 -24.66 43.18 25.33
N GLY D 368 -23.77 42.25 24.96
CA GLY D 368 -24.10 40.84 24.95
C GLY D 368 -24.76 40.36 23.70
N THR D 369 -24.99 41.26 22.74
CA THR D 369 -25.64 40.96 21.48
C THR D 369 -24.61 40.43 20.50
N ARG D 370 -25.01 39.45 19.67
CA ARG D 370 -24.15 38.96 18.61
C ARG D 370 -23.92 40.00 17.53
N VAL D 371 -22.68 40.09 17.03
CA VAL D 371 -22.43 40.92 15.87
C VAL D 371 -23.24 40.39 14.68
N ASP D 372 -23.55 41.29 13.76
CA ASP D 372 -24.16 40.93 12.48
C ASP D 372 -23.31 41.48 11.34
N HIS D 373 -22.01 41.53 11.56
CA HIS D 373 -21.03 42.07 10.64
C HIS D 373 -19.71 41.34 10.91
N GLN D 374 -18.75 41.50 10.00
CA GLN D 374 -17.42 40.98 10.23
C GLN D 374 -16.70 41.72 11.34
N THR D 375 -15.82 40.99 12.03
CA THR D 375 -14.86 41.59 12.95
C THR D 375 -13.44 41.32 12.42
N GLY D 376 -12.52 40.98 13.30
CA GLY D 376 -11.11 40.98 12.95
C GLY D 376 -10.72 40.12 11.77
N PRO D 377 -9.73 40.57 11.00
CA PRO D 377 -9.24 39.77 9.86
C PRO D 377 -8.22 38.71 10.26
N ILE D 378 -7.98 37.81 9.31
CA ILE D 378 -6.86 36.88 9.40
C ILE D 378 -5.61 37.64 8.96
N VAL D 379 -4.63 37.73 9.85
CA VAL D 379 -3.38 38.42 9.60
C VAL D 379 -2.32 37.39 9.25
N TRP D 380 -1.50 37.70 8.26
CA TRP D 380 -0.50 36.78 7.75
C TRP D 380 0.59 37.57 7.06
N GLY D 381 1.68 36.89 6.71
CA GLY D 381 2.73 37.55 5.96
C GLY D 381 4.09 36.93 6.20
N GLU D 382 5.03 37.31 5.34
CA GLU D 382 6.43 36.96 5.45
C GLU D 382 7.21 38.19 5.05
N PRO D 383 8.47 38.31 5.46
CA PRO D 383 9.26 39.46 5.05
C PRO D 383 9.55 39.47 3.56
N GLY D 384 9.59 40.68 3.00
CA GLY D 384 10.17 40.88 1.68
C GLY D 384 11.68 40.88 1.74
N THR D 385 12.32 40.44 0.63
CA THR D 385 11.66 40.05 -0.63
C THR D 385 11.23 38.59 -0.73
N ASN D 386 11.49 37.82 0.33
CA ASN D 386 11.13 36.39 0.30
C ASN D 386 9.70 36.16 -0.15
N GLY D 387 8.75 36.91 0.41
CA GLY D 387 7.37 36.67 0.06
C GLY D 387 7.09 36.86 -1.42
N GLN D 388 7.88 37.73 -2.09
CA GLN D 388 7.70 37.97 -3.52
C GLN D 388 7.86 36.71 -4.33
N HIS D 389 8.72 35.81 -3.87
CA HIS D 389 9.03 34.57 -4.53
C HIS D 389 8.23 33.43 -3.95
N ALA D 390 7.30 33.70 -3.04
CA ALA D 390 6.45 32.66 -2.49
C ALA D 390 5.01 32.83 -2.92
N PHE D 391 4.36 33.95 -2.55
CA PHE D 391 2.92 34.04 -2.67
C PHE D 391 2.44 35.28 -3.38
N TYR D 392 3.35 36.16 -3.82
CA TYR D 392 2.88 37.37 -4.47
C TYR D 392 2.16 37.09 -5.79
N GLN D 393 2.43 35.93 -6.42
CA GLN D 393 1.67 35.52 -7.60
C GLN D 393 0.18 35.64 -7.32
N LEU D 394 -0.26 35.13 -6.16
CA LEU D 394 -1.68 35.17 -5.82
C LEU D 394 -2.15 36.59 -5.55
N ILE D 395 -1.31 37.40 -4.91
CA ILE D 395 -1.74 38.77 -4.63
C ILE D 395 -1.95 39.54 -5.94
N HIS D 396 -1.07 39.32 -6.93
CA HIS D 396 -1.17 40.05 -8.19
C HIS D 396 -2.21 39.47 -9.15
N GLN D 397 -2.38 38.12 -9.20
CA GLN D 397 -3.13 37.47 -10.28
C GLN D 397 -4.12 36.40 -9.79
N GLY D 398 -4.42 36.36 -8.50
CA GLY D 398 -5.44 35.47 -7.99
C GLY D 398 -6.79 36.13 -8.01
N THR D 399 -7.67 35.60 -7.16
CA THR D 399 -9.07 36.01 -7.15
C THR D 399 -9.47 36.65 -5.81
N LYS D 400 -8.50 37.10 -5.03
CA LYS D 400 -8.71 37.61 -3.68
C LYS D 400 -8.23 39.07 -3.61
N MET D 401 -9.02 39.90 -2.95
CA MET D 401 -8.56 41.21 -2.54
C MET D 401 -7.89 41.12 -1.19
N ILE D 402 -6.67 41.62 -1.10
CA ILE D 402 -5.81 41.44 0.08
C ILE D 402 -5.13 42.75 0.41
N PRO D 403 -5.71 43.55 1.30
CA PRO D 403 -5.00 44.76 1.77
C PRO D 403 -3.67 44.34 2.36
N CYS D 404 -2.61 45.06 2.00
CA CYS D 404 -1.24 44.75 2.43
C CYS D 404 -0.60 45.98 3.03
N ASP D 405 0.08 45.80 4.16
CA ASP D 405 0.99 46.82 4.71
C ASP D 405 2.42 46.42 4.36
N PHE D 406 3.10 47.29 3.62
CA PHE D 406 4.51 47.12 3.29
C PHE D 406 5.29 48.07 4.21
N LEU D 407 6.32 47.55 4.89
CA LEU D 407 7.10 48.34 5.83
C LEU D 407 8.58 48.22 5.51
N ILE D 408 9.34 49.28 5.71
CA ILE D 408 10.78 49.21 5.49
C ILE D 408 11.52 50.33 6.21
N PRO D 409 12.74 50.07 6.72
CA PRO D 409 13.61 51.16 7.12
C PRO D 409 14.43 51.72 5.96
N VAL D 410 14.61 53.03 5.99
CA VAL D 410 15.43 53.71 5.00
C VAL D 410 16.88 53.33 5.14
N GLN D 411 17.35 53.29 6.38
CA GLN D 411 18.73 52.94 6.71
C GLN D 411 18.81 51.51 7.21
N THR D 412 19.73 50.74 6.62
CA THR D 412 19.95 49.37 7.02
C THR D 412 20.96 49.29 8.17
N GLN D 413 20.82 48.25 8.97
CA GLN D 413 21.81 47.94 9.99
C GLN D 413 23.09 47.34 9.40
N HIS D 414 23.06 46.89 8.14
CA HIS D 414 24.20 46.21 7.50
C HIS D 414 24.38 46.76 6.09
N PRO D 415 25.00 47.95 5.97
CA PRO D 415 25.17 48.61 4.66
C PRO D 415 26.32 48.04 3.84
N ILE D 416 26.26 46.74 3.62
CA ILE D 416 27.33 46.03 2.92
C ILE D 416 27.34 46.41 1.44
N ARG D 417 28.47 46.14 0.79
CA ARG D 417 28.62 46.39 -0.65
C ARG D 417 28.25 47.83 -1.00
N LYS D 418 28.64 48.76 -0.13
CA LYS D 418 28.39 50.20 -0.33
C LYS D 418 26.91 50.51 -0.54
N GLY D 419 26.06 49.71 0.11
CA GLY D 419 24.63 49.93 0.07
C GLY D 419 23.89 49.19 -1.01
N LEU D 420 24.57 48.32 -1.75
CA LEU D 420 23.95 47.71 -2.93
C LEU D 420 22.76 46.85 -2.53
N HIS D 421 22.91 46.04 -1.49
CA HIS D 421 21.81 45.17 -1.09
C HIS D 421 20.59 45.98 -0.72
N HIS D 422 20.80 47.05 0.06
CA HIS D 422 19.66 47.81 0.53
C HIS D 422 19.00 48.61 -0.61
N LYS D 423 19.80 49.04 -1.59
CA LYS D 423 19.23 49.72 -2.74
C LYS D 423 18.27 48.80 -3.49
N ILE D 424 18.66 47.53 -3.65
CA ILE D 424 17.81 46.59 -4.35
C ILE D 424 16.56 46.31 -3.54
N LEU D 425 16.72 46.15 -2.22
CA LEU D 425 15.59 45.89 -1.33
C LEU D 425 14.60 47.04 -1.43
N LEU D 426 15.10 48.28 -1.35
CA LEU D 426 14.22 49.44 -1.47
C LEU D 426 13.51 49.45 -2.83
N ALA D 427 14.23 49.15 -3.91
CA ALA D 427 13.61 49.22 -5.22
C ALA D 427 12.48 48.22 -5.33
N ASN D 428 12.67 47.01 -4.75
CA ASN D 428 11.59 46.03 -4.76
C ASN D 428 10.42 46.48 -3.91
N PHE D 429 10.69 47.04 -2.73
CA PHE D 429 9.62 47.54 -1.87
C PHE D 429 8.75 48.54 -2.62
N LEU D 430 9.37 49.42 -3.39
CA LEU D 430 8.67 50.46 -4.14
C LEU D 430 7.94 49.88 -5.34
N ALA D 431 8.61 48.97 -6.05
CA ALA D 431 8.07 48.42 -7.29
C ALA D 431 6.88 47.53 -7.04
N GLN D 432 6.85 46.82 -5.92
CA GLN D 432 5.74 45.90 -5.69
C GLN D 432 4.44 46.66 -5.44
N THR D 433 4.46 47.74 -4.65
CA THR D 433 3.20 48.48 -4.43
C THR D 433 2.79 49.24 -5.70
N GLU D 434 3.78 49.76 -6.45
CA GLU D 434 3.51 50.37 -7.74
C GLU D 434 2.86 49.36 -8.68
N ALA D 435 3.39 48.12 -8.72
CA ALA D 435 2.84 47.09 -9.59
C ALA D 435 1.42 46.72 -9.19
N LEU D 436 1.19 46.52 -7.88
CA LEU D 436 -0.15 46.20 -7.40
C LEU D 436 -1.16 47.28 -7.77
N MET D 437 -0.75 48.53 -7.71
N MET D 437 -0.75 48.54 -7.75
CA MET D 437 -1.62 49.63 -8.05
CA MET D 437 -1.75 49.56 -8.05
C MET D 437 -1.89 49.67 -9.55
C MET D 437 -1.91 49.80 -9.55
N ARG D 438 -0.83 49.72 -10.35
CA ARG D 438 -0.97 50.03 -11.76
C ARG D 438 -1.43 48.86 -12.62
N GLY D 439 -1.02 47.65 -12.26
CA GLY D 439 -1.26 46.60 -13.22
C GLY D 439 -0.54 46.81 -14.55
N LYS D 440 -1.00 46.05 -15.54
CA LYS D 440 -0.48 46.07 -16.90
C LYS D 440 -1.61 45.64 -17.80
N SER D 441 -2.06 46.52 -18.68
CA SER D 441 -3.28 46.31 -19.44
C SER D 441 -3.04 45.34 -20.59
N THR D 442 -4.13 44.91 -21.22
CA THR D 442 -4.03 44.03 -22.38
C THR D 442 -3.23 44.71 -23.49
N GLU D 443 -3.50 46.02 -23.70
CA GLU D 443 -2.79 46.75 -24.75
C GLU D 443 -1.31 46.88 -24.40
N GLU D 444 -0.99 47.12 -23.13
CA GLU D 444 0.41 47.17 -22.72
C GLU D 444 1.11 45.82 -22.88
N ALA D 445 0.45 44.72 -22.50
CA ALA D 445 1.08 43.40 -22.65
C ALA D 445 1.14 42.96 -24.11
N ARG D 446 0.14 43.36 -24.91
CA ARG D 446 0.18 43.06 -26.34
C ARG D 446 1.40 43.69 -27.01
N LYS D 447 1.68 44.96 -26.68
CA LYS D 447 2.83 45.63 -27.27
C LYS D 447 4.13 44.93 -26.90
N GLU D 448 4.25 44.50 -25.64
CA GLU D 448 5.43 43.75 -25.22
C GLU D 448 5.56 42.44 -25.99
N LEU D 449 4.44 41.74 -26.20
CA LEU D 449 4.52 40.47 -26.92
C LEU D 449 4.84 40.69 -28.40
N GLN D 450 4.27 41.74 -29.01
CA GLN D 450 4.64 42.10 -30.37
C GLN D 450 6.13 42.37 -30.48
N ALA D 451 6.65 43.19 -29.55
CA ALA D 451 8.04 43.61 -29.63
C ALA D 451 8.98 42.42 -29.44
N ALA D 452 8.59 41.48 -28.59
CA ALA D 452 9.37 40.27 -28.35
C ALA D 452 9.41 39.32 -29.54
N GLY D 453 8.68 39.59 -30.61
CA GLY D 453 8.74 38.75 -31.79
C GLY D 453 7.79 37.58 -31.82
N LYS D 454 6.81 37.56 -30.92
CA LYS D 454 5.85 36.46 -30.92
C LYS D 454 5.05 36.44 -32.22
N SER D 455 4.77 35.25 -32.69
CA SER D 455 3.84 35.09 -33.80
C SER D 455 2.44 35.48 -33.34
N PRO D 456 1.57 35.91 -34.26
CA PRO D 456 0.18 36.22 -33.88
C PRO D 456 -0.46 35.10 -33.09
N GLU D 457 -0.21 33.86 -33.50
CA GLU D 457 -0.77 32.70 -32.83
C GLU D 457 -0.32 32.64 -31.38
N ASP D 458 0.99 32.61 -31.14
CA ASP D 458 1.53 32.52 -29.79
C ASP D 458 1.16 33.74 -28.96
N LEU D 459 1.28 34.93 -29.55
CA LEU D 459 0.94 36.15 -28.83
C LEU D 459 -0.48 36.07 -28.27
N GLU D 460 -1.43 35.62 -29.08
CA GLU D 460 -2.82 35.60 -28.62
C GLU D 460 -3.10 34.49 -27.62
N ARG D 461 -2.35 33.38 -27.68
CA ARG D 461 -2.51 32.35 -26.64
C ARG D 461 -2.01 32.87 -25.30
N LEU D 462 -0.87 33.58 -25.32
CA LEU D 462 -0.18 33.98 -24.11
C LEU D 462 -0.73 35.26 -23.51
N LEU D 463 -1.34 36.10 -24.34
CA LEU D 463 -1.65 37.46 -23.94
C LEU D 463 -2.46 37.58 -22.68
N PRO D 464 -3.60 36.90 -22.51
CA PRO D 464 -4.39 37.12 -21.29
C PRO D 464 -3.63 36.76 -20.02
N HIS D 465 -2.69 35.80 -20.09
CA HIS D 465 -1.93 35.39 -18.91
C HIS D 465 -0.94 36.45 -18.43
N LYS D 466 -0.58 37.40 -19.28
CA LYS D 466 0.41 38.44 -18.98
C LYS D 466 -0.24 39.72 -18.47
N VAL D 467 -1.56 39.78 -18.41
CA VAL D 467 -2.26 40.97 -17.97
C VAL D 467 -2.37 40.98 -16.46
N PHE D 468 -2.13 42.15 -15.88
CA PHE D 468 -2.30 42.38 -14.45
C PHE D 468 -3.43 43.37 -14.29
N GLU D 469 -4.50 42.98 -13.61
CA GLU D 469 -5.62 43.91 -13.49
C GLU D 469 -5.32 45.06 -12.54
N GLY D 470 -4.37 44.88 -11.63
CA GLY D 470 -4.00 45.96 -10.74
C GLY D 470 -5.11 46.37 -9.80
N ASN D 471 -5.09 47.64 -9.39
CA ASN D 471 -6.08 48.17 -8.48
C ASN D 471 -6.08 47.47 -7.12
N ARG D 472 -4.92 46.97 -6.71
CA ARG D 472 -4.78 46.25 -5.47
C ARG D 472 -4.14 47.16 -4.44
N PRO D 473 -4.83 47.47 -3.35
CA PRO D 473 -4.40 48.57 -2.49
C PRO D 473 -3.37 48.15 -1.44
N THR D 474 -2.52 49.11 -1.09
CA THR D 474 -1.46 48.90 -0.12
C THR D 474 -1.30 50.16 0.73
N ASN D 475 -0.77 49.94 1.92
CA ASN D 475 -0.12 50.97 2.71
C ASN D 475 1.40 50.77 2.62
N SER D 476 2.14 51.88 2.55
CA SER D 476 3.60 51.86 2.68
C SER D 476 3.99 52.64 3.92
N ILE D 477 4.71 52.01 4.81
CA ILE D 477 5.17 52.60 6.04
C ILE D 477 6.68 52.56 6.03
N VAL D 478 7.30 53.74 5.99
CA VAL D 478 8.73 53.91 5.80
C VAL D 478 9.25 54.67 6.98
N PHE D 479 10.34 54.23 7.56
CA PHE D 479 10.84 54.85 8.78
C PHE D 479 12.36 54.94 8.67
N THR D 480 12.94 55.92 9.35
CA THR D 480 14.33 56.20 9.14
C THR D 480 15.22 54.97 9.36
N LYS D 481 15.05 54.27 10.49
CA LYS D 481 15.94 53.16 10.83
C LYS D 481 15.26 52.33 11.91
N LEU D 482 15.45 51.00 11.86
CA LEU D 482 14.80 50.16 12.88
C LEU D 482 15.67 50.06 14.12
N THR D 483 15.54 51.09 14.98
CA THR D 483 16.17 51.15 16.28
C THR D 483 15.21 50.67 17.34
N PRO D 484 15.68 50.49 18.59
CA PRO D 484 14.74 50.15 19.66
C PRO D 484 13.59 51.13 19.79
N PHE D 485 13.88 52.43 19.76
CA PHE D 485 12.81 53.42 19.85
C PHE D 485 11.81 53.26 18.72
N MET D 486 12.32 53.15 17.49
CA MET D 486 11.39 53.13 16.36
C MET D 486 10.55 51.86 16.38
N LEU D 487 11.15 50.73 16.76
CA LEU D 487 10.35 49.50 16.89
C LEU D 487 9.24 49.70 17.91
N GLY D 488 9.54 50.35 19.04
CA GLY D 488 8.50 50.57 20.03
C GLY D 488 7.36 51.41 19.50
N ALA D 489 7.69 52.45 18.75
CA ALA D 489 6.66 53.29 18.14
C ALA D 489 5.78 52.49 17.18
N LEU D 490 6.41 51.67 16.33
CA LEU D 490 5.69 50.89 15.33
C LEU D 490 4.77 49.87 15.98
N VAL D 491 5.25 49.16 17.00
CA VAL D 491 4.40 48.16 17.67
C VAL D 491 3.22 48.85 18.33
N ALA D 492 3.47 49.98 19.03
CA ALA D 492 2.37 50.68 19.67
C ALA D 492 1.37 51.20 18.65
N MET D 493 1.84 51.61 17.47
CA MET D 493 0.92 52.09 16.46
C MET D 493 -0.09 51.02 16.09
N TYR D 494 0.40 49.80 15.90
CA TYR D 494 -0.51 48.73 15.60
C TYR D 494 -1.38 48.32 16.77
N GLU D 495 -0.86 48.38 18.00
CA GLU D 495 -1.70 48.14 19.17
C GLU D 495 -2.90 49.08 19.15
N HIS D 496 -2.66 50.36 18.89
CA HIS D 496 -3.78 51.29 18.90
C HIS D 496 -4.68 51.15 17.68
N LYS D 497 -4.15 50.70 16.52
CA LYS D 497 -5.02 50.38 15.41
C LYS D 497 -6.04 49.34 15.84
N ILE D 498 -5.55 48.28 16.49
CA ILE D 498 -6.39 47.17 16.93
C ILE D 498 -7.43 47.66 17.92
N PHE D 499 -7.02 48.54 18.83
CA PHE D 499 -7.95 49.13 19.80
C PHE D 499 -9.06 49.89 19.10
N VAL D 500 -8.69 50.74 18.14
CA VAL D 500 -9.69 51.54 17.43
C VAL D 500 -10.70 50.63 16.72
N GLN D 501 -10.21 49.60 16.01
CA GLN D 501 -11.15 48.70 15.32
C GLN D 501 -12.10 48.04 16.29
N GLY D 502 -11.61 47.59 17.45
CA GLY D 502 -12.49 46.95 18.42
C GLY D 502 -13.56 47.89 18.94
N ILE D 503 -13.21 49.15 19.19
CA ILE D 503 -14.23 50.11 19.62
C ILE D 503 -15.29 50.25 18.54
N ILE D 504 -14.87 50.38 17.28
CA ILE D 504 -15.83 50.52 16.20
C ILE D 504 -16.75 49.32 16.13
N TRP D 505 -16.19 48.10 16.27
CA TRP D 505 -17.02 46.91 16.22
C TRP D 505 -17.81 46.66 17.48
N ASP D 506 -17.56 47.42 18.56
CA ASP D 506 -18.22 47.24 19.85
C ASP D 506 -17.89 45.90 20.50
N ILE D 507 -16.68 45.39 20.30
CA ILE D 507 -16.24 44.15 20.93
C ILE D 507 -15.20 44.46 22.00
N ASN D 508 -14.85 43.46 22.79
CA ASN D 508 -13.81 43.60 23.82
C ASN D 508 -12.50 43.08 23.24
N SER D 509 -11.60 44.00 22.90
CA SER D 509 -10.31 43.61 22.36
C SER D 509 -9.39 42.99 23.39
N PHE D 510 -9.79 42.95 24.67
CA PHE D 510 -8.86 42.71 25.77
C PHE D 510 -9.13 41.43 26.56
N ASP D 511 -10.15 40.68 26.20
CA ASP D 511 -10.40 39.36 26.77
C ASP D 511 -10.05 38.27 25.75
N GLN D 512 -10.31 37.02 26.13
CA GLN D 512 -9.94 35.88 25.27
C GLN D 512 -10.66 34.62 25.74
N TRP D 513 -11.98 34.71 25.82
CA TRP D 513 -12.78 33.59 26.29
C TRP D 513 -12.74 32.42 25.33
N GLY D 514 -12.34 32.66 24.09
CA GLY D 514 -12.34 31.66 23.03
C GLY D 514 -11.31 30.58 23.20
N VAL D 515 -10.43 30.71 24.19
CA VAL D 515 -9.42 29.68 24.38
C VAL D 515 -9.86 28.61 25.37
N GLU D 516 -10.96 28.83 26.09
CA GLU D 516 -11.27 27.99 27.23
C GLU D 516 -11.71 26.58 26.82
N LEU D 517 -12.53 26.47 25.78
CA LEU D 517 -13.14 25.18 25.46
C LEU D 517 -12.08 24.13 25.11
N GLY D 518 -11.14 24.51 24.26
CA GLY D 518 -10.06 23.59 23.92
C GLY D 518 -9.24 23.12 25.12
N LYS D 519 -8.98 24.03 26.05
CA LYS D 519 -8.26 23.64 27.27
C LYS D 519 -9.05 22.64 28.09
N GLN D 520 -10.34 22.90 28.30
CA GLN D 520 -11.20 21.96 29.01
C GLN D 520 -11.20 20.59 28.35
N LEU D 521 -11.34 20.53 27.04
CA LEU D 521 -11.45 19.22 26.37
C LEU D 521 -10.13 18.47 26.36
N ALA D 522 -9.01 19.19 26.28
CA ALA D 522 -7.71 18.53 26.35
C ALA D 522 -7.48 17.90 27.71
N LYS D 523 -7.93 18.56 28.79
CA LYS D 523 -7.77 17.98 30.12
C LYS D 523 -8.57 16.69 30.27
N LYS D 524 -9.71 16.58 29.59
CA LYS D 524 -10.45 15.32 29.67
C LYS D 524 -9.76 14.19 28.89
N ILE D 525 -9.10 14.52 27.78
CA ILE D 525 -8.49 13.50 26.92
C ILE D 525 -7.17 12.99 27.49
N GLU D 526 -6.40 13.84 28.16
CA GLU D 526 -5.07 13.43 28.62
C GLU D 526 -5.04 12.09 29.34
N PRO D 527 -5.83 11.84 30.39
CA PRO D 527 -5.76 10.54 31.08
C PRO D 527 -6.26 9.38 30.25
N GLU D 528 -7.05 9.63 29.22
CA GLU D 528 -7.55 8.53 28.41
C GLU D 528 -6.52 8.00 27.43
N LEU D 529 -5.47 8.77 27.17
CA LEU D 529 -4.44 8.30 26.27
C LEU D 529 -3.58 7.24 26.91
N ASP D 530 -3.56 7.18 28.23
CA ASP D 530 -2.78 6.14 28.91
C ASP D 530 -3.43 4.79 28.71
N GLY D 531 -2.60 3.77 28.45
CA GLY D 531 -3.08 2.41 28.36
C GLY D 531 -3.56 2.05 26.97
N SER D 532 -3.76 0.75 26.76
CA SER D 532 -4.12 0.24 25.43
C SER D 532 -5.62 0.18 25.17
N ALA D 533 -6.46 0.41 26.18
CA ALA D 533 -7.89 0.29 25.96
C ALA D 533 -8.42 1.31 24.94
N GLN D 534 -9.28 0.82 24.04
CA GLN D 534 -9.98 1.66 23.09
C GLN D 534 -10.82 2.67 23.88
N VAL D 535 -10.96 3.88 23.35
CA VAL D 535 -11.75 4.93 23.97
C VAL D 535 -13.07 5.08 23.24
N THR D 536 -14.16 5.25 24.02
CA THR D 536 -15.52 5.36 23.51
C THR D 536 -16.27 6.57 24.04
N SER D 537 -15.61 7.48 24.72
CA SER D 537 -16.29 8.51 25.49
C SER D 537 -16.58 9.78 24.69
N HIS D 538 -16.17 9.86 23.42
CA HIS D 538 -16.31 11.08 22.62
C HIS D 538 -17.11 10.76 21.37
N ASP D 539 -17.25 11.75 20.49
CA ASP D 539 -17.75 11.54 19.15
C ASP D 539 -16.87 10.53 18.43
N ALA D 540 -17.41 9.98 17.32
CA ALA D 540 -16.75 8.89 16.61
C ALA D 540 -15.40 9.29 16.04
N SER D 541 -15.22 10.55 15.61
CA SER D 541 -13.92 10.96 15.05
C SER D 541 -12.85 11.04 16.14
N THR D 542 -13.16 11.75 17.25
CA THR D 542 -12.21 11.82 18.34
C THR D 542 -11.86 10.42 18.83
N ASN D 543 -12.87 9.53 19.01
CA ASN D 543 -12.57 8.17 19.43
C ASN D 543 -11.67 7.47 18.42
N GLY D 544 -11.99 7.60 17.14
CA GLY D 544 -11.23 6.94 16.09
C GLY D 544 -9.80 7.41 16.01
N LEU D 545 -9.59 8.71 16.18
CA LEU D 545 -8.25 9.26 16.19
C LEU D 545 -7.45 8.71 17.38
N ILE D 546 -8.06 8.75 18.58
CA ILE D 546 -7.41 8.19 19.77
C ILE D 546 -7.04 6.74 19.53
N ASN D 547 -7.96 5.96 18.99
CA ASN D 547 -7.70 4.54 18.86
C ASN D 547 -6.62 4.26 17.80
N PHE D 548 -6.55 5.09 16.74
CA PHE D 548 -5.43 4.98 15.79
C PHE D 548 -4.12 5.32 16.47
N ILE D 549 -4.11 6.38 17.28
CA ILE D 549 -2.90 6.71 18.04
C ILE D 549 -2.47 5.52 18.89
N LYS D 550 -3.42 4.90 19.60
CA LYS D 550 -3.04 3.78 20.46
C LYS D 550 -2.53 2.61 19.63
N GLN D 551 -3.13 2.38 18.47
CA GLN D 551 -2.66 1.29 17.61
C GLN D 551 -1.24 1.54 17.14
N GLN D 552 -0.96 2.76 16.72
CA GLN D 552 0.30 3.10 16.05
C GLN D 552 1.42 3.41 17.02
N ARG D 553 1.11 3.61 18.29
CA ARG D 553 2.15 3.80 19.28
C ARG D 553 3.04 2.56 19.39
N GLU D 554 2.52 1.39 19.03
CA GLU D 554 3.26 0.14 19.13
C GLU D 554 3.90 -0.26 17.80
N ALA D 555 3.77 0.57 16.76
CA ALA D 555 4.26 0.21 15.44
C ALA D 555 5.77 0.42 15.36
N ARG D 556 6.45 -0.49 14.67
CA ARG D 556 7.89 -0.39 14.49
C ARG D 556 8.21 0.06 13.06
#